data_7VKG
# 
_entry.id   7VKG 
# 
_audit_conform.dict_name       mmcif_pdbx.dic 
_audit_conform.dict_version    5.380 
_audit_conform.dict_location   http://mmcif.pdb.org/dictionaries/ascii/mmcif_pdbx.dic 
# 
loop_
_database_2.database_id 
_database_2.database_code 
_database_2.pdbx_database_accession 
_database_2.pdbx_DOI 
PDB   7VKG         pdb_00007vkg 10.2210/pdb7vkg/pdb 
WWPDB D_1300024837 ?            ?                   
# 
_pdbx_database_status.status_code                     REL 
_pdbx_database_status.status_code_sf                  REL 
_pdbx_database_status.status_code_mr                  ? 
_pdbx_database_status.entry_id                        7VKG 
_pdbx_database_status.recvd_initial_deposition_date   2021-09-29 
_pdbx_database_status.SG_entry                        N 
_pdbx_database_status.deposit_site                    PDBJ 
_pdbx_database_status.process_site                    PDBJ 
_pdbx_database_status.status_code_cs                  ? 
_pdbx_database_status.status_code_nmr_data            ? 
_pdbx_database_status.methods_development_category    ? 
_pdbx_database_status.pdb_format_compatible           Y 
# 
loop_
_audit_author.name 
_audit_author.pdbx_ordinal 
_audit_author.identifier_ORCID 
'Liu, Y.'  1 ? 
'Ruan, K.' 2 ? 
# 
_citation.abstract                  ? 
_citation.abstract_id_CAS           ? 
_citation.book_id_ISBN              ? 
_citation.book_publisher            ? 
_citation.book_publisher_city       ? 
_citation.book_title                ? 
_citation.coordinate_linkage        ? 
_citation.country                   CH 
_citation.database_id_Medline       ? 
_citation.details                   ? 
_citation.id                        primary 
_citation.journal_abbrev            'Int J Mol Sci' 
_citation.journal_id_ASTM           ? 
_citation.journal_id_CSD            ? 
_citation.journal_id_ISSN           1422-0067 
_citation.journal_full              ? 
_citation.journal_issue             ? 
_citation.journal_volume            23 
_citation.language                  ? 
_citation.page_first                ? 
_citation.page_last                 ? 
_citation.title                     'Fragment-Based Discovery of AF9 YEATS Domain Inhibitors.' 
_citation.year                      2022 
_citation.database_id_CSD           ? 
_citation.pdbx_database_id_DOI      10.3390/ijms23073893 
_citation.pdbx_database_id_PubMed   35409252 
_citation.pdbx_database_id_patent   ? 
_citation.unpublished_flag          ? 
# 
loop_
_citation_author.citation_id 
_citation_author.name 
_citation_author.ordinal 
_citation_author.identifier_ORCID 
primary 'Liu, Y.'   1  0000-0003-4871-9359 
primary 'Jin, R.'   2  ?                   
primary 'Lu, H.'    3  ?                   
primary 'Bian, K.'  4  ?                   
primary 'Wang, R.'  5  ?                   
primary 'Wang, L.'  6  ?                   
primary 'Gao, R.'   7  ?                   
primary 'Zhang, J.' 8  0000-0003-3045-1374 
primary 'Wu, J.'    9  ?                   
primary 'Yao, X.'   10 0000-0001-8982-5911 
primary 'Liu, X.'   11 0000-0002-7480-5085 
primary 'Liu, D.'   12 ?                   
primary 'Wang, X.'  13 ?                   
primary 'Zhang, Z.' 14 ?                   
primary 'Ruan, K.'  15 0000-0001-9358-0451 
# 
_cell.angle_alpha                  90.000 
_cell.angle_alpha_esd              ? 
_cell.angle_beta                   102.040 
_cell.angle_beta_esd               ? 
_cell.angle_gamma                  90.000 
_cell.angle_gamma_esd              ? 
_cell.entry_id                     7VKG 
_cell.details                      ? 
_cell.formula_units_Z              ? 
_cell.length_a                     41.381 
_cell.length_a_esd                 ? 
_cell.length_b                     31.553 
_cell.length_b_esd                 ? 
_cell.length_c                     59.378 
_cell.length_c_esd                 ? 
_cell.volume                       ? 
_cell.volume_esd                   ? 
_cell.Z_PDB                        2 
_cell.reciprocal_angle_alpha       ? 
_cell.reciprocal_angle_beta        ? 
_cell.reciprocal_angle_gamma       ? 
_cell.reciprocal_angle_alpha_esd   ? 
_cell.reciprocal_angle_beta_esd    ? 
_cell.reciprocal_angle_gamma_esd   ? 
_cell.reciprocal_length_a          ? 
_cell.reciprocal_length_b          ? 
_cell.reciprocal_length_c          ? 
_cell.reciprocal_length_a_esd      ? 
_cell.reciprocal_length_b_esd      ? 
_cell.reciprocal_length_c_esd      ? 
_cell.pdbx_unique_axis             ? 
# 
_symmetry.entry_id                         7VKG 
_symmetry.cell_setting                     ? 
_symmetry.Int_Tables_number                4 
_symmetry.space_group_name_Hall            ? 
_symmetry.space_group_name_H-M             'P 1 21 1' 
_symmetry.pdbx_full_space_group_name_H-M   ? 
# 
loop_
_entity.id 
_entity.type 
_entity.src_method 
_entity.pdbx_description 
_entity.formula_weight 
_entity.pdbx_number_of_molecules 
_entity.pdbx_ec 
_entity.pdbx_mutation 
_entity.pdbx_fragment 
_entity.details 
1 polymer     man 'Protein AF-9'                                     16328.885 1  ? ? ? ? 
2 non-polymer syn '~{N}-(4-chlorophenyl)-2-phenylmethoxy-ethanamide' 275.730   1  ? ? ? ? 
3 non-polymer syn 'CHLORIDE ION'                                     35.453    1  ? ? ? ? 
4 non-polymer syn 1,2-ETHANEDIOL                                     62.068    4  ? ? ? ? 
5 water       nat water                                              18.015    61 ? ? ? ? 
# 
_entity_name_com.entity_id   1 
_entity_name_com.name        
;ALL1-fused gene from chromosome 9 protein,Myeloid/lymphoid or mixed-lineage leukemia translocated to chromosome 3 protein,YEATS domain-containing protein 3
;
# 
_entity_poly.entity_id                      1 
_entity_poly.type                           'polypeptide(L)' 
_entity_poly.nstd_linkage                   no 
_entity_poly.nstd_monomer                   no 
_entity_poly.pdbx_seq_one_letter_code       
;MASSCAVQVKLELGHRAQVRKKPTVEGFTHDWMVFVRGPEHSNIQHFVEKVVFHLHESFPRPKRVCKDPPYKVEESGYAG
FILPIEVYFKNKEEPRKVRFDYDLFLHLEGHPPVNHLRCEKLTFNNPTEDFRRKLLKA
;
_entity_poly.pdbx_seq_one_letter_code_can   
;MASSCAVQVKLELGHRAQVRKKPTVEGFTHDWMVFVRGPEHSNIQHFVEKVVFHLHESFPRPKRVCKDPPYKVEESGYAG
FILPIEVYFKNKEEPRKVRFDYDLFLHLEGHPPVNHLRCEKLTFNNPTEDFRRKLLKA
;
_entity_poly.pdbx_strand_id                 A 
_entity_poly.pdbx_target_identifier         ? 
# 
loop_
_entity_poly_seq.entity_id 
_entity_poly_seq.num 
_entity_poly_seq.mon_id 
_entity_poly_seq.hetero 
1 1   MET n 
1 2   ALA n 
1 3   SER n 
1 4   SER n 
1 5   CYS n 
1 6   ALA n 
1 7   VAL n 
1 8   GLN n 
1 9   VAL n 
1 10  LYS n 
1 11  LEU n 
1 12  GLU n 
1 13  LEU n 
1 14  GLY n 
1 15  HIS n 
1 16  ARG n 
1 17  ALA n 
1 18  GLN n 
1 19  VAL n 
1 20  ARG n 
1 21  LYS n 
1 22  LYS n 
1 23  PRO n 
1 24  THR n 
1 25  VAL n 
1 26  GLU n 
1 27  GLY n 
1 28  PHE n 
1 29  THR n 
1 30  HIS n 
1 31  ASP n 
1 32  TRP n 
1 33  MET n 
1 34  VAL n 
1 35  PHE n 
1 36  VAL n 
1 37  ARG n 
1 38  GLY n 
1 39  PRO n 
1 40  GLU n 
1 41  HIS n 
1 42  SER n 
1 43  ASN n 
1 44  ILE n 
1 45  GLN n 
1 46  HIS n 
1 47  PHE n 
1 48  VAL n 
1 49  GLU n 
1 50  LYS n 
1 51  VAL n 
1 52  VAL n 
1 53  PHE n 
1 54  HIS n 
1 55  LEU n 
1 56  HIS n 
1 57  GLU n 
1 58  SER n 
1 59  PHE n 
1 60  PRO n 
1 61  ARG n 
1 62  PRO n 
1 63  LYS n 
1 64  ARG n 
1 65  VAL n 
1 66  CYS n 
1 67  LYS n 
1 68  ASP n 
1 69  PRO n 
1 70  PRO n 
1 71  TYR n 
1 72  LYS n 
1 73  VAL n 
1 74  GLU n 
1 75  GLU n 
1 76  SER n 
1 77  GLY n 
1 78  TYR n 
1 79  ALA n 
1 80  GLY n 
1 81  PHE n 
1 82  ILE n 
1 83  LEU n 
1 84  PRO n 
1 85  ILE n 
1 86  GLU n 
1 87  VAL n 
1 88  TYR n 
1 89  PHE n 
1 90  LYS n 
1 91  ASN n 
1 92  LYS n 
1 93  GLU n 
1 94  GLU n 
1 95  PRO n 
1 96  ARG n 
1 97  LYS n 
1 98  VAL n 
1 99  ARG n 
1 100 PHE n 
1 101 ASP n 
1 102 TYR n 
1 103 ASP n 
1 104 LEU n 
1 105 PHE n 
1 106 LEU n 
1 107 HIS n 
1 108 LEU n 
1 109 GLU n 
1 110 GLY n 
1 111 HIS n 
1 112 PRO n 
1 113 PRO n 
1 114 VAL n 
1 115 ASN n 
1 116 HIS n 
1 117 LEU n 
1 118 ARG n 
1 119 CYS n 
1 120 GLU n 
1 121 LYS n 
1 122 LEU n 
1 123 THR n 
1 124 PHE n 
1 125 ASN n 
1 126 ASN n 
1 127 PRO n 
1 128 THR n 
1 129 GLU n 
1 130 ASP n 
1 131 PHE n 
1 132 ARG n 
1 133 ARG n 
1 134 LYS n 
1 135 LEU n 
1 136 LEU n 
1 137 LYS n 
1 138 ALA n 
# 
_entity_src_gen.entity_id                          1 
_entity_src_gen.pdbx_src_id                        1 
_entity_src_gen.pdbx_alt_source_flag               sample 
_entity_src_gen.pdbx_seq_type                      'Biological sequence' 
_entity_src_gen.pdbx_beg_seq_num                   1 
_entity_src_gen.pdbx_end_seq_num                   138 
_entity_src_gen.gene_src_common_name               Human 
_entity_src_gen.gene_src_genus                     ? 
_entity_src_gen.pdbx_gene_src_gene                 'MLLT3, AF9, YEATS3' 
_entity_src_gen.gene_src_species                   ? 
_entity_src_gen.gene_src_strain                    ? 
_entity_src_gen.gene_src_tissue                    ? 
_entity_src_gen.gene_src_tissue_fraction           ? 
_entity_src_gen.gene_src_details                   ? 
_entity_src_gen.pdbx_gene_src_fragment             ? 
_entity_src_gen.pdbx_gene_src_scientific_name      'Homo sapiens' 
_entity_src_gen.pdbx_gene_src_ncbi_taxonomy_id     9606 
_entity_src_gen.pdbx_gene_src_variant              ? 
_entity_src_gen.pdbx_gene_src_cell_line            ? 
_entity_src_gen.pdbx_gene_src_atcc                 ? 
_entity_src_gen.pdbx_gene_src_organ                ? 
_entity_src_gen.pdbx_gene_src_organelle            ? 
_entity_src_gen.pdbx_gene_src_cell                 ? 
_entity_src_gen.pdbx_gene_src_cellular_location    ? 
_entity_src_gen.host_org_common_name               ? 
_entity_src_gen.pdbx_host_org_scientific_name      'Escherichia coli BL21(DE3)' 
_entity_src_gen.pdbx_host_org_ncbi_taxonomy_id     469008 
_entity_src_gen.host_org_genus                     ? 
_entity_src_gen.pdbx_host_org_gene                 ? 
_entity_src_gen.pdbx_host_org_organ                ? 
_entity_src_gen.host_org_species                   ? 
_entity_src_gen.pdbx_host_org_tissue               ? 
_entity_src_gen.pdbx_host_org_tissue_fraction      ? 
_entity_src_gen.pdbx_host_org_strain               ? 
_entity_src_gen.pdbx_host_org_variant              ? 
_entity_src_gen.pdbx_host_org_cell_line            ? 
_entity_src_gen.pdbx_host_org_atcc                 ? 
_entity_src_gen.pdbx_host_org_culture_collection   ? 
_entity_src_gen.pdbx_host_org_cell                 ? 
_entity_src_gen.pdbx_host_org_organelle            ? 
_entity_src_gen.pdbx_host_org_cellular_location    ? 
_entity_src_gen.pdbx_host_org_vector_type          ? 
_entity_src_gen.pdbx_host_org_vector               ? 
_entity_src_gen.host_org_details                   ? 
_entity_src_gen.expression_system_id               ? 
_entity_src_gen.plasmid_name                       ? 
_entity_src_gen.plasmid_details                    ? 
_entity_src_gen.pdbx_description                   ? 
# 
_struct_ref.id                         1 
_struct_ref.db_name                    UNP 
_struct_ref.db_code                    AF9_HUMAN 
_struct_ref.pdbx_db_accession          P42568 
_struct_ref.pdbx_db_isoform            ? 
_struct_ref.entity_id                  1 
_struct_ref.pdbx_seq_one_letter_code   
;MASSCAVQVKLELGHRAQVRKKPTVEGFTHDWMVFVRGPEHSNIQHFVEKVVFHLHESFPRPKRVCKDPPYKVEESGYAG
FILPIEVYFKNKEEPRKVRFDYDLFLHLEGHPPVNHLRCEKLTFNNPTEDFRRKLLKA
;
_struct_ref.pdbx_align_begin           1 
# 
_struct_ref_seq.align_id                      1 
_struct_ref_seq.ref_id                        1 
_struct_ref_seq.pdbx_PDB_id_code              7VKG 
_struct_ref_seq.pdbx_strand_id                A 
_struct_ref_seq.seq_align_beg                 1 
_struct_ref_seq.pdbx_seq_align_beg_ins_code   ? 
_struct_ref_seq.seq_align_end                 138 
_struct_ref_seq.pdbx_seq_align_end_ins_code   ? 
_struct_ref_seq.pdbx_db_accession             P42568 
_struct_ref_seq.db_align_beg                  1 
_struct_ref_seq.pdbx_db_align_beg_ins_code    ? 
_struct_ref_seq.db_align_end                  138 
_struct_ref_seq.pdbx_db_align_end_ins_code    ? 
_struct_ref_seq.pdbx_auth_seq_align_beg       -3 
_struct_ref_seq.pdbx_auth_seq_align_end       134 
# 
loop_
_chem_comp.id 
_chem_comp.type 
_chem_comp.mon_nstd_flag 
_chem_comp.name 
_chem_comp.pdbx_synonyms 
_chem_comp.formula 
_chem_comp.formula_weight 
7IV non-polymer         . '~{N}-(4-chlorophenyl)-2-phenylmethoxy-ethanamide' ?                 'C15 H14 Cl N O2' 275.730 
ALA 'L-peptide linking' y ALANINE                                            ?                 'C3 H7 N O2'      89.093  
ARG 'L-peptide linking' y ARGININE                                           ?                 'C6 H15 N4 O2 1'  175.209 
ASN 'L-peptide linking' y ASPARAGINE                                         ?                 'C4 H8 N2 O3'     132.118 
ASP 'L-peptide linking' y 'ASPARTIC ACID'                                    ?                 'C4 H7 N O4'      133.103 
CL  non-polymer         . 'CHLORIDE ION'                                     ?                 'Cl -1'           35.453  
CYS 'L-peptide linking' y CYSTEINE                                           ?                 'C3 H7 N O2 S'    121.158 
EDO non-polymer         . 1,2-ETHANEDIOL                                     'ETHYLENE GLYCOL' 'C2 H6 O2'        62.068  
GLN 'L-peptide linking' y GLUTAMINE                                          ?                 'C5 H10 N2 O3'    146.144 
GLU 'L-peptide linking' y 'GLUTAMIC ACID'                                    ?                 'C5 H9 N O4'      147.129 
GLY 'peptide linking'   y GLYCINE                                            ?                 'C2 H5 N O2'      75.067  
HIS 'L-peptide linking' y HISTIDINE                                          ?                 'C6 H10 N3 O2 1'  156.162 
HOH non-polymer         . WATER                                              ?                 'H2 O'            18.015  
ILE 'L-peptide linking' y ISOLEUCINE                                         ?                 'C6 H13 N O2'     131.173 
LEU 'L-peptide linking' y LEUCINE                                            ?                 'C6 H13 N O2'     131.173 
LYS 'L-peptide linking' y LYSINE                                             ?                 'C6 H15 N2 O2 1'  147.195 
MET 'L-peptide linking' y METHIONINE                                         ?                 'C5 H11 N O2 S'   149.211 
PHE 'L-peptide linking' y PHENYLALANINE                                      ?                 'C9 H11 N O2'     165.189 
PRO 'L-peptide linking' y PROLINE                                            ?                 'C5 H9 N O2'      115.130 
SER 'L-peptide linking' y SERINE                                             ?                 'C3 H7 N O3'      105.093 
THR 'L-peptide linking' y THREONINE                                          ?                 'C4 H9 N O3'      119.119 
TRP 'L-peptide linking' y TRYPTOPHAN                                         ?                 'C11 H12 N2 O2'   204.225 
TYR 'L-peptide linking' y TYROSINE                                           ?                 'C9 H11 N O3'     181.189 
VAL 'L-peptide linking' y VALINE                                             ?                 'C5 H11 N O2'     117.146 
# 
_exptl.absorpt_coefficient_mu     ? 
_exptl.absorpt_correction_T_max   ? 
_exptl.absorpt_correction_T_min   ? 
_exptl.absorpt_correction_type    ? 
_exptl.absorpt_process_details    ? 
_exptl.entry_id                   7VKG 
_exptl.crystals_number            1 
_exptl.details                    ? 
_exptl.method                     'X-RAY DIFFRACTION' 
_exptl.method_details             ? 
# 
_exptl_crystal.colour                      ? 
_exptl_crystal.density_diffrn              ? 
_exptl_crystal.density_Matthews            2.32 
_exptl_crystal.density_method              ? 
_exptl_crystal.density_percent_sol         47.02 
_exptl_crystal.description                 ? 
_exptl_crystal.F_000                       ? 
_exptl_crystal.id                          1 
_exptl_crystal.preparation                 ? 
_exptl_crystal.size_max                    ? 
_exptl_crystal.size_mid                    ? 
_exptl_crystal.size_min                    ? 
_exptl_crystal.size_rad                    ? 
_exptl_crystal.colour_lustre               ? 
_exptl_crystal.colour_modifier             ? 
_exptl_crystal.colour_primary              ? 
_exptl_crystal.density_meas                ? 
_exptl_crystal.density_meas_esd            ? 
_exptl_crystal.density_meas_gt             ? 
_exptl_crystal.density_meas_lt             ? 
_exptl_crystal.density_meas_temp           ? 
_exptl_crystal.density_meas_temp_esd       ? 
_exptl_crystal.density_meas_temp_gt        ? 
_exptl_crystal.density_meas_temp_lt        ? 
_exptl_crystal.pdbx_crystal_image_url      ? 
_exptl_crystal.pdbx_crystal_image_format   ? 
_exptl_crystal.pdbx_mosaicity              ? 
_exptl_crystal.pdbx_mosaicity_esd          ? 
# 
_exptl_crystal_grow.apparatus       ? 
_exptl_crystal_grow.atmosphere      ? 
_exptl_crystal_grow.crystal_id      1 
_exptl_crystal_grow.details         ? 
_exptl_crystal_grow.method          'VAPOR DIFFUSION, SITTING DROP' 
_exptl_crystal_grow.method_ref      ? 
_exptl_crystal_grow.pH              ? 
_exptl_crystal_grow.pressure        ? 
_exptl_crystal_grow.pressure_esd    ? 
_exptl_crystal_grow.seeding         ? 
_exptl_crystal_grow.seeding_ref     ? 
_exptl_crystal_grow.temp            293 
_exptl_crystal_grow.temp_details    ? 
_exptl_crystal_grow.temp_esd        ? 
_exptl_crystal_grow.time            ? 
_exptl_crystal_grow.pdbx_details    '0.2 M trimethylamine N-oxide dehydrate, 0.1 M Tris, 20% w/v PEGMME 2000, pH 8.5' 
_exptl_crystal_grow.pdbx_pH_range   ? 
# 
_diffrn.ambient_environment              ? 
_diffrn.ambient_temp                     100 
_diffrn.ambient_temp_details             ? 
_diffrn.ambient_temp_esd                 ? 
_diffrn.crystal_id                       1 
_diffrn.crystal_support                  ? 
_diffrn.crystal_treatment                ? 
_diffrn.details                          ? 
_diffrn.id                               1 
_diffrn.ambient_pressure                 ? 
_diffrn.ambient_pressure_esd             ? 
_diffrn.ambient_pressure_gt              ? 
_diffrn.ambient_pressure_lt              ? 
_diffrn.ambient_temp_gt                  ? 
_diffrn.ambient_temp_lt                  ? 
_diffrn.pdbx_serial_crystal_experiment   N 
# 
_diffrn_detector.details                      ? 
_diffrn_detector.detector                     PIXEL 
_diffrn_detector.diffrn_id                    1 
_diffrn_detector.type                         'DECTRIS PILATUS3 6M' 
_diffrn_detector.area_resol_mean              ? 
_diffrn_detector.dtime                        ? 
_diffrn_detector.pdbx_frames_total            ? 
_diffrn_detector.pdbx_collection_time_total   ? 
_diffrn_detector.pdbx_collection_date         2018-01-30 
_diffrn_detector.pdbx_frequency               ? 
# 
_diffrn_radiation.collimation                      ? 
_diffrn_radiation.diffrn_id                        1 
_diffrn_radiation.filter_edge                      ? 
_diffrn_radiation.inhomogeneity                    ? 
_diffrn_radiation.monochromator                    ? 
_diffrn_radiation.polarisn_norm                    ? 
_diffrn_radiation.polarisn_ratio                   ? 
_diffrn_radiation.probe                            ? 
_diffrn_radiation.type                             ? 
_diffrn_radiation.xray_symbol                      ? 
_diffrn_radiation.wavelength_id                    1 
_diffrn_radiation.pdbx_monochromatic_or_laue_m_l   M 
_diffrn_radiation.pdbx_wavelength_list             ? 
_diffrn_radiation.pdbx_wavelength                  ? 
_diffrn_radiation.pdbx_diffrn_protocol             'SINGLE WAVELENGTH' 
_diffrn_radiation.pdbx_analyzer                    ? 
_diffrn_radiation.pdbx_scattering_type             x-ray 
# 
_diffrn_radiation_wavelength.id           1 
_diffrn_radiation_wavelength.wavelength   0.9785 
_diffrn_radiation_wavelength.wt           1.0 
# 
_diffrn_source.current                     ? 
_diffrn_source.details                     ? 
_diffrn_source.diffrn_id                   1 
_diffrn_source.power                       ? 
_diffrn_source.size                        ? 
_diffrn_source.source                      SYNCHROTRON 
_diffrn_source.target                      ? 
_diffrn_source.type                        'SSRF BEAMLINE BL19U1' 
_diffrn_source.voltage                     ? 
_diffrn_source.take-off_angle              ? 
_diffrn_source.pdbx_wavelength_list        0.9785 
_diffrn_source.pdbx_wavelength             ? 
_diffrn_source.pdbx_synchrotron_beamline   BL19U1 
_diffrn_source.pdbx_synchrotron_site       SSRF 
# 
_reflns.B_iso_Wilson_estimate                          24.530 
_reflns.entry_id                                       7VKG 
_reflns.data_reduction_details                         ? 
_reflns.data_reduction_method                          ? 
_reflns.d_resolution_high                              1.8300 
_reflns.d_resolution_low                               40.0 
_reflns.details                                        ? 
_reflns.limit_h_max                                    ? 
_reflns.limit_h_min                                    ? 
_reflns.limit_k_max                                    ? 
_reflns.limit_k_min                                    ? 
_reflns.limit_l_max                                    ? 
_reflns.limit_l_min                                    ? 
_reflns.number_all                                     ? 
_reflns.number_obs                                     13843 
_reflns.observed_criterion                             ? 
_reflns.observed_criterion_F_max                       ? 
_reflns.observed_criterion_F_min                       ? 
_reflns.observed_criterion_I_max                       ? 
_reflns.observed_criterion_I_min                       ? 
_reflns.observed_criterion_sigma_F                     ? 
_reflns.observed_criterion_sigma_I                     ? 
_reflns.percent_possible_obs                           99.1 
_reflns.R_free_details                                 ? 
_reflns.Rmerge_F_all                                   ? 
_reflns.Rmerge_F_obs                                   ? 
_reflns.Friedel_coverage                               ? 
_reflns.number_gt                                      ? 
_reflns.threshold_expression                           ? 
_reflns.pdbx_redundancy                                6.6 
_reflns.pdbx_Rmerge_I_obs                              0.079 
_reflns.pdbx_Rmerge_I_all                              ? 
_reflns.pdbx_Rsym_value                                ? 
_reflns.pdbx_netI_over_av_sigmaI                       ? 
_reflns.pdbx_netI_over_sigmaI                          20.44 
_reflns.pdbx_res_netI_over_av_sigmaI_2                 ? 
_reflns.pdbx_res_netI_over_sigmaI_2                    ? 
_reflns.pdbx_chi_squared                               ? 
_reflns.pdbx_scaling_rejects                           ? 
_reflns.pdbx_d_res_high_opt                            ? 
_reflns.pdbx_d_res_low_opt                             ? 
_reflns.pdbx_d_res_opt_method                          ? 
_reflns.phase_calculation_details                      ? 
_reflns.pdbx_Rrim_I_all                                ? 
_reflns.pdbx_Rpim_I_all                                ? 
_reflns.pdbx_d_opt                                     ? 
_reflns.pdbx_number_measured_all                       ? 
_reflns.pdbx_diffrn_id                                 1 
_reflns.pdbx_ordinal                                   1 
_reflns.pdbx_CC_half                                   ? 
_reflns.pdbx_CC_star                                   ? 
_reflns.pdbx_R_split                                   ? 
_reflns.pdbx_aniso_diffraction_limit_axis_1_ortho[1]   ? 
_reflns.pdbx_aniso_diffraction_limit_axis_1_ortho[2]   ? 
_reflns.pdbx_aniso_diffraction_limit_axis_1_ortho[3]   ? 
_reflns.pdbx_aniso_diffraction_limit_axis_2_ortho[1]   ? 
_reflns.pdbx_aniso_diffraction_limit_axis_2_ortho[2]   ? 
_reflns.pdbx_aniso_diffraction_limit_axis_2_ortho[3]   ? 
_reflns.pdbx_aniso_diffraction_limit_axis_3_ortho[1]   ? 
_reflns.pdbx_aniso_diffraction_limit_axis_3_ortho[2]   ? 
_reflns.pdbx_aniso_diffraction_limit_axis_3_ortho[3]   ? 
_reflns.pdbx_aniso_diffraction_limit_1                 ? 
_reflns.pdbx_aniso_diffraction_limit_2                 ? 
_reflns.pdbx_aniso_diffraction_limit_3                 ? 
_reflns.pdbx_aniso_B_tensor_eigenvector_1_ortho[1]     ? 
_reflns.pdbx_aniso_B_tensor_eigenvector_1_ortho[2]     ? 
_reflns.pdbx_aniso_B_tensor_eigenvector_1_ortho[3]     ? 
_reflns.pdbx_aniso_B_tensor_eigenvector_2_ortho[1]     ? 
_reflns.pdbx_aniso_B_tensor_eigenvector_2_ortho[2]     ? 
_reflns.pdbx_aniso_B_tensor_eigenvector_2_ortho[3]     ? 
_reflns.pdbx_aniso_B_tensor_eigenvector_3_ortho[1]     ? 
_reflns.pdbx_aniso_B_tensor_eigenvector_3_ortho[2]     ? 
_reflns.pdbx_aniso_B_tensor_eigenvector_3_ortho[3]     ? 
_reflns.pdbx_aniso_B_tensor_eigenvalue_1               ? 
_reflns.pdbx_aniso_B_tensor_eigenvalue_2               ? 
_reflns.pdbx_aniso_B_tensor_eigenvalue_3               ? 
_reflns.pdbx_orthogonalization_convention              ? 
_reflns.pdbx_percent_possible_ellipsoidal              ? 
_reflns.pdbx_percent_possible_spherical                ? 
_reflns.pdbx_percent_possible_ellipsoidal_anomalous    ? 
_reflns.pdbx_percent_possible_spherical_anomalous      ? 
_reflns.pdbx_redundancy_anomalous                      ? 
_reflns.pdbx_CC_half_anomalous                         ? 
_reflns.pdbx_absDiff_over_sigma_anomalous              ? 
_reflns.pdbx_percent_possible_anomalous                ? 
_reflns.pdbx_observed_signal_threshold                 ? 
_reflns.pdbx_signal_type                               ? 
_reflns.pdbx_signal_details                            ? 
_reflns.pdbx_signal_software_id                        ? 
# 
_reflns_shell.d_res_high                                    1.83 
_reflns_shell.d_res_low                                     1.86 
_reflns_shell.meanI_over_sigI_all                           ? 
_reflns_shell.meanI_over_sigI_obs                           ? 
_reflns_shell.number_measured_all                           ? 
_reflns_shell.number_measured_obs                           ? 
_reflns_shell.number_possible                               ? 
_reflns_shell.number_unique_all                             ? 
_reflns_shell.number_unique_obs                             13843 
_reflns_shell.percent_possible_all                          ? 
_reflns_shell.percent_possible_obs                          ? 
_reflns_shell.Rmerge_F_all                                  ? 
_reflns_shell.Rmerge_F_obs                                  ? 
_reflns_shell.Rmerge_I_all                                  ? 
_reflns_shell.Rmerge_I_obs                                  0.652 
_reflns_shell.meanI_over_sigI_gt                            ? 
_reflns_shell.meanI_over_uI_all                             ? 
_reflns_shell.meanI_over_uI_gt                              ? 
_reflns_shell.number_measured_gt                            ? 
_reflns_shell.number_unique_gt                              ? 
_reflns_shell.percent_possible_gt                           ? 
_reflns_shell.Rmerge_F_gt                                   ? 
_reflns_shell.Rmerge_I_gt                                   ? 
_reflns_shell.pdbx_redundancy                               ? 
_reflns_shell.pdbx_Rsym_value                               ? 
_reflns_shell.pdbx_chi_squared                              ? 
_reflns_shell.pdbx_netI_over_sigmaI_all                     ? 
_reflns_shell.pdbx_netI_over_sigmaI_obs                     ? 
_reflns_shell.pdbx_Rrim_I_all                               ? 
_reflns_shell.pdbx_Rpim_I_all                               ? 
_reflns_shell.pdbx_rejects                                  ? 
_reflns_shell.pdbx_ordinal                                  1 
_reflns_shell.pdbx_diffrn_id                                1 
_reflns_shell.pdbx_CC_half                                  ? 
_reflns_shell.pdbx_CC_star                                  ? 
_reflns_shell.pdbx_R_split                                  ? 
_reflns_shell.pdbx_percent_possible_ellipsoidal             ? 
_reflns_shell.pdbx_percent_possible_spherical               ? 
_reflns_shell.pdbx_percent_possible_ellipsoidal_anomalous   ? 
_reflns_shell.pdbx_percent_possible_spherical_anomalous     ? 
_reflns_shell.pdbx_redundancy_anomalous                     ? 
_reflns_shell.pdbx_CC_half_anomalous                        ? 
_reflns_shell.pdbx_absDiff_over_sigma_anomalous             ? 
_reflns_shell.pdbx_percent_possible_anomalous               ? 
# 
_refine.aniso_B[1][1]                            ? 
_refine.aniso_B[1][2]                            ? 
_refine.aniso_B[1][3]                            ? 
_refine.aniso_B[2][2]                            ? 
_refine.aniso_B[2][3]                            ? 
_refine.aniso_B[3][3]                            ? 
_refine.B_iso_max                                73.100 
_refine.B_iso_mean                               26.6103 
_refine.B_iso_min                                13.280 
_refine.correlation_coeff_Fo_to_Fc               ? 
_refine.correlation_coeff_Fo_to_Fc_free          ? 
_refine.details                                  ? 
_refine.diff_density_max                         ? 
_refine.diff_density_max_esd                     ? 
_refine.diff_density_min                         ? 
_refine.diff_density_min_esd                     ? 
_refine.diff_density_rms                         ? 
_refine.diff_density_rms_esd                     ? 
_refine.entry_id                                 7VKG 
_refine.pdbx_refine_id                           'X-RAY DIFFRACTION' 
_refine.ls_abs_structure_details                 ? 
_refine.ls_abs_structure_Flack                   ? 
_refine.ls_abs_structure_Flack_esd               ? 
_refine.ls_abs_structure_Rogers                  ? 
_refine.ls_abs_structure_Rogers_esd              ? 
_refine.ls_d_res_high                            1.8300 
_refine.ls_d_res_low                             40.00 
_refine.ls_extinction_coef                       ? 
_refine.ls_extinction_coef_esd                   ? 
_refine.ls_extinction_expression                 ? 
_refine.ls_extinction_method                     ? 
_refine.ls_goodness_of_fit_all                   ? 
_refine.ls_goodness_of_fit_all_esd               ? 
_refine.ls_goodness_of_fit_obs                   ? 
_refine.ls_goodness_of_fit_obs_esd               ? 
_refine.ls_hydrogen_treatment                    ? 
_refine.ls_matrix_type                           ? 
_refine.ls_number_constraints                    ? 
_refine.ls_number_parameters                     ? 
_refine.ls_number_reflns_all                     ? 
_refine.ls_number_reflns_obs                     13843 
_refine.ls_number_reflns_R_free                  603 
_refine.ls_number_reflns_R_work                  ? 
_refine.ls_number_restraints                     ? 
_refine.ls_percent_reflns_obs                    99.1200 
_refine.ls_percent_reflns_R_free                 4.6900 
_refine.ls_R_factor_all                          ? 
_refine.ls_R_factor_obs                          0.2039 
_refine.ls_R_factor_R_free                       0.2454 
_refine.ls_R_factor_R_free_error                 ? 
_refine.ls_R_factor_R_free_error_details         ? 
_refine.ls_R_factor_R_work                       0.2020 
_refine.ls_R_Fsqd_factor_obs                     ? 
_refine.ls_R_I_factor_obs                        ? 
_refine.ls_redundancy_reflns_all                 ? 
_refine.ls_redundancy_reflns_obs                 ? 
_refine.ls_restrained_S_all                      ? 
_refine.ls_restrained_S_obs                      ? 
_refine.ls_shift_over_esd_max                    ? 
_refine.ls_shift_over_esd_mean                   ? 
_refine.ls_structure_factor_coef                 ? 
_refine.ls_weighting_details                     ? 
_refine.ls_weighting_scheme                      ? 
_refine.ls_wR_factor_all                         ? 
_refine.ls_wR_factor_obs                         ? 
_refine.ls_wR_factor_R_free                      ? 
_refine.ls_wR_factor_R_work                      ? 
_refine.occupancy_max                            ? 
_refine.occupancy_min                            ? 
_refine.solvent_model_details                    'FLAT BULK SOLVENT MODEL' 
_refine.solvent_model_param_bsol                 ? 
_refine.solvent_model_param_ksol                 ? 
_refine.pdbx_R_complete                          ? 
_refine.ls_R_factor_gt                           ? 
_refine.ls_goodness_of_fit_gt                    ? 
_refine.ls_goodness_of_fit_ref                   ? 
_refine.ls_shift_over_su_max                     ? 
_refine.ls_shift_over_su_max_lt                  ? 
_refine.ls_shift_over_su_mean                    ? 
_refine.ls_shift_over_su_mean_lt                 ? 
_refine.pdbx_ls_sigma_I                          ? 
_refine.pdbx_ls_sigma_F                          1.340 
_refine.pdbx_ls_sigma_Fsqd                       ? 
_refine.pdbx_data_cutoff_high_absF               ? 
_refine.pdbx_data_cutoff_high_rms_absF           ? 
_refine.pdbx_data_cutoff_low_absF                ? 
_refine.pdbx_isotropic_thermal_model             ? 
_refine.pdbx_ls_cross_valid_method               THROUGHOUT 
_refine.pdbx_method_to_determine_struct          'MOLECULAR REPLACEMENT' 
_refine.pdbx_starting_model                      4TMP 
_refine.pdbx_stereochemistry_target_values       ML 
_refine.pdbx_R_Free_selection_details            ? 
_refine.pdbx_stereochem_target_val_spec_case     ? 
_refine.pdbx_overall_ESU_R                       ? 
_refine.pdbx_overall_ESU_R_Free                  ? 
_refine.pdbx_solvent_vdw_probe_radii             1.1100 
_refine.pdbx_solvent_ion_probe_radii             ? 
_refine.pdbx_solvent_shrinkage_radii             0.9000 
_refine.pdbx_real_space_R                        ? 
_refine.pdbx_density_correlation                 ? 
_refine.pdbx_pd_number_of_powder_patterns        ? 
_refine.pdbx_pd_number_of_points                 ? 
_refine.pdbx_pd_meas_number_of_points            ? 
_refine.pdbx_pd_proc_ls_prof_R_factor            ? 
_refine.pdbx_pd_proc_ls_prof_wR_factor           ? 
_refine.pdbx_pd_Marquardt_correlation_coeff      ? 
_refine.pdbx_pd_Fsqrd_R_factor                   ? 
_refine.pdbx_pd_ls_matrix_band_width             ? 
_refine.pdbx_overall_phase_error                 26.6200 
_refine.pdbx_overall_SU_R_free_Cruickshank_DPI   ? 
_refine.pdbx_overall_SU_R_free_Blow_DPI          ? 
_refine.pdbx_overall_SU_R_Blow_DPI               ? 
_refine.pdbx_TLS_residual_ADP_flag               ? 
_refine.pdbx_diffrn_id                           1 
_refine.overall_SU_B                             ? 
_refine.overall_SU_ML                            0.2500 
_refine.overall_SU_R_Cruickshank_DPI             ? 
_refine.overall_SU_R_free                        ? 
_refine.overall_FOM_free_R_set                   ? 
_refine.overall_FOM_work_R_set                   ? 
_refine.pdbx_average_fsc_overall                 ? 
_refine.pdbx_average_fsc_work                    ? 
_refine.pdbx_average_fsc_free                    ? 
# 
_refine_hist.pdbx_refine_id                   'X-RAY DIFFRACTION' 
_refine_hist.cycle_id                         final 
_refine_hist.details                          ? 
_refine_hist.d_res_high                       1.8300 
_refine_hist.d_res_low                        40.00 
_refine_hist.number_atoms_solvent             61 
_refine_hist.number_atoms_total               1213 
_refine_hist.number_reflns_all                ? 
_refine_hist.number_reflns_obs                ? 
_refine_hist.number_reflns_R_free             ? 
_refine_hist.number_reflns_R_work             ? 
_refine_hist.R_factor_all                     ? 
_refine_hist.R_factor_obs                     ? 
_refine_hist.R_factor_R_free                  ? 
_refine_hist.R_factor_R_work                  ? 
_refine_hist.pdbx_number_residues_total       134 
_refine_hist.pdbx_B_iso_mean_ligand           35.76 
_refine_hist.pdbx_B_iso_mean_solvent          32.43 
_refine_hist.pdbx_number_atoms_protein        1116 
_refine_hist.pdbx_number_atoms_nucleic_acid   0 
_refine_hist.pdbx_number_atoms_ligand         36 
_refine_hist.pdbx_number_atoms_lipid          ? 
_refine_hist.pdbx_number_atoms_carb           ? 
_refine_hist.pdbx_pseudo_atom_details         ? 
# 
_refine_ls_shell.R_factor_R_free                  0.3591 
_refine_ls_shell.R_factor_R_free_error            ? 
_refine_ls_shell.R_factor_R_work                  0.2940 
_refine_ls_shell.R_factor_all                     ? 
_refine_ls_shell.R_factor_obs                     ? 
_refine_ls_shell.d_res_high                       1.83 
_refine_ls_shell.d_res_low                        1.95 
_refine_ls_shell.number_reflns_R_free             142 
_refine_ls_shell.number_reflns_R_work             ? 
_refine_ls_shell.number_reflns_all                ? 
_refine_ls_shell.number_reflns_obs                2567 
_refine_ls_shell.pdbx_R_complete                  ? 
_refine_ls_shell.pdbx_fsc_free                    ? 
_refine_ls_shell.pdbx_fsc_work                    ? 
_refine_ls_shell.pdbx_phase_error                 ? 
_refine_ls_shell.pdbx_refine_id                   'X-RAY DIFFRACTION' 
_refine_ls_shell.pdbx_total_number_of_bins_used   ? 
_refine_ls_shell.percent_reflns_R_free            ? 
_refine_ls_shell.percent_reflns_obs               98 
_refine_ls_shell.redundancy_reflns_all            ? 
_refine_ls_shell.redundancy_reflns_obs            ? 
_refine_ls_shell.wR_factor_R_free                 ? 
_refine_ls_shell.wR_factor_R_work                 ? 
_refine_ls_shell.wR_factor_all                    ? 
_refine_ls_shell.wR_factor_obs                    ? 
# 
_struct.entry_id                     7VKG 
_struct.title                        'Crystal structure of AF9 YEATS domain in complex with Compound 10' 
_struct.pdbx_model_details           ? 
_struct.pdbx_formula_weight          ? 
_struct.pdbx_formula_weight_method   ? 
_struct.pdbx_model_type_details      ? 
_struct.pdbx_CASP_flag               N 
# 
_struct_keywords.entry_id        7VKG 
_struct_keywords.text            'Complex, inhibitor, TRANSCRIPTION' 
_struct_keywords.pdbx_keywords   TRANSCRIPTION 
# 
loop_
_struct_asym.id 
_struct_asym.pdbx_blank_PDB_chainid_flag 
_struct_asym.pdbx_modified 
_struct_asym.entity_id 
_struct_asym.details 
A N N 1 ? 
B N N 2 ? 
C N N 3 ? 
D N N 4 ? 
E N N 4 ? 
F N N 4 ? 
G N N 4 ? 
H N N 5 ? 
# 
loop_
_struct_conf.conf_type_id 
_struct_conf.id 
_struct_conf.pdbx_PDB_helix_id 
_struct_conf.beg_label_comp_id 
_struct_conf.beg_label_asym_id 
_struct_conf.beg_label_seq_id 
_struct_conf.pdbx_beg_PDB_ins_code 
_struct_conf.end_label_comp_id 
_struct_conf.end_label_asym_id 
_struct_conf.end_label_seq_id 
_struct_conf.pdbx_end_PDB_ins_code 
_struct_conf.beg_auth_comp_id 
_struct_conf.beg_auth_asym_id 
_struct_conf.beg_auth_seq_id 
_struct_conf.end_auth_comp_id 
_struct_conf.end_auth_asym_id 
_struct_conf.end_auth_seq_id 
_struct_conf.pdbx_PDB_helix_class 
_struct_conf.details 
_struct_conf.pdbx_PDB_helix_length 
HELX_P HELX_P1 AA1 ASN A 43  ? HIS A 46  ? ASN A 39  HIS A 42  5 ? 4  
HELX_P HELX_P2 AA2 THR A 128 ? ALA A 138 ? THR A 124 ALA A 134 1 ? 11 
# 
_struct_conf_type.id          HELX_P 
_struct_conf_type.criteria    ? 
_struct_conf_type.reference   ? 
# 
loop_
_struct_mon_prot_cis.pdbx_id 
_struct_mon_prot_cis.label_comp_id 
_struct_mon_prot_cis.label_seq_id 
_struct_mon_prot_cis.label_asym_id 
_struct_mon_prot_cis.label_alt_id 
_struct_mon_prot_cis.pdbx_PDB_ins_code 
_struct_mon_prot_cis.auth_comp_id 
_struct_mon_prot_cis.auth_seq_id 
_struct_mon_prot_cis.auth_asym_id 
_struct_mon_prot_cis.pdbx_label_comp_id_2 
_struct_mon_prot_cis.pdbx_label_seq_id_2 
_struct_mon_prot_cis.pdbx_label_asym_id_2 
_struct_mon_prot_cis.pdbx_PDB_ins_code_2 
_struct_mon_prot_cis.pdbx_auth_comp_id_2 
_struct_mon_prot_cis.pdbx_auth_seq_id_2 
_struct_mon_prot_cis.pdbx_auth_asym_id_2 
_struct_mon_prot_cis.pdbx_PDB_model_num 
_struct_mon_prot_cis.pdbx_omega_angle 
1 PRO 69 A . ? PRO 65 A PRO 70 A ? PRO 66 A 1 -0.26 
2 GLU 94 A . ? GLU 90 A PRO 95 A ? PRO 91 A 1 -4.43 
# 
loop_
_struct_sheet.id 
_struct_sheet.type 
_struct_sheet.number_strands 
_struct_sheet.details 
AA1 ? 4 ? 
AA2 ? 4 ? 
# 
loop_
_struct_sheet_order.sheet_id 
_struct_sheet_order.range_id_1 
_struct_sheet_order.range_id_2 
_struct_sheet_order.offset 
_struct_sheet_order.sense 
AA1 1 2 ? anti-parallel 
AA1 2 3 ? anti-parallel 
AA1 3 4 ? anti-parallel 
AA2 1 2 ? anti-parallel 
AA2 2 3 ? anti-parallel 
AA2 3 4 ? anti-parallel 
# 
loop_
_struct_sheet_range.sheet_id 
_struct_sheet_range.id 
_struct_sheet_range.beg_label_comp_id 
_struct_sheet_range.beg_label_asym_id 
_struct_sheet_range.beg_label_seq_id 
_struct_sheet_range.pdbx_beg_PDB_ins_code 
_struct_sheet_range.end_label_comp_id 
_struct_sheet_range.end_label_asym_id 
_struct_sheet_range.end_label_seq_id 
_struct_sheet_range.pdbx_end_PDB_ins_code 
_struct_sheet_range.beg_auth_comp_id 
_struct_sheet_range.beg_auth_asym_id 
_struct_sheet_range.beg_auth_seq_id 
_struct_sheet_range.end_auth_comp_id 
_struct_sheet_range.end_auth_asym_id 
_struct_sheet_range.end_auth_seq_id 
AA1 1 TYR A 71  ? GLY A 77  ? TYR A 67  GLY A 73  
AA1 2 HIS A 30  ? ARG A 37  ? HIS A 26  ARG A 33  
AA1 3 VAL A 7   ? VAL A 19  ? VAL A 3   VAL A 15  
AA1 4 VAL A 114 ? PHE A 124 ? VAL A 110 PHE A 120 
AA2 1 LYS A 63  ? CYS A 66  ? LYS A 59  CYS A 62  
AA2 2 VAL A 48  ? HIS A 54  ? VAL A 44  HIS A 50  
AA2 3 PHE A 81  ? PHE A 89  ? PHE A 77  PHE A 85  
AA2 4 LYS A 97  ? LEU A 104 ? LYS A 93  LEU A 100 
# 
loop_
_pdbx_struct_sheet_hbond.sheet_id 
_pdbx_struct_sheet_hbond.range_id_1 
_pdbx_struct_sheet_hbond.range_id_2 
_pdbx_struct_sheet_hbond.range_1_label_atom_id 
_pdbx_struct_sheet_hbond.range_1_label_comp_id 
_pdbx_struct_sheet_hbond.range_1_label_asym_id 
_pdbx_struct_sheet_hbond.range_1_label_seq_id 
_pdbx_struct_sheet_hbond.range_1_PDB_ins_code 
_pdbx_struct_sheet_hbond.range_1_auth_atom_id 
_pdbx_struct_sheet_hbond.range_1_auth_comp_id 
_pdbx_struct_sheet_hbond.range_1_auth_asym_id 
_pdbx_struct_sheet_hbond.range_1_auth_seq_id 
_pdbx_struct_sheet_hbond.range_2_label_atom_id 
_pdbx_struct_sheet_hbond.range_2_label_comp_id 
_pdbx_struct_sheet_hbond.range_2_label_asym_id 
_pdbx_struct_sheet_hbond.range_2_label_seq_id 
_pdbx_struct_sheet_hbond.range_2_PDB_ins_code 
_pdbx_struct_sheet_hbond.range_2_auth_atom_id 
_pdbx_struct_sheet_hbond.range_2_auth_comp_id 
_pdbx_struct_sheet_hbond.range_2_auth_asym_id 
_pdbx_struct_sheet_hbond.range_2_auth_seq_id 
AA1 1 2 O GLU A 75 ? O GLU A 71 N TRP A 32  ? N TRP A 28  
AA1 2 3 O ARG A 37 ? O ARG A 33 N GLU A 12  ? N GLU A 8   
AA1 3 4 N LEU A 11 ? N LEU A 7  O GLU A 120 ? O GLU A 116 
AA2 1 2 O ARG A 64 ? O ARG A 60 N PHE A 53  ? N PHE A 49  
AA2 2 3 N LYS A 50 ? N LYS A 46 O TYR A 88  ? O TYR A 84  
AA2 3 4 N LEU A 83 ? N LEU A 79 O TYR A 102 ? O TYR A 98  
# 
_atom_sites.entry_id                    7VKG 
_atom_sites.Cartn_transf_matrix[1][1]   ? 
_atom_sites.Cartn_transf_matrix[1][2]   ? 
_atom_sites.Cartn_transf_matrix[1][3]   ? 
_atom_sites.Cartn_transf_matrix[2][1]   ? 
_atom_sites.Cartn_transf_matrix[2][2]   ? 
_atom_sites.Cartn_transf_matrix[2][3]   ? 
_atom_sites.Cartn_transf_matrix[3][1]   ? 
_atom_sites.Cartn_transf_matrix[3][2]   ? 
_atom_sites.Cartn_transf_matrix[3][3]   ? 
_atom_sites.Cartn_transf_vector[1]      ? 
_atom_sites.Cartn_transf_vector[2]      ? 
_atom_sites.Cartn_transf_vector[3]      ? 
_atom_sites.fract_transf_matrix[1][1]   -0.00636575 
_atom_sites.fract_transf_matrix[1][2]   0.01399132 
_atom_sites.fract_transf_matrix[1][3]   0.01934630 
_atom_sites.fract_transf_matrix[2][1]   -0.02640716 
_atom_sites.fract_transf_matrix[2][2]   -0.01712964 
_atom_sites.fract_transf_matrix[2][3]   0.00369915 
_atom_sites.fract_transf_matrix[3][1]   0.00731447 
_atom_sites.fract_transf_matrix[3][2]   -0.00844647 
_atom_sites.fract_transf_matrix[3][3]   0.01310283 
_atom_sites.fract_transf_vector[1]      0.001681 
_atom_sites.fract_transf_vector[2]      0.014037 
_atom_sites.fract_transf_vector[3]      0.227431 
_atom_sites.solution_primary            ? 
_atom_sites.solution_secondary          ? 
_atom_sites.solution_hydrogens          ? 
_atom_sites.special_details             ? 
# 
loop_
_atom_type.symbol 
C  
CL 
N  
O  
S  
# 
loop_
_atom_site.group_PDB 
_atom_site.id 
_atom_site.type_symbol 
_atom_site.label_atom_id 
_atom_site.label_alt_id 
_atom_site.label_comp_id 
_atom_site.label_asym_id 
_atom_site.label_entity_id 
_atom_site.label_seq_id 
_atom_site.pdbx_PDB_ins_code 
_atom_site.Cartn_x 
_atom_site.Cartn_y 
_atom_site.Cartn_z 
_atom_site.occupancy 
_atom_site.B_iso_or_equiv 
_atom_site.pdbx_formal_charge 
_atom_site.auth_seq_id 
_atom_site.auth_comp_id 
_atom_site.auth_asym_id 
_atom_site.auth_atom_id 
_atom_site.pdbx_PDB_model_num 
ATOM   1    N  N   . CYS A 1 5   ? -3.122  27.823  -1.126  1.00 31.86 ? 1   CYS A N   1 
ATOM   2    C  CA  . CYS A 1 5   ? -2.581  27.136  -2.295  1.00 37.29 ? 1   CYS A CA  1 
ATOM   3    C  C   . CYS A 1 5   ? -2.691  25.618  -2.155  1.00 39.39 ? 1   CYS A C   1 
ATOM   4    O  O   . CYS A 1 5   ? -1.865  24.992  -1.488  1.00 35.71 ? 1   CYS A O   1 
ATOM   5    C  CB  . CYS A 1 5   ? -1.121  27.530  -2.519  1.00 44.99 ? 1   CYS A CB  1 
ATOM   6    S  SG  . CYS A 1 5   ? -0.324  26.680  -3.902  1.00 47.04 ? 1   CYS A SG  1 
ATOM   7    N  N   . ALA A 1 6   ? -3.706  25.038  -2.795  1.00 22.64 ? 2   ALA A N   1 
ATOM   8    C  CA  . ALA A 1 6   ? -3.944  23.601  -2.718  1.00 20.07 ? 2   ALA A CA  1 
ATOM   9    C  C   . ALA A 1 6   ? -3.007  22.840  -3.647  1.00 22.50 ? 2   ALA A C   1 
ATOM   10   O  O   . ALA A 1 6   ? -2.680  23.304  -4.742  1.00 18.77 ? 2   ALA A O   1 
ATOM   11   C  CB  . ALA A 1 6   ? -5.396  23.281  -3.070  1.00 23.06 ? 2   ALA A CB  1 
ATOM   12   N  N   . VAL A 1 7   ? -2.587  21.654  -3.210  1.00 16.68 ? 3   VAL A N   1 
ATOM   13   C  CA  . VAL A 1 7   ? -1.640  20.833  -3.953  1.00 21.20 ? 3   VAL A CA  1 
ATOM   14   C  C   . VAL A 1 7   ? -2.217  19.432  -4.073  1.00 23.33 ? 3   VAL A C   1 
ATOM   15   O  O   . VAL A 1 7   ? -2.784  18.904  -3.110  1.00 20.54 ? 3   VAL A O   1 
ATOM   16   C  CB  . VAL A 1 7   ? -0.258  20.815  -3.265  1.00 21.36 ? 3   VAL A CB  1 
ATOM   17   C  CG1 . VAL A 1 7   ? 0.688   19.827  -3.947  1.00 25.27 ? 3   VAL A CG1 1 
ATOM   18   C  CG2 . VAL A 1 7   ? 0.340   22.219  -3.252  1.00 21.73 ? 3   VAL A CG2 1 
ATOM   19   N  N   . GLN A 1 8   ? -2.088  18.836  -5.258  1.00 18.06 ? 4   GLN A N   1 
ATOM   20   C  CA  . GLN A 1 8   ? -2.595  17.498  -5.532  1.00 21.61 ? 4   GLN A CA  1 
ATOM   21   C  C   . GLN A 1 8   ? -1.425  16.556  -5.773  1.00 18.83 ? 4   GLN A C   1 
ATOM   22   O  O   . GLN A 1 8   ? -0.494  16.900  -6.508  1.00 23.90 ? 4   GLN A O   1 
ATOM   23   C  CB  . GLN A 1 8   ? -3.524  17.504  -6.751  1.00 27.66 ? 4   GLN A CB  1 
ATOM   24   C  CG  . GLN A 1 8   ? -3.676  16.147  -7.421  1.00 33.77 ? 4   GLN A CG  1 
ATOM   25   C  CD  . GLN A 1 8   ? -4.140  16.252  -8.863  1.00 37.09 ? 4   GLN A CD  1 
ATOM   26   O  OE1 . GLN A 1 8   ? -3.567  15.629  -9.758  1.00 41.53 ? 4   GLN A OE1 1 
ATOM   27   N  NE2 . GLN A 1 8   ? -5.182  17.043  -9.095  1.00 44.40 ? 4   GLN A NE2 1 
ATOM   28   N  N   . VAL A 1 9   ? -1.465  15.377  -5.146  1.00 21.24 ? 5   VAL A N   1 
ATOM   29   C  CA  . VAL A 1 9   ? -0.478  14.334  -5.395  1.00 21.36 ? 5   VAL A CA  1 
ATOM   30   C  C   . VAL A 1 9   ? -1.203  13.021  -5.658  1.00 20.40 ? 5   VAL A C   1 
ATOM   31   O  O   . VAL A 1 9   ? -2.406  12.890  -5.441  1.00 23.33 ? 5   VAL A O   1 
ATOM   32   C  CB  . VAL A 1 9   ? 0.533   14.175  -4.242  1.00 24.77 ? 5   VAL A CB  1 
ATOM   33   C  CG1 . VAL A 1 9   ? 1.394   15.426  -4.120  1.00 25.69 ? 5   VAL A CG1 1 
ATOM   34   C  CG2 . VAL A 1 9   ? -0.186  13.870  -2.940  1.00 19.14 ? 5   VAL A CG2 1 
ATOM   35   N  N   . LYS A 1 10  ? -0.431  12.037  -6.116  1.00 24.04 ? 6   LYS A N   1 
ATOM   36   C  CA  . LYS A 1 10  ? -0.944  10.787  -6.657  1.00 25.60 ? 6   LYS A CA  1 
ATOM   37   C  C   . LYS A 1 10  ? -0.304  9.629   -5.903  1.00 19.95 ? 6   LYS A C   1 
ATOM   38   O  O   . LYS A 1 10  ? 0.911   9.626   -5.694  1.00 23.66 ? 6   LYS A O   1 
ATOM   39   C  CB  . LYS A 1 10  ? -0.610  10.683  -8.157  1.00 27.41 ? 6   LYS A CB  1 
ATOM   40   C  CG  . LYS A 1 10  ? -1.497  11.487  -9.112  1.00 37.04 ? 6   LYS A CG  1 
ATOM   41   C  CD  . LYS A 1 10  ? -2.450  10.590  -9.873  1.00 41.04 ? 6   LYS A CD  1 
ATOM   42   C  CE  . LYS A 1 10  ? -3.009  11.244  -11.135 1.00 48.87 ? 6   LYS A CE  1 
ATOM   43   N  NZ  . LYS A 1 10  ? -2.004  11.344  -12.233 1.00 46.17 ? 6   LYS A NZ  1 
ATOM   44   N  N   . LEU A 1 11  ? -1.116  8.660   -5.483  1.00 20.27 ? 7   LEU A N   1 
ATOM   45   C  CA  . LEU A 1 11  ? -0.625  7.416   -4.900  1.00 22.71 ? 7   LEU A CA  1 
ATOM   46   C  C   . LEU A 1 11  ? -1.175  6.243   -5.699  1.00 21.46 ? 7   LEU A C   1 
ATOM   47   O  O   . LEU A 1 11  ? -2.375  6.196   -5.987  1.00 26.05 ? 7   LEU A O   1 
ATOM   48   C  CB  . LEU A 1 11  ? -1.047  7.269   -3.433  1.00 21.73 ? 7   LEU A CB  1 
ATOM   49   C  CG  . LEU A 1 11  ? -0.436  8.134   -2.324  1.00 23.57 ? 7   LEU A CG  1 
ATOM   50   C  CD1 . LEU A 1 11  ? -0.974  7.681   -0.978  1.00 26.52 ? 7   LEU A CD1 1 
ATOM   51   C  CD2 . LEU A 1 11  ? 1.083   8.076   -2.336  1.00 24.07 ? 7   LEU A CD2 1 
ATOM   52   N  N   . GLU A 1 12  ? -0.312  5.300   -6.027  1.00 24.60 ? 8   GLU A N   1 
ATOM   53   C  CA  . GLU A 1 12  ? -0.788  4.050   -6.675  1.00 23.85 ? 8   GLU A CA  1 
ATOM   54   C  C   . GLU A 1 12  ? -0.791  2.918   -5.641  1.00 24.05 ? 8   GLU A C   1 
ATOM   55   O  O   . GLU A 1 12  ? 0.216   2.744   -4.952  1.00 22.86 ? 8   GLU A O   1 
ATOM   56   C  CB  . GLU A 1 12  ? 0.098   3.676   -7.852  1.00 25.80 ? 8   GLU A CB  1 
ATOM   57   C  CG  . GLU A 1 12  ? -0.265  4.393   -9.134  1.00 24.43 ? 8   GLU A CG  1 
ATOM   58   C  CD  . GLU A 1 12  ? 0.620   4.072   -10.327 1.00 32.48 ? 8   GLU A CD  1 
ATOM   59   O  OE1 . GLU A 1 12  ? 1.578   3.300   -10.169 1.00 26.75 ? 8   GLU A OE1 1 
ATOM   60   O  OE2 . GLU A 1 12  ? 0.348   4.604   -11.411 1.00 29.35 ? 8   GLU A OE2 1 
ATOM   61   N  N   . LEU A 1 13  ? -1.914  2.240   -5.508  1.00 23.48 ? 9   LEU A N   1 
ATOM   62   C  CA  . LEU A 1 13  ? -1.975  1.050   -4.644  1.00 22.23 ? 9   LEU A CA  1 
ATOM   63   C  C   . LEU A 1 13  ? -2.238  -0.136  -5.561  1.00 22.15 ? 9   LEU A C   1 
ATOM   64   O  O   . LEU A 1 13  ? -3.016  -0.001  -6.500  1.00 19.93 ? 9   LEU A O   1 
ATOM   65   C  CB  . LEU A 1 13  ? -3.104  1.160   -3.625  1.00 20.32 ? 9   LEU A CB  1 
ATOM   66   C  CG  . LEU A 1 13  ? -3.490  2.560   -3.149  1.00 38.13 ? 9   LEU A CG  1 
ATOM   67   C  CD1 . LEU A 1 13  ? -4.729  2.486   -2.278  1.00 35.36 ? 9   LEU A CD1 1 
ATOM   68   C  CD2 . LEU A 1 13  ? -2.355  3.213   -2.383  1.00 34.74 ? 9   LEU A CD2 1 
ATOM   69   N  N   . GLY A 1 14  ? -1.620  -1.254  -5.240  1.00 18.89 ? 10  GLY A N   1 
ATOM   70   C  CA  . GLY A 1 14  ? -1.904  -2.462  -6.021  1.00 17.29 ? 10  GLY A CA  1 
ATOM   71   C  C   . GLY A 1 14  ? -1.371  -3.722  -5.379  1.00 18.42 ? 10  GLY A C   1 
ATOM   72   O  O   . GLY A 1 14  ? -0.761  -3.653  -4.323  1.00 15.71 ? 10  GLY A O   1 
ATOM   73   N  N   . HIS A 1 15  ? -1.603  -4.827  -6.076  1.00 16.55 ? 11  HIS A N   1 
ATOM   74   C  CA  . HIS A 1 15  ? -1.072  -6.077  -5.559  1.00 13.28 ? 11  HIS A CA  1 
ATOM   75   C  C   . HIS A 1 15  ? -0.949  -7.083  -6.690  1.00 18.36 ? 11  HIS A C   1 
ATOM   76   O  O   . HIS A 1 15  ? -1.580  -6.949  -7.741  1.00 15.98 ? 11  HIS A O   1 
ATOM   77   C  CB  . HIS A 1 15  ? -1.939  -6.629  -4.417  1.00 16.75 ? 11  HIS A CB  1 
ATOM   78   C  CG  . HIS A 1 15  ? -3.185  -7.332  -4.862  1.00 17.06 ? 11  HIS A CG  1 
ATOM   79   N  ND1 . HIS A 1 15  ? -4.249  -6.674  -5.445  1.00 16.54 ? 11  HIS A ND1 1 
ATOM   80   C  CD2 . HIS A 1 15  ? -3.549  -8.633  -4.775  1.00 19.49 ? 11  HIS A CD2 1 
ATOM   81   C  CE1 . HIS A 1 15  ? -5.208  -7.543  -5.710  1.00 21.45 ? 11  HIS A CE1 1 
ATOM   82   N  NE2 . HIS A 1 15  ? -4.811  -8.737  -5.309  1.00 21.22 ? 11  HIS A NE2 1 
ATOM   83   N  N   . ARG A 1 16  ? -0.093  -8.072  -6.465  1.00 16.55 ? 12  ARG A N   1 
ATOM   84   C  CA  . ARG A 1 16  ? 0.016   -9.240  -7.323  1.00 14.96 ? 12  ARG A CA  1 
ATOM   85   C  C   . ARG A 1 16  ? -0.272  -10.479 -6.491  1.00 20.18 ? 12  ARG A C   1 
ATOM   86   O  O   . ARG A 1 16  ? -0.011  -10.509 -5.285  1.00 16.54 ? 12  ARG A O   1 
ATOM   87   C  CB  . ARG A 1 16  ? 1.408   -9.351  -7.968  1.00 18.91 ? 12  ARG A CB  1 
ATOM   88   C  CG  . ARG A 1 16  ? 1.847   -8.104  -8.722  1.00 27.29 ? 12  ARG A CG  1 
ATOM   89   C  CD  . ARG A 1 16  ? 3.213   -8.295  -9.370  1.00 38.91 ? 12  ARG A CD  1 
ATOM   90   N  NE  . ARG A 1 16  ? 3.117   -8.755  -10.751 1.00 51.55 ? 12  ARG A NE  1 
ATOM   91   C  CZ  . ARG A 1 16  ? 3.764   -9.804  -11.242 1.00 56.45 ? 12  ARG A CZ  1 
ATOM   92   N  NH1 . ARG A 1 16  ? 4.563   -10.540 -10.487 1.00 54.39 ? 12  ARG A NH1 1 
ATOM   93   N  NH2 . ARG A 1 16  ? 3.610   -10.120 -12.525 1.00 47.52 ? 12  ARG A NH2 1 
ATOM   94   N  N   . ALA A 1 17  ? -0.826  -11.498 -7.140  1.00 16.42 ? 13  ALA A N   1 
ATOM   95   C  CA  . ALA A 1 17  ? -1.126  -12.750 -6.463  1.00 17.19 ? 13  ALA A CA  1 
ATOM   96   C  C   . ALA A 1 17  ? -0.999  -13.868 -7.478  1.00 20.31 ? 13  ALA A C   1 
ATOM   97   O  O   . ALA A 1 17  ? -1.469  -13.738 -8.612  1.00 22.84 ? 13  ALA A O   1 
ATOM   98   C  CB  . ALA A 1 17  ? -2.528  -12.741 -5.846  1.00 20.52 ? 13  ALA A CB  1 
ATOM   99   N  N   . GLN A 1 18  ? -0.350  -14.954 -7.071  1.00 21.46 ? 14  GLN A N   1 
ATOM   100  C  CA  . GLN A 1 18  ? -0.075  -16.060 -7.971  1.00 24.30 ? 14  GLN A CA  1 
ATOM   101  C  C   . GLN A 1 18  ? -0.232  -17.367 -7.213  1.00 23.46 ? 14  GLN A C   1 
ATOM   102  O  O   . GLN A 1 18  ? 0.167   -17.466 -6.048  1.00 20.34 ? 14  GLN A O   1 
ATOM   103  C  CB  . GLN A 1 18  ? 1.337   -15.942 -8.568  1.00 24.38 ? 14  GLN A CB  1 
ATOM   104  C  CG  . GLN A 1 18  ? 1.690   -17.016 -9.580  1.00 38.20 ? 14  GLN A CG  1 
ATOM   105  C  CD  . GLN A 1 18  ? 2.823   -16.592 -10.496 1.00 46.83 ? 14  GLN A CD  1 
ATOM   106  O  OE1 . GLN A 1 18  ? 3.237   -15.431 -10.493 1.00 41.90 ? 14  GLN A OE1 1 
ATOM   107  N  NE2 . GLN A 1 18  ? 3.328   -17.530 -11.290 1.00 54.65 ? 14  GLN A NE2 1 
ATOM   108  N  N   . VAL A 1 19  ? -0.842  -18.355 -7.867  1.00 20.67 ? 15  VAL A N   1 
ATOM   109  C  CA  . VAL A 1 19  ? -0.954  -19.681 -7.275  1.00 23.53 ? 15  VAL A CA  1 
ATOM   110  C  C   . VAL A 1 19  ? 0.428   -20.314 -7.222  1.00 27.54 ? 15  VAL A C   1 
ATOM   111  O  O   . VAL A 1 19  ? 1.180   -20.285 -8.206  1.00 25.85 ? 15  VAL A O   1 
ATOM   112  C  CB  . VAL A 1 19  ? -1.934  -20.553 -8.075  1.00 26.22 ? 15  VAL A CB  1 
ATOM   113  C  CG1 . VAL A 1 19  ? -1.921  -21.989 -7.554  1.00 26.99 ? 15  VAL A CG1 1 
ATOM   114  C  CG2 . VAL A 1 19  ? -3.333  -19.976 -8.009  1.00 22.83 ? 15  VAL A CG2 1 
ATOM   115  N  N   . ARG A 1 20  ? 0.773   -20.874 -6.067  1.00 23.48 ? 16  ARG A N   1 
ATOM   116  C  CA  . ARG A 1 20  ? 2.053   -21.548 -5.912  1.00 26.42 ? 16  ARG A CA  1 
ATOM   117  C  C   . ARG A 1 20  ? 2.061   -22.870 -6.669  1.00 25.27 ? 16  ARG A C   1 
ATOM   118  O  O   . ARG A 1 20  ? 1.044   -23.558 -6.776  1.00 27.63 ? 16  ARG A O   1 
ATOM   119  C  CB  . ARG A 1 20  ? 2.347   -21.816 -4.440  1.00 21.13 ? 16  ARG A CB  1 
ATOM   120  C  CG  . ARG A 1 20  ? 2.550   -20.579 -3.589  1.00 22.43 ? 16  ARG A CG  1 
ATOM   121  C  CD  . ARG A 1 20  ? 2.616   -20.970 -2.135  1.00 23.78 ? 16  ARG A CD  1 
ATOM   122  N  NE  . ARG A 1 20  ? 3.761   -21.832 -1.871  1.00 22.05 ? 16  ARG A NE  1 
ATOM   123  C  CZ  . ARG A 1 20  ? 4.968   -21.395 -1.538  1.00 24.55 ? 16  ARG A CZ  1 
ATOM   124  N  NH1 . ARG A 1 20  ? 5.223   -20.104 -1.405  1.00 23.11 ? 16  ARG A NH1 1 
ATOM   125  N  NH2 . ARG A 1 20  ? 5.941   -22.277 -1.321  1.00 27.06 ? 16  ARG A NH2 1 
ATOM   126  N  N   . LYS A 1 21  ? 3.235   -23.225 -7.193  1.00 23.67 ? 17  LYS A N   1 
ATOM   127  C  CA  . LYS A 1 21  ? 3.393   -24.553 -7.774  1.00 31.44 ? 17  LYS A CA  1 
ATOM   128  C  C   . LYS A 1 21  ? 3.258   -25.632 -6.709  1.00 34.42 ? 17  LYS A C   1 
ATOM   129  O  O   . LYS A 1 21  ? 2.716   -26.708 -6.980  1.00 32.06 ? 17  LYS A O   1 
ATOM   130  C  CB  . LYS A 1 21  ? 4.744   -24.661 -8.482  1.00 31.54 ? 17  LYS A CB  1 
ATOM   131  N  N   . LYS A 1 22  ? 3.716   -25.350 -5.491  1.00 31.35 ? 18  LYS A N   1 
ATOM   132  C  CA  . LYS A 1 22  ? 3.634   -26.284 -4.374  1.00 31.63 ? 18  LYS A CA  1 
ATOM   133  C  C   . LYS A 1 22  ? 3.124   -25.522 -3.158  1.00 31.13 ? 18  LYS A C   1 
ATOM   134  O  O   . LYS A 1 22  ? 3.723   -24.491 -2.785  1.00 29.15 ? 18  LYS A O   1 
ATOM   135  C  CB  . LYS A 1 22  ? 4.999   -26.916 -4.097  1.00 31.24 ? 18  LYS A CB  1 
ATOM   136  C  CG  . LYS A 1 22  ? 5.004   -27.965 -3.003  1.00 41.39 ? 18  LYS A CG  1 
ATOM   137  C  CD  . LYS A 1 22  ? 6.370   -28.626 -2.901  1.00 40.40 ? 18  LYS A CD  1 
ATOM   138  C  CE  . LYS A 1 22  ? 6.534   -29.364 -1.581  1.00 48.56 ? 18  LYS A CE  1 
ATOM   139  N  NZ  . LYS A 1 22  ? 5.244   -29.935 -1.104  1.00 51.10 ? 18  LYS A NZ  1 
ATOM   140  N  N   . PRO A 1 23  ? 2.040   -25.962 -2.520  1.00 30.82 ? 19  PRO A N   1 
ATOM   141  C  CA  . PRO A 1 23  ? 1.568   -25.270 -1.314  1.00 28.67 ? 19  PRO A CA  1 
ATOM   142  C  C   . PRO A 1 23  ? 2.631   -25.261 -0.227  1.00 26.95 ? 19  PRO A C   1 
ATOM   143  O  O   . PRO A 1 23  ? 3.509   -26.125 -0.176  1.00 34.77 ? 19  PRO A O   1 
ATOM   144  C  CB  . PRO A 1 23  ? 0.341   -26.085 -0.888  1.00 30.29 ? 19  PRO A CB  1 
ATOM   145  C  CG  . PRO A 1 23  ? -0.100  -26.799 -2.128  1.00 36.47 ? 19  PRO A CG  1 
ATOM   146  C  CD  . PRO A 1 23  ? 1.138   -27.051 -2.934  1.00 32.94 ? 19  PRO A CD  1 
ATOM   147  N  N   . THR A 1 24  ? 2.556   -24.254 0.640   1.00 24.74 ? 20  THR A N   1 
ATOM   148  C  CA  . THR A 1 24  ? 3.449   -24.190 1.784   1.00 28.36 ? 20  THR A CA  1 
ATOM   149  C  C   . THR A 1 24  ? 3.119   -25.311 2.771   1.00 28.96 ? 20  THR A C   1 
ATOM   150  O  O   . THR A 1 24  ? 2.137   -26.043 2.616   1.00 25.99 ? 20  THR A O   1 
ATOM   151  C  CB  . THR A 1 24  ? 3.336   -22.835 2.478   1.00 28.57 ? 20  THR A CB  1 
ATOM   152  O  OG1 . THR A 1 24  ? 2.049   -22.734 3.098   1.00 21.87 ? 20  THR A OG1 1 
ATOM   153  C  CG2 . THR A 1 24  ? 3.490   -21.705 1.477   1.00 27.69 ? 20  THR A CG2 1 
ATOM   154  N  N   . VAL A 1 25  ? 3.954   -25.435 3.808   1.00 32.23 ? 21  VAL A N   1 
ATOM   155  C  CA  . VAL A 1 25  ? 3.692   -26.430 4.847   1.00 34.02 ? 21  VAL A CA  1 
ATOM   156  C  C   . VAL A 1 25  ? 2.347   -26.170 5.512   1.00 31.80 ? 21  VAL A C   1 
ATOM   157  O  O   . VAL A 1 25  ? 1.653   -27.110 5.919   1.00 32.43 ? 21  VAL A O   1 
ATOM   158  C  CB  . VAL A 1 25  ? 4.837   -26.458 5.883   1.00 35.93 ? 21  VAL A CB  1 
ATOM   159  C  CG1 . VAL A 1 25  ? 6.070   -27.130 5.298   1.00 39.82 ? 21  VAL A CG1 1 
ATOM   160  C  CG2 . VAL A 1 25  ? 5.170   -25.055 6.362   1.00 35.21 ? 21  VAL A CG2 1 
ATOM   161  N  N   . GLU A 1 26  ? 1.948   -24.904 5.623   1.00 26.40 ? 22  GLU A N   1 
ATOM   162  C  CA  . GLU A 1 26  ? 0.641   -24.566 6.166   1.00 23.94 ? 22  GLU A CA  1 
ATOM   163  C  C   . GLU A 1 26  ? -0.491  -24.842 5.185   1.00 27.55 ? 22  GLU A C   1 
ATOM   164  O  O   . GLU A 1 26  ? -1.663  -24.703 5.555   1.00 33.12 ? 22  GLU A O   1 
ATOM   165  C  CB  . GLU A 1 26  ? 0.609   -23.092 6.595   1.00 27.42 ? 22  GLU A CB  1 
ATOM   166  C  CG  . GLU A 1 26  ? 1.729   -22.675 7.548   1.00 29.50 ? 22  GLU A CG  1 
ATOM   167  C  CD  . GLU A 1 26  ? 2.930   -22.076 6.835   1.00 38.37 ? 22  GLU A CD  1 
ATOM   168  O  OE1 . GLU A 1 26  ? 3.021   -22.211 5.596   1.00 33.00 ? 22  GLU A OE1 1 
ATOM   169  O  OE2 . GLU A 1 26  ? 3.789   -21.470 7.516   1.00 34.23 ? 22  GLU A OE2 1 
ATOM   170  N  N   . GLY A 1 27  ? -0.177  -25.243 3.958   1.00 21.47 ? 23  GLY A N   1 
ATOM   171  C  CA  . GLY A 1 27  ? -1.192  -25.406 2.944   1.00 23.99 ? 23  GLY A CA  1 
ATOM   172  C  C   . GLY A 1 27  ? -1.561  -24.135 2.219   1.00 26.25 ? 23  GLY A C   1 
ATOM   173  O  O   . GLY A 1 27  ? -2.566  -24.123 1.498   1.00 30.87 ? 23  GLY A O   1 
ATOM   174  N  N   . PHE A 1 28  ? -0.787  -23.063 2.389   1.00 25.89 ? 24  PHE A N   1 
ATOM   175  C  CA  . PHE A 1 28  ? -1.058  -21.822 1.675   1.00 25.29 ? 24  PHE A CA  1 
ATOM   176  C  C   . PHE A 1 28  ? -0.845  -22.029 0.183   1.00 23.47 ? 24  PHE A C   1 
ATOM   177  O  O   . PHE A 1 28  ? 0.184   -22.563 -0.240  1.00 25.48 ? 24  PHE A O   1 
ATOM   178  C  CB  . PHE A 1 28  ? -0.157  -20.695 2.182   1.00 26.33 ? 24  PHE A CB  1 
ATOM   179  C  CG  . PHE A 1 28  ? -0.310  -20.402 3.648   1.00 27.88 ? 24  PHE A CG  1 
ATOM   180  C  CD1 . PHE A 1 28  ? -1.498  -20.675 4.310   1.00 23.78 ? 24  PHE A CD1 1 
ATOM   181  C  CD2 . PHE A 1 28  ? 0.738   -19.842 4.364   1.00 28.20 ? 24  PHE A CD2 1 
ATOM   182  C  CE1 . PHE A 1 28  ? -1.636  -20.399 5.660   1.00 28.17 ? 24  PHE A CE1 1 
ATOM   183  C  CE2 . PHE A 1 28  ? 0.604   -19.562 5.714   1.00 31.43 ? 24  PHE A CE2 1 
ATOM   184  C  CZ  . PHE A 1 28  ? -0.585  -19.841 6.359   1.00 27.38 ? 24  PHE A CZ  1 
ATOM   185  N  N   . THR A 1 29  ? -1.819  -21.589 -0.614  1.00 21.42 ? 25  THR A N   1 
ATOM   186  C  CA  . THR A 1 29  ? -1.838  -21.853 -2.045  1.00 26.30 ? 25  THR A CA  1 
ATOM   187  C  C   . THR A 1 29  ? -1.293  -20.706 -2.885  1.00 23.96 ? 25  THR A C   1 
ATOM   188  O  O   . THR A 1 29  ? -0.911  -20.934 -4.039  1.00 18.10 ? 25  THR A O   1 
ATOM   189  C  CB  . THR A 1 29  ? -3.271  -22.158 -2.499  1.00 25.43 ? 25  THR A CB  1 
ATOM   190  O  OG1 . THR A 1 29  ? -4.131  -21.070 -2.136  1.00 26.83 ? 25  THR A OG1 1 
ATOM   191  C  CG2 . THR A 1 29  ? -3.781  -23.424 -1.830  1.00 29.24 ? 25  THR A CG2 1 
ATOM   192  N  N   . HIS A 1 30  ? -1.235  -19.495 -2.335  1.00 23.30 ? 26  HIS A N   1 
ATOM   193  C  CA  . HIS A 1 30  ? -0.933  -18.294 -3.100  1.00 20.20 ? 26  HIS A CA  1 
ATOM   194  C  C   . HIS A 1 30  ? 0.242   -17.552 -2.482  1.00 21.67 ? 26  HIS A C   1 
ATOM   195  O  O   . HIS A 1 30  ? 0.395   -17.522 -1.257  1.00 17.51 ? 26  HIS A O   1 
ATOM   196  C  CB  . HIS A 1 30  ? -2.144  -17.345 -3.144  1.00 19.13 ? 26  HIS A CB  1 
ATOM   197  C  CG  . HIS A 1 30  ? -3.241  -17.789 -4.061  1.00 23.33 ? 26  HIS A CG  1 
ATOM   198  N  ND1 . HIS A 1 30  ? -4.069  -18.854 -3.774  1.00 23.48 ? 26  HIS A ND1 1 
ATOM   199  C  CD2 . HIS A 1 30  ? -3.668  -17.290 -5.246  1.00 20.61 ? 26  HIS A CD2 1 
ATOM   200  C  CE1 . HIS A 1 30  ? -4.948  -19.001 -4.749  1.00 23.49 ? 26  HIS A CE1 1 
ATOM   201  N  NE2 . HIS A 1 30  ? -4.729  -18.063 -5.653  1.00 22.40 ? 26  HIS A NE2 1 
ATOM   202  N  N   . ASP A 1 31  ? 1.069   -16.962 -3.339  1.00 18.60 ? 27  ASP A N   1 
ATOM   203  C  CA  . ASP A 1 31  ? 2.009   -15.922 -2.948  1.00 17.69 ? 27  ASP A CA  1 
ATOM   204  C  C   . ASP A 1 31  ? 1.427   -14.587 -3.389  1.00 20.05 ? 27  ASP A C   1 
ATOM   205  O  O   . ASP A 1 31  ? 0.859   -14.488 -4.481  1.00 20.02 ? 27  ASP A O   1 
ATOM   206  C  CB  . ASP A 1 31  ? 3.378   -16.125 -3.601  1.00 22.35 ? 27  ASP A CB  1 
ATOM   207  C  CG  . ASP A 1 31  ? 4.078   -17.385 -3.124  1.00 26.39 ? 27  ASP A CG  1 
ATOM   208  O  OD1 . ASP A 1 31  ? 3.750   -17.873 -2.022  1.00 24.86 ? 27  ASP A OD1 1 
ATOM   209  O  OD2 . ASP A 1 31  ? 4.954   -17.890 -3.861  1.00 28.12 ? 27  ASP A OD2 1 
ATOM   210  N  N   . TRP A 1 32  ? 1.555   -13.564 -2.543  1.00 17.61 ? 28  TRP A N   1 
ATOM   211  C  CA  . TRP A 1 32  ? 1.065   -12.247 -2.924  1.00 17.39 ? 28  TRP A CA  1 
ATOM   212  C  C   . TRP A 1 32  ? 1.967   -11.143 -2.387  1.00 16.44 ? 28  TRP A C   1 
ATOM   213  O  O   . TRP A 1 32  ? 2.781   -11.343 -1.480  1.00 16.94 ? 28  TRP A O   1 
ATOM   214  C  CB  . TRP A 1 32  ? -0.402  -12.024 -2.491  1.00 17.17 ? 28  TRP A CB  1 
ATOM   215  C  CG  . TRP A 1 32  ? -0.740  -12.182 -1.030  1.00 16.97 ? 28  TRP A CG  1 
ATOM   216  C  CD1 . TRP A 1 32  ? -1.396  -13.238 -0.457  1.00 19.82 ? 28  TRP A CD1 1 
ATOM   217  C  CD2 . TRP A 1 32  ? -0.518  -11.232 0.027   1.00 16.17 ? 28  TRP A CD2 1 
ATOM   218  N  NE1 . TRP A 1 32  ? -1.569  -13.018 0.889   1.00 19.44 ? 28  TRP A NE1 1 
ATOM   219  C  CE2 . TRP A 1 32  ? -1.036  -11.798 1.213   1.00 19.98 ? 28  TRP A CE2 1 
ATOM   220  C  CE3 . TRP A 1 32  ? 0.082   -9.973  0.088   1.00 18.66 ? 28  TRP A CE3 1 
ATOM   221  C  CZ2 . TRP A 1 32  ? -0.976  -11.142 2.444   1.00 22.38 ? 28  TRP A CZ2 1 
ATOM   222  C  CZ3 . TRP A 1 32  ? 0.146   -9.321  1.320   1.00 20.15 ? 28  TRP A CZ3 1 
ATOM   223  C  CH2 . TRP A 1 32  ? -0.379  -9.909  2.478   1.00 18.63 ? 28  TRP A CH2 1 
ATOM   224  N  N   . MET A 1 33  ? 1.821   -9.975  -3.027  1.00 17.15 ? 29  MET A N   1 
ATOM   225  C  CA  . MET A 1 33  ? 2.606   -8.764  -2.689  1.00 13.54 ? 29  MET A CA  1 
ATOM   226  C  C   . MET A 1 33  ? 1.679   -7.565  -2.878  1.00 17.98 ? 29  MET A C   1 
ATOM   227  O  O   . MET A 1 33  ? 1.092   -7.482  -3.926  1.00 15.76 ? 29  MET A O   1 
ATOM   228  C  CB  . MET A 1 33  ? 3.807   -8.599  -3.621  1.00 20.36 ? 29  MET A CB  1 
ATOM   229  C  CG  . MET A 1 33  ? 4.748   -7.467  -3.277  1.00 26.37 ? 29  MET A CG  1 
ATOM   230  S  SD  . MET A 1 33  ? 4.349   -5.894  -4.074  1.00 28.01 ? 29  MET A SD  1 
ATOM   231  C  CE  . MET A 1 33  ? 4.437   -6.300  -5.813  1.00 27.99 ? 29  MET A CE  1 
ATOM   232  N  N   . VAL A 1 34  ? 1.555   -6.711  -1.878  1.00 16.80 ? 30  VAL A N   1 
ATOM   233  C  CA  . VAL A 1 34  ? 0.752   -5.496  -1.930  1.00 18.66 ? 30  VAL A CA  1 
ATOM   234  C  C   . VAL A 1 34  ? 1.682   -4.306  -1.723  1.00 18.94 ? 30  VAL A C   1 
ATOM   235  O  O   . VAL A 1 34  ? 2.677   -4.395  -0.995  1.00 17.25 ? 30  VAL A O   1 
ATOM   236  C  CB  . VAL A 1 34  ? -0.389  -5.523  -0.884  1.00 16.43 ? 30  VAL A CB  1 
ATOM   237  C  CG1 . VAL A 1 34  ? 0.171   -5.652  0.529   1.00 16.97 ? 30  VAL A CG1 1 
ATOM   238  C  CG2 . VAL A 1 34  ? -1.283  -4.293  -1.015  1.00 16.36 ? 30  VAL A CG2 1 
ATOM   239  N  N   . PHE A 1 35  ? 1.381   -3.193  -2.393  1.00 18.74 ? 31  PHE A N   1 
ATOM   240  C  CA  . PHE A 1 35  ? 2.327   -2.086  -2.403  1.00 17.43 ? 31  PHE A CA  1 
ATOM   241  C  C   . PHE A 1 35  ? 1.607   -0.746  -2.469  1.00 17.24 ? 31  PHE A C   1 
ATOM   242  O  O   . PHE A 1 35  ? 0.463   -0.646  -2.921  1.00 18.37 ? 31  PHE A O   1 
ATOM   243  C  CB  . PHE A 1 35  ? 3.318   -2.213  -3.572  1.00 18.79 ? 31  PHE A CB  1 
ATOM   244  C  CG  . PHE A 1 35  ? 2.671   -2.149  -4.935  1.00 18.83 ? 31  PHE A CG  1 
ATOM   245  C  CD1 . PHE A 1 35  ? 2.410   -0.926  -5.542  1.00 20.55 ? 31  PHE A CD1 1 
ATOM   246  C  CD2 . PHE A 1 35  ? 2.327   -3.313  -5.608  1.00 21.88 ? 31  PHE A CD2 1 
ATOM   247  C  CE1 . PHE A 1 35  ? 1.813   -0.865  -6.791  1.00 23.73 ? 31  PHE A CE1 1 
ATOM   248  C  CE2 . PHE A 1 35  ? 1.732   -3.260  -6.864  1.00 19.29 ? 31  PHE A CE2 1 
ATOM   249  C  CZ  . PHE A 1 35  ? 1.475   -2.034  -7.454  1.00 22.52 ? 31  PHE A CZ  1 
ATOM   250  N  N   . VAL A 1 36  ? 2.316   0.284   -2.009  1.00 18.86 ? 32  VAL A N   1 
ATOM   251  C  CA  . VAL A 1 36  ? 1.956   1.686   -2.189  1.00 18.02 ? 32  VAL A CA  1 
ATOM   252  C  C   . VAL A 1 36  ? 3.148   2.372   -2.844  1.00 19.89 ? 32  VAL A C   1 
ATOM   253  O  O   . VAL A 1 36  ? 4.286   2.215   -2.386  1.00 22.75 ? 32  VAL A O   1 
ATOM   254  C  CB  . VAL A 1 36  ? 1.614   2.363   -0.846  1.00 21.32 ? 32  VAL A CB  1 
ATOM   255  C  CG1 . VAL A 1 36  ? 1.485   3.877   -1.020  1.00 24.10 ? 32  VAL A CG1 1 
ATOM   256  C  CG2 . VAL A 1 36  ? 0.350   1.764   -0.240  1.00 19.86 ? 32  VAL A CG2 1 
ATOM   257  N  N   . ARG A 1 37  ? 2.900   3.119   -3.917  1.00 20.80 ? 33  ARG A N   1 
ATOM   258  C  CA  . ARG A 1 37  ? 3.989   3.780   -4.619  1.00 21.77 ? 33  ARG A CA  1 
ATOM   259  C  C   . ARG A 1 37  ? 3.460   5.033   -5.302  1.00 19.37 ? 33  ARG A C   1 
ATOM   260  O  O   . ARG A 1 37  ? 2.250   5.245   -5.416  1.00 25.42 ? 33  ARG A O   1 
ATOM   261  C  CB  . ARG A 1 37  ? 4.635   2.854   -5.654  1.00 25.42 ? 33  ARG A CB  1 
ATOM   262  C  CG  . ARG A 1 37  ? 3.689   2.480   -6.787  1.00 20.94 ? 33  ARG A CG  1 
ATOM   263  C  CD  . ARG A 1 37  ? 4.380   1.673   -7.875  1.00 25.62 ? 33  ARG A CD  1 
ATOM   264  N  NE  . ARG A 1 37  ? 3.502   1.494   -9.025  1.00 28.81 ? 33  ARG A NE  1 
ATOM   265  C  CZ  . ARG A 1 37  ? 3.452   0.401   -9.775  1.00 33.67 ? 33  ARG A CZ  1 
ATOM   266  N  NH1 . ARG A 1 37  ? 4.222   -0.645  -9.527  1.00 32.76 ? 33  ARG A NH1 1 
ATOM   267  N  NH2 . ARG A 1 37  ? 2.607   0.359   -10.801 1.00 30.46 ? 33  ARG A NH2 1 
ATOM   268  N  N   . GLY A 1 38  ? 4.391   5.863   -5.760  1.00 25.72 ? 34  GLY A N   1 
ATOM   269  C  CA  . GLY A 1 38  ? 4.058   6.985   -6.602  1.00 26.28 ? 34  GLY A CA  1 
ATOM   270  C  C   . GLY A 1 38  ? 4.054   6.573   -8.059  1.00 31.76 ? 34  GLY A C   1 
ATOM   271  O  O   . GLY A 1 38  ? 4.749   5.633   -8.461  1.00 30.49 ? 34  GLY A O   1 
ATOM   272  N  N   . PRO A 1 39  ? 3.255   7.254   -8.875  1.00 28.96 ? 35  PRO A N   1 
ATOM   273  C  CA  . PRO A 1 39  ? 3.189   6.901   -10.298 1.00 33.05 ? 35  PRO A CA  1 
ATOM   274  C  C   . PRO A 1 39  ? 4.470   7.275   -11.023 1.00 37.37 ? 35  PRO A C   1 
ATOM   275  O  O   . PRO A 1 39  ? 5.128   8.263   -10.692 1.00 39.41 ? 35  PRO A O   1 
ATOM   276  C  CB  . PRO A 1 39  ? 2.006   7.733   -10.813 1.00 29.81 ? 35  PRO A CB  1 
ATOM   277  C  CG  . PRO A 1 39  ? 1.192   8.013   -9.590  1.00 35.75 ? 35  PRO A CG  1 
ATOM   278  C  CD  . PRO A 1 39  ? 2.222   8.238   -8.517  1.00 29.16 ? 35  PRO A CD  1 
ATOM   279  N  N   . GLU A 1 40  ? 4.810   6.470   -12.030 1.00 33.08 ? 36  GLU A N   1 
ATOM   280  C  CA  . GLU A 1 40  ? 5.931   6.735   -12.945 1.00 36.63 ? 36  GLU A CA  1 
ATOM   281  C  C   . GLU A 1 40  ? 7.196   6.934   -12.109 1.00 40.55 ? 36  GLU A C   1 
ATOM   282  O  O   . GLU A 1 40  ? 7.524   6.064   -11.290 1.00 44.88 ? 36  GLU A O   1 
ATOM   283  C  CB  . GLU A 1 40  ? 5.562   7.894   -13.863 1.00 42.29 ? 36  GLU A CB  1 
ATOM   284  N  N   . HIS A 1 41  ? 7.922   8.041   -12.270 1.00 38.35 ? 37  HIS A N   1 
ATOM   285  C  CA  . HIS A 1 41  ? 9.148   8.285   -11.522 1.00 40.31 ? 37  HIS A CA  1 
ATOM   286  C  C   . HIS A 1 41  ? 8.921   9.166   -10.299 1.00 39.10 ? 37  HIS A C   1 
ATOM   287  O  O   . HIS A 1 41  ? 9.855   9.833   -9.843  1.00 44.44 ? 37  HIS A O   1 
ATOM   288  C  CB  . HIS A 1 41  ? 10.211  8.912   -12.427 1.00 46.36 ? 37  HIS A CB  1 
ATOM   289  C  CG  . HIS A 1 41  ? 10.441  8.168   -13.707 1.00 53.49 ? 37  HIS A CG  1 
ATOM   290  N  ND1 . HIS A 1 41  ? 11.053  8.742   -14.799 1.00 53.85 ? 37  HIS A ND1 1 
ATOM   291  C  CD2 . HIS A 1 41  ? 10.145  6.896   -14.067 1.00 54.69 ? 37  HIS A CD2 1 
ATOM   292  C  CE1 . HIS A 1 41  ? 11.123  7.859   -15.779 1.00 56.71 ? 37  HIS A CE1 1 
ATOM   293  N  NE2 . HIS A 1 41  ? 10.578  6.730   -15.361 1.00 55.16 ? 37  HIS A NE2 1 
ATOM   294  N  N   . SER A 1 42  ? 7.704   9.186   -9.761  1.00 36.01 ? 38  SER A N   1 
ATOM   295  C  CA  . SER A 1 42  ? 7.417   9.992   -8.582  1.00 31.95 ? 38  SER A CA  1 
ATOM   296  C  C   . SER A 1 42  ? 7.930   9.292   -7.329  1.00 34.62 ? 38  SER A C   1 
ATOM   297  O  O   . SER A 1 42  ? 7.664   8.105   -7.119  1.00 35.73 ? 38  SER A O   1 
ATOM   298  C  CB  . SER A 1 42  ? 5.917   10.254  -8.458  1.00 34.89 ? 38  SER A CB  1 
ATOM   299  O  OG  . SER A 1 42  ? 5.620   10.918  -7.242  1.00 45.38 ? 38  SER A OG  1 
ATOM   300  N  N   . ASN A 1 43  ? 8.667   10.031  -6.501  1.00 33.09 ? 39  ASN A N   1 
ATOM   301  C  CA  . ASN A 1 43  ? 9.221   9.507   -5.253  1.00 26.39 ? 39  ASN A CA  1 
ATOM   302  C  C   . ASN A 1 43  ? 8.383   10.029  -4.092  1.00 25.44 ? 39  ASN A C   1 
ATOM   303  O  O   . ASN A 1 43  ? 8.576   11.157  -3.633  1.00 23.89 ? 39  ASN A O   1 
ATOM   304  C  CB  . ASN A 1 43  ? 10.685  9.902   -5.098  1.00 28.82 ? 39  ASN A CB  1 
ATOM   305  C  CG  . ASN A 1 43  ? 11.394  9.084   -4.038  1.00 32.04 ? 39  ASN A CG  1 
ATOM   306  O  OD1 . ASN A 1 43  ? 10.767  8.316   -3.306  1.00 33.21 ? 39  ASN A OD1 1 
ATOM   307  N  ND2 . ASN A 1 43  ? 12.711  9.235   -3.956  1.00 38.09 ? 39  ASN A ND2 1 
ATOM   308  N  N   . ILE A 1 44  ? 7.462   9.196   -3.600  1.00 22.07 ? 40  ILE A N   1 
ATOM   309  C  CA  . ILE A 1 44  ? 6.569   9.647   -2.535  1.00 20.22 ? 40  ILE A CA  1 
ATOM   310  C  C   . ILE A 1 44  ? 7.247   9.680   -1.177  1.00 24.14 ? 40  ILE A C   1 
ATOM   311  O  O   . ILE A 1 44  ? 6.644   10.163  -0.210  1.00 19.87 ? 40  ILE A O   1 
ATOM   312  C  CB  . ILE A 1 44  ? 5.296   8.784   -2.484  1.00 21.20 ? 40  ILE A CB  1 
ATOM   313  C  CG1 . ILE A 1 44  ? 5.635   7.306   -2.279  1.00 18.14 ? 40  ILE A CG1 1 
ATOM   314  C  CG2 . ILE A 1 44  ? 4.470   8.982   -3.750  1.00 21.21 ? 40  ILE A CG2 1 
ATOM   315  C  CD1 . ILE A 1 44  ? 4.487   6.497   -1.740  1.00 20.67 ? 40  ILE A CD1 1 
ATOM   316  N  N   . GLN A 1 45  ? 8.493   9.205   -1.075  1.00 19.81 ? 41  GLN A N   1 
ATOM   317  C  CA  . GLN A 1 45  ? 9.219   9.317   0.185   1.00 20.53 ? 41  GLN A CA  1 
ATOM   318  C  C   . GLN A 1 45  ? 9.433   10.772  0.589   1.00 19.90 ? 41  GLN A C   1 
ATOM   319  O  O   . GLN A 1 45  ? 9.705   11.048  1.760   1.00 20.30 ? 41  GLN A O   1 
ATOM   320  C  CB  . GLN A 1 45  ? 10.561  8.582   0.092   1.00 24.34 ? 41  GLN A CB  1 
ATOM   321  C  CG  . GLN A 1 45  ? 11.241  8.368   1.440   1.00 25.49 ? 41  GLN A CG  1 
ATOM   322  C  CD  . GLN A 1 45  ? 12.647  7.810   1.318   1.00 30.69 ? 41  GLN A CD  1 
ATOM   323  O  OE1 . GLN A 1 45  ? 13.282  7.913   0.268   1.00 35.24 ? 41  GLN A OE1 1 
ATOM   324  N  NE2 . GLN A 1 45  ? 13.138  7.214   2.395   1.00 35.23 ? 41  GLN A NE2 1 
ATOM   325  N  N   . HIS A 1 46  ? 9.288   11.712  -0.348  1.00 16.84 ? 42  HIS A N   1 
ATOM   326  C  CA  . HIS A 1 46  ? 9.396   13.122  0.010   1.00 17.12 ? 42  HIS A CA  1 
ATOM   327  C  C   . HIS A 1 46  ? 8.333   13.539  1.016   1.00 17.06 ? 42  HIS A C   1 
ATOM   328  O  O   . HIS A 1 46  ? 8.601   14.383  1.874   1.00 23.11 ? 42  HIS A O   1 
ATOM   329  C  CB  . HIS A 1 46  ? 9.309   13.996  -1.241  1.00 20.24 ? 42  HIS A CB  1 
ATOM   330  C  CG  . HIS A 1 46  ? 10.573  14.019  -2.038  1.00 20.04 ? 42  HIS A CG  1 
ATOM   331  N  ND1 . HIS A 1 46  ? 11.720  14.639  -1.590  1.00 20.98 ? 42  HIS A ND1 1 
ATOM   332  C  CD2 . HIS A 1 46  ? 10.881  13.479  -3.241  1.00 23.39 ? 42  HIS A CD2 1 
ATOM   333  C  CE1 . HIS A 1 46  ? 12.678  14.488  -2.487  1.00 27.69 ? 42  HIS A CE1 1 
ATOM   334  N  NE2 . HIS A 1 46  ? 12.195  13.786  -3.498  1.00 25.03 ? 42  HIS A NE2 1 
ATOM   335  N  N   . PHE A 1 47  ? 7.129   12.967  0.939   1.00 16.57 ? 43  PHE A N   1 
ATOM   336  C  CA  . PHE A 1 47  ? 6.058   13.365  1.843   1.00 17.08 ? 43  PHE A CA  1 
ATOM   337  C  C   . PHE A 1 47  ? 5.470   12.223  2.664   1.00 19.87 ? 43  PHE A C   1 
ATOM   338  O  O   . PHE A 1 47  ? 4.608   12.478  3.515   1.00 21.08 ? 43  PHE A O   1 
ATOM   339  C  CB  . PHE A 1 47  ? 4.934   14.089  1.071   1.00 17.62 ? 43  PHE A CB  1 
ATOM   340  C  CG  . PHE A 1 47  ? 4.199   13.230  0.063   1.00 17.81 ? 43  PHE A CG  1 
ATOM   341  C  CD1 . PHE A 1 47  ? 3.124   12.438  0.448   1.00 18.41 ? 43  PHE A CD1 1 
ATOM   342  C  CD2 . PHE A 1 47  ? 4.551   13.260  -1.279  1.00 21.00 ? 43  PHE A CD2 1 
ATOM   343  C  CE1 . PHE A 1 47  ? 2.437   11.663  -0.483  1.00 19.04 ? 43  PHE A CE1 1 
ATOM   344  C  CE2 . PHE A 1 47  ? 3.865   12.487  -2.217  1.00 21.38 ? 43  PHE A CE2 1 
ATOM   345  C  CZ  . PHE A 1 47  ? 2.811   11.688  -1.818  1.00 21.13 ? 43  PHE A CZ  1 
ATOM   346  N  N   . VAL A 1 48  ? 5.916   10.985  2.464   1.00 18.58 ? 44  VAL A N   1 
ATOM   347  C  CA  . VAL A 1 48  ? 5.388   9.841   3.199   1.00 17.27 ? 44  VAL A CA  1 
ATOM   348  C  C   . VAL A 1 48  ? 6.331   9.511   4.348   1.00 20.56 ? 44  VAL A C   1 
ATOM   349  O  O   . VAL A 1 48  ? 7.522   9.247   4.139   1.00 19.90 ? 44  VAL A O   1 
ATOM   350  C  CB  . VAL A 1 48  ? 5.183   8.625   2.283   1.00 17.49 ? 44  VAL A CB  1 
ATOM   351  C  CG1 . VAL A 1 48  ? 4.905   7.383   3.110   1.00 17.98 ? 44  VAL A CG1 1 
ATOM   352  C  CG2 . VAL A 1 48  ? 4.035   8.893   1.320   1.00 19.61 ? 44  VAL A CG2 1 
ATOM   353  N  N   . GLU A 1 49  ? 5.786   9.527   5.563   1.00 18.40 ? 45  GLU A N   1 
ATOM   354  C  CA  . GLU A 1 49  ? 6.526   9.157   6.763   1.00 19.66 ? 45  GLU A CA  1 
ATOM   355  C  C   . GLU A 1 49  ? 6.658   7.645   6.879   1.00 23.23 ? 45  GLU A C   1 
ATOM   356  O  O   . GLU A 1 49  ? 7.760   7.117   7.066   1.00 20.73 ? 45  GLU A O   1 
ATOM   357  C  CB  . GLU A 1 49  ? 5.803   9.718   7.984   1.00 21.58 ? 45  GLU A CB  1 
ATOM   358  C  CG  . GLU A 1 49  ? 6.479   9.484   9.308   1.00 24.76 ? 45  GLU A CG  1 
ATOM   359  C  CD  . GLU A 1 49  ? 5.712   10.152  10.422  1.00 32.69 ? 45  GLU A CD  1 
ATOM   360  O  OE1 . GLU A 1 49  ? 4.673   9.594   10.839  1.00 34.91 ? 45  GLU A OE1 1 
ATOM   361  O  OE2 . GLU A 1 49  ? 6.122   11.250  10.852  1.00 34.81 ? 45  GLU A OE2 1 
ATOM   362  N  N   . LYS A 1 50  ? 5.535   6.944   6.777   1.00 17.92 ? 46  LYS A N   1 
ATOM   363  C  CA  . LYS A 1 50  ? 5.504   5.493   6.834   1.00 18.87 ? 46  LYS A CA  1 
ATOM   364  C  C   . LYS A 1 50  ? 4.194   5.030   6.226   1.00 18.31 ? 46  LYS A C   1 
ATOM   365  O  O   . LYS A 1 50  ? 3.228   5.792   6.133   1.00 21.46 ? 46  LYS A O   1 
ATOM   366  C  CB  . LYS A 1 50  ? 5.636   4.983   8.271   1.00 21.31 ? 46  LYS A CB  1 
ATOM   367  C  CG  . LYS A 1 50  ? 4.588   5.553   9.219   1.00 17.09 ? 46  LYS A CG  1 
ATOM   368  C  CD  . LYS A 1 50  ? 4.724   4.938   10.606  1.00 25.41 ? 46  LYS A CD  1 
ATOM   369  C  CE  . LYS A 1 50  ? 3.776   5.585   11.610  1.00 27.69 ? 46  LYS A CE  1 
ATOM   370  N  NZ  . LYS A 1 50  ? 4.194   6.969   11.972  1.00 29.22 ? 46  LYS A NZ  1 
ATOM   371  N  N   . VAL A 1 51  ? 4.174   3.769   5.812   1.00 19.30 ? 47  VAL A N   1 
ATOM   372  C  CA  . VAL A 1 51  ? 2.958   3.104   5.368   1.00 16.83 ? 47  VAL A CA  1 
ATOM   373  C  C   . VAL A 1 51  ? 2.740   1.905   6.279   1.00 20.36 ? 47  VAL A C   1 
ATOM   374  O  O   . VAL A 1 51  ? 3.664   1.109   6.494   1.00 20.22 ? 47  VAL A O   1 
ATOM   375  C  CB  . VAL A 1 51  ? 3.052   2.674   3.891   1.00 21.95 ? 47  VAL A CB  1 
ATOM   376  C  CG1 . VAL A 1 51  ? 1.789   1.931   3.473   1.00 19.57 ? 47  VAL A CG1 1 
ATOM   377  C  CG2 . VAL A 1 51  ? 3.297   3.886   3.006   1.00 18.53 ? 47  VAL A CG2 1 
ATOM   378  N  N   . VAL A 1 52  ? 1.536   1.794   6.833   1.00 15.95 ? 48  VAL A N   1 
ATOM   379  C  CA  . VAL A 1 52  ? 1.167   0.708   7.736   1.00 19.49 ? 48  VAL A CA  1 
ATOM   380  C  C   . VAL A 1 52  ? 0.160   -0.187  7.025   1.00 21.24 ? 48  VAL A C   1 
ATOM   381  O  O   . VAL A 1 52  ? -0.928  0.267   6.643   1.00 21.73 ? 48  VAL A O   1 
ATOM   382  C  CB  . VAL A 1 52  ? 0.596   1.240   9.058   1.00 21.08 ? 48  VAL A CB  1 
ATOM   383  C  CG1 . VAL A 1 52  ? 0.307   0.092   10.016  1.00 25.59 ? 48  VAL A CG1 1 
ATOM   384  C  CG2 . VAL A 1 52  ? 1.564   2.236   9.686   1.00 24.07 ? 48  VAL A CG2 1 
ATOM   385  N  N   . PHE A 1 53  ? 0.526   -1.454  6.841   1.00 21.98 ? 49  PHE A N   1 
ATOM   386  C  CA  . PHE A 1 53  ? -0.343  -2.464  6.249   1.00 16.62 ? 49  PHE A CA  1 
ATOM   387  C  C   . PHE A 1 53  ? -0.947  -3.306  7.367   1.00 23.40 ? 49  PHE A C   1 
ATOM   388  O  O   . PHE A 1 53  ? -0.217  -3.976  8.105   1.00 23.30 ? 49  PHE A O   1 
ATOM   389  C  CB  . PHE A 1 53  ? 0.433   -3.362  5.283   1.00 17.84 ? 49  PHE A CB  1 
ATOM   390  C  CG  . PHE A 1 53  ? 1.036   -2.636  4.111   1.00 20.74 ? 49  PHE A CG  1 
ATOM   391  C  CD1 . PHE A 1 53  ? 2.304   -2.084  4.196   1.00 19.07 ? 49  PHE A CD1 1 
ATOM   392  C  CD2 . PHE A 1 53  ? 0.342   -2.521  2.917   1.00 20.95 ? 49  PHE A CD2 1 
ATOM   393  C  CE1 . PHE A 1 53  ? 2.869   -1.429  3.116   1.00 20.23 ? 49  PHE A CE1 1 
ATOM   394  C  CE2 . PHE A 1 53  ? 0.897   -1.864  1.833   1.00 20.06 ? 49  PHE A CE2 1 
ATOM   395  C  CZ  . PHE A 1 53  ? 2.163   -1.316  1.933   1.00 20.54 ? 49  PHE A CZ  1 
ATOM   396  N  N   . HIS A 1 54  ? -2.271  -3.286  7.485   1.00 18.86 ? 50  HIS A N   1 
ATOM   397  C  CA  . HIS A 1 54  ? -2.971  -4.047  8.520   1.00 21.36 ? 50  HIS A CA  1 
ATOM   398  C  C   . HIS A 1 54  ? -3.442  -5.358  7.904   1.00 23.02 ? 50  HIS A C   1 
ATOM   399  O  O   . HIS A 1 54  ? -4.456  -5.395  7.205   1.00 22.35 ? 50  HIS A O   1 
ATOM   400  C  CB  . HIS A 1 54  ? -4.139  -3.256  9.096   1.00 21.65 ? 50  HIS A CB  1 
ATOM   401  C  CG  . HIS A 1 54  ? -3.734  -1.978  9.760   1.00 26.26 ? 50  HIS A CG  1 
ATOM   402  N  ND1 . HIS A 1 54  ? -3.306  -1.928  11.069  1.00 25.71 ? 50  HIS A ND1 1 
ATOM   403  C  CD2 . HIS A 1 54  ? -3.699  -0.704  9.302   1.00 23.56 ? 50  HIS A CD2 1 
ATOM   404  C  CE1 . HIS A 1 54  ? -3.019  -0.679  11.388  1.00 28.80 ? 50  HIS A CE1 1 
ATOM   405  N  NE2 . HIS A 1 54  ? -3.251  0.085   10.335  1.00 21.87 ? 50  HIS A NE2 1 
ATOM   406  N  N   . LEU A 1 55  ? -2.703  -6.434  8.169   1.00 22.01 ? 51  LEU A N   1 
ATOM   407  C  CA  . LEU A 1 55  ? -3.054  -7.736  7.626   1.00 20.94 ? 51  LEU A CA  1 
ATOM   408  C  C   . LEU A 1 55  ? -4.195  -8.362  8.426   1.00 23.36 ? 51  LEU A C   1 
ATOM   409  O  O   . LEU A 1 55  ? -4.548  -7.912  9.520   1.00 26.43 ? 51  LEU A O   1 
ATOM   410  C  CB  . LEU A 1 55  ? -1.838  -8.666  7.619   1.00 19.90 ? 51  LEU A CB  1 
ATOM   411  C  CG  . LEU A 1 55  ? -0.554  -8.140  6.971   1.00 24.18 ? 51  LEU A CG  1 
ATOM   412  C  CD1 . LEU A 1 55  ? 0.467   -9.265  6.769   1.00 22.26 ? 51  LEU A CD1 1 
ATOM   413  C  CD2 . LEU A 1 55  ? -0.856  -7.445  5.652   1.00 22.42 ? 51  LEU A CD2 1 
ATOM   414  N  N   . HIS A 1 56  ? -4.782  -9.413  7.857   1.00 21.75 ? 52  HIS A N   1 
ATOM   415  C  CA  . HIS A 1 56  ? -5.778  -10.190 8.581   1.00 21.57 ? 52  HIS A CA  1 
ATOM   416  C  C   . HIS A 1 56  ? -5.199  -10.688 9.901   1.00 23.30 ? 52  HIS A C   1 
ATOM   417  O  O   . HIS A 1 56  ? -4.002  -10.964 10.015  1.00 21.42 ? 52  HIS A O   1 
ATOM   418  C  CB  . HIS A 1 56  ? -6.254  -11.372 7.734   1.00 24.08 ? 52  HIS A CB  1 
ATOM   419  C  CG  . HIS A 1 56  ? -7.452  -12.076 8.294   1.00 21.99 ? 52  HIS A CG  1 
ATOM   420  N  ND1 . HIS A 1 56  ? -7.348  -13.169 9.129   1.00 31.23 ? 52  HIS A ND1 1 
ATOM   421  C  CD2 . HIS A 1 56  ? -8.777  -11.840 8.146   1.00 24.70 ? 52  HIS A CD2 1 
ATOM   422  C  CE1 . HIS A 1 56  ? -8.558  -13.575 9.470   1.00 28.23 ? 52  HIS A CE1 1 
ATOM   423  N  NE2 . HIS A 1 56  ? -9.443  -12.787 8.886   1.00 29.45 ? 52  HIS A NE2 1 
ATOM   424  N  N   . GLU A 1 57  ? -6.071  -10.795 10.907  1.00 25.97 ? 53  GLU A N   1 
ATOM   425  C  CA  . GLU A 1 57  ? -5.636  -11.166 12.251  1.00 27.72 ? 53  GLU A CA  1 
ATOM   426  C  C   . GLU A 1 57  ? -4.928  -12.515 12.295  1.00 30.59 ? 53  GLU A C   1 
ATOM   427  O  O   . GLU A 1 57  ? -4.121  -12.748 13.203  1.00 29.33 ? 53  GLU A O   1 
ATOM   428  C  CB  . GLU A 1 57  ? -6.840  -11.169 13.198  1.00 33.36 ? 53  GLU A CB  1 
ATOM   429  C  CG  . GLU A 1 57  ? -7.789  -12.342 13.000  1.00 39.68 ? 53  GLU A CG  1 
ATOM   430  C  CD  . GLU A 1 57  ? -9.118  -12.145 13.704  1.00 53.15 ? 53  GLU A CD  1 
ATOM   431  O  OE1 . GLU A 1 57  ? -9.226  -12.516 14.893  1.00 55.49 ? 53  GLU A OE1 1 
ATOM   432  O  OE2 . GLU A 1 57  ? -10.057 -11.623 13.065  1.00 52.95 ? 53  GLU A OE2 1 
ATOM   433  N  N   . SER A 1 58  ? -5.195  -13.402 11.334  1.00 25.95 ? 54  SER A N   1 
ATOM   434  C  CA  . SER A 1 58  ? -4.543  -14.707 11.304  1.00 27.89 ? 54  SER A CA  1 
ATOM   435  C  C   . SER A 1 58  ? -3.058  -14.627 10.970  1.00 34.05 ? 54  SER A C   1 
ATOM   436  O  O   . SER A 1 58  ? -2.348  -15.623 11.156  1.00 32.26 ? 54  SER A O   1 
ATOM   437  C  CB  . SER A 1 58  ? -5.243  -15.615 10.292  1.00 27.77 ? 54  SER A CB  1 
ATOM   438  O  OG  . SER A 1 58  ? -5.162  -15.073 8.983   1.00 24.55 ? 54  SER A OG  1 
ATOM   439  N  N   . PHE A 1 59  ? -2.572  -13.484 10.478  1.00 26.61 ? 55  PHE A N   1 
ATOM   440  C  CA  . PHE A 1 59  ? -1.168  -13.373 10.109  1.00 25.35 ? 55  PHE A CA  1 
ATOM   441  C  C   . PHE A 1 59  ? -0.317  -13.051 11.336  1.00 28.98 ? 55  PHE A C   1 
ATOM   442  O  O   . PHE A 1 59  ? -0.760  -12.319 12.224  1.00 28.16 ? 55  PHE A O   1 
ATOM   443  C  CB  . PHE A 1 59  ? -0.972  -12.288 9.047   1.00 25.78 ? 55  PHE A CB  1 
ATOM   444  C  CG  . PHE A 1 59  ? -1.344  -12.726 7.658   1.00 22.30 ? 55  PHE A CG  1 
ATOM   445  C  CD1 . PHE A 1 59  ? -2.658  -12.656 7.224   1.00 23.94 ? 55  PHE A CD1 1 
ATOM   446  C  CD2 . PHE A 1 59  ? -0.379  -13.212 6.789   1.00 28.68 ? 55  PHE A CD2 1 
ATOM   447  C  CE1 . PHE A 1 59  ? -3.002  -13.060 5.944   1.00 26.76 ? 55  PHE A CE1 1 
ATOM   448  C  CE2 . PHE A 1 59  ? -0.717  -13.621 5.511   1.00 25.57 ? 55  PHE A CE2 1 
ATOM   449  C  CZ  . PHE A 1 59  ? -2.031  -13.545 5.089   1.00 21.61 ? 55  PHE A CZ  1 
ATOM   450  N  N   . PRO A 1 60  ? 0.899   -13.591 11.413  1.00 30.00 ? 56  PRO A N   1 
ATOM   451  C  CA  . PRO A 1 60  ? 1.826   -13.153 12.462  1.00 33.98 ? 56  PRO A CA  1 
ATOM   452  C  C   . PRO A 1 60  ? 2.206   -11.695 12.262  1.00 33.78 ? 56  PRO A C   1 
ATOM   453  O  O   . PRO A 1 60  ? 2.459   -11.252 11.138  1.00 28.39 ? 56  PRO A O   1 
ATOM   454  C  CB  . PRO A 1 60  ? 3.039   -14.076 12.281  1.00 30.92 ? 56  PRO A CB  1 
ATOM   455  C  CG  . PRO A 1 60  ? 2.915   -14.611 10.892  1.00 34.87 ? 56  PRO A CG  1 
ATOM   456  C  CD  . PRO A 1 60  ? 1.451   -14.690 10.608  1.00 30.94 ? 56  PRO A CD  1 
ATOM   457  N  N   . ARG A 1 61  ? 2.257   -10.951 13.372  1.00 27.21 ? 57  ARG A N   1 
ATOM   458  C  CA  . ARG A 1 61  ? 2.572   -9.494  13.344  1.00 28.93 ? 57  ARG A CA  1 
ATOM   459  C  C   . ARG A 1 61  ? 1.674   -8.814  12.311  1.00 24.18 ? 57  ARG A C   1 
ATOM   460  O  O   . ARG A 1 61  ? 2.207   -8.300  11.342  1.00 30.40 ? 57  ARG A O   1 
ATOM   461  C  CB  . ARG A 1 61  ? 4.063   -9.288  13.077  1.00 31.78 ? 57  ARG A CB  1 
ATOM   462  C  CG  . ARG A 1 61  ? 4.964   -9.828  14.178  1.00 40.57 ? 57  ARG A CG  1 
ATOM   463  C  CD  . ARG A 1 61  ? 4.476   -9.475  15.571  1.00 31.80 ? 57  ARG A CD  1 
ATOM   464  N  NE  . ARG A 1 61  ? 4.894   -8.139  15.969  1.00 42.26 ? 57  ARG A NE  1 
ATOM   465  C  CZ  . ARG A 1 61  ? 4.777   -7.639  17.192  1.00 35.16 ? 57  ARG A CZ  1 
ATOM   466  N  NH1 . ARG A 1 61  ? 4.247   -8.360  18.164  1.00 39.48 ? 57  ARG A NH1 1 
ATOM   467  N  NH2 . ARG A 1 61  ? 5.194   -6.414  17.440  1.00 36.52 ? 57  ARG A NH2 1 
ATOM   468  N  N   . PRO A 1 62  ? 0.341   -8.768  12.489  1.00 24.23 ? 58  PRO A N   1 
ATOM   469  C  CA  . PRO A 1 62  ? -0.523  -8.267  11.407  1.00 25.62 ? 58  PRO A CA  1 
ATOM   470  C  C   . PRO A 1 62  ? -0.320  -6.795  11.084  1.00 27.64 ? 58  PRO A C   1 
ATOM   471  O  O   . PRO A 1 62  ? -0.714  -6.361  9.996   1.00 24.57 ? 58  PRO A O   1 
ATOM   472  C  CB  . PRO A 1 62  ? -1.940  -8.536  11.930  1.00 26.07 ? 58  PRO A CB  1 
ATOM   473  C  CG  . PRO A 1 62  ? -1.795  -8.636  13.407  1.00 31.16 ? 58  PRO A CG  1 
ATOM   474  C  CD  . PRO A 1 62  ? -0.434  -9.206  13.663  1.00 25.33 ? 58  PRO A CD  1 
ATOM   475  N  N   . LYS A 1 63  ? 0.276   -6.014  11.982  1.00 25.50 ? 59  LYS A N   1 
ATOM   476  C  CA  . LYS A 1 63  ? 0.564   -4.605  11.717  1.00 26.43 ? 59  LYS A CA  1 
ATOM   477  C  C   . LYS A 1 63  ? 1.967   -4.513  11.124  1.00 25.09 ? 59  LYS A C   1 
ATOM   478  O  O   . LYS A 1 63  ? 2.963   -4.563  11.848  1.00 30.29 ? 59  LYS A O   1 
ATOM   479  C  CB  . LYS A 1 63  ? 0.433   -3.778  12.992  1.00 27.82 ? 59  LYS A CB  1 
ATOM   480  C  CG  . LYS A 1 63  ? 0.718   -2.298  12.802  1.00 32.64 ? 59  LYS A CG  1 
ATOM   481  C  CD  . LYS A 1 63  ? 1.030   -1.616  14.127  1.00 33.76 ? 59  LYS A CD  1 
ATOM   482  C  CE  . LYS A 1 63  ? 0.949   -0.102  14.006  1.00 33.45 ? 59  LYS A CE  1 
ATOM   483  N  NZ  . LYS A 1 63  ? 1.636   0.582   15.137  1.00 39.46 ? 59  LYS A NZ  1 
ATOM   484  N  N   . ARG A 1 64  ? 2.047   -4.390  9.801   1.00 19.68 ? 60  ARG A N   1 
ATOM   485  C  CA  . ARG A 1 64  ? 3.322   -4.322  9.098   1.00 17.59 ? 60  ARG A CA  1 
ATOM   486  C  C   . ARG A 1 64  ? 3.622   -2.872  8.742   1.00 26.82 ? 60  ARG A C   1 
ATOM   487  O  O   . ARG A 1 64  ? 2.796   -2.201  8.110   1.00 22.80 ? 60  ARG A O   1 
ATOM   488  C  CB  . ARG A 1 64  ? 3.290   -5.185  7.835   1.00 23.70 ? 60  ARG A CB  1 
ATOM   489  C  CG  . ARG A 1 64  ? 2.864   -6.618  8.097   1.00 21.97 ? 60  ARG A CG  1 
ATOM   490  C  CD  . ARG A 1 64  ? 3.981   -7.433  8.739   1.00 19.77 ? 60  ARG A CD  1 
ATOM   491  N  NE  . ARG A 1 64  ? 3.531   -8.794  9.014   1.00 24.41 ? 60  ARG A NE  1 
ATOM   492  C  CZ  . ARG A 1 64  ? 3.685   -9.812  8.180   1.00 24.41 ? 60  ARG A CZ  1 
ATOM   493  N  NH1 . ARG A 1 64  ? 4.302   -9.668  7.019   1.00 27.88 ? 60  ARG A NH1 1 
ATOM   494  N  NH2 . ARG A 1 64  ? 3.203   -11.006 8.519   1.00 28.72 ? 60  ARG A NH2 1 
ATOM   495  N  N   . VAL A 1 65  ? 4.799   -2.395  9.134   1.00 22.06 ? 61  VAL A N   1 
ATOM   496  C  CA  . VAL A 1 65  ? 5.163   -0.988  9.001   1.00 22.65 ? 61  VAL A CA  1 
ATOM   497  C  C   . VAL A 1 65  ? 6.349   -0.866  8.056   1.00 22.70 ? 61  VAL A C   1 
ATOM   498  O  O   . VAL A 1 65  ? 7.391   -1.496  8.275   1.00 24.62 ? 61  VAL A O   1 
ATOM   499  C  CB  . VAL A 1 65  ? 5.498   -0.356  10.365  1.00 24.80 ? 61  VAL A CB  1 
ATOM   500  C  CG1 . VAL A 1 65  ? 5.849   1.118   10.191  1.00 26.47 ? 61  VAL A CG1 1 
ATOM   501  C  CG2 . VAL A 1 65  ? 4.346   -0.534  11.338  1.00 22.73 ? 61  VAL A CG2 1 
ATOM   502  N  N   . CYS A 1 66  ? 6.197   -0.049  7.015   1.00 20.63 ? 62  CYS A N   1 
ATOM   503  C  CA  . CYS A 1 66  ? 7.292   0.312   6.119   1.00 22.56 ? 62  CYS A CA  1 
ATOM   504  C  C   . CYS A 1 66  ? 7.619   1.788   6.311   1.00 24.51 ? 62  CYS A C   1 
ATOM   505  O  O   . CYS A 1 66  ? 6.865   2.660   5.863   1.00 19.17 ? 62  CYS A O   1 
ATOM   506  C  CB  . CYS A 1 66  ? 6.935   0.026   4.664   1.00 22.00 ? 62  CYS A CB  1 
ATOM   507  S  SG  . CYS A 1 66  ? 6.857   -1.715  4.264   1.00 22.42 ? 62  CYS A SG  1 
ATOM   508  N  N   . LYS A 1 67  ? 8.741   2.067   6.978   1.00 19.82 ? 63  LYS A N   1 
ATOM   509  C  CA  . LYS A 1 67  ? 9.212   3.441   7.110   1.00 20.66 ? 63  LYS A CA  1 
ATOM   510  C  C   . LYS A 1 67  ? 10.029  3.911   5.914   1.00 25.94 ? 63  LYS A C   1 
ATOM   511  O  O   . LYS A 1 67  ? 10.207  5.122   5.740   1.00 25.42 ? 63  LYS A O   1 
ATOM   512  C  CB  . LYS A 1 67  ? 10.052  3.598   8.383   1.00 28.57 ? 63  LYS A CB  1 
ATOM   513  C  CG  . LYS A 1 67  ? 9.244   3.466   9.662   1.00 35.93 ? 63  LYS A CG  1 
ATOM   514  C  CD  . LYS A 1 67  ? 10.005  3.991   10.872  1.00 40.59 ? 63  LYS A CD  1 
ATOM   515  C  CE  . LYS A 1 67  ? 10.596  2.860   11.690  1.00 39.96 ? 63  LYS A CE  1 
ATOM   516  N  NZ  . LYS A 1 67  ? 11.648  2.140   10.930  1.00 45.16 ? 63  LYS A NZ  1 
ATOM   517  N  N   . ASP A 1 68  ? 10.525  2.991   5.094   1.00 28.40 ? 64  ASP A N   1 
ATOM   518  C  CA  . ASP A 1 68  ? 11.320  3.315   3.923   1.00 24.80 ? 64  ASP A CA  1 
ATOM   519  C  C   . ASP A 1 68  ? 10.726  2.651   2.692   1.00 25.45 ? 64  ASP A C   1 
ATOM   520  O  O   . ASP A 1 68  ? 10.084  1.601   2.796   1.00 24.86 ? 64  ASP A O   1 
ATOM   521  C  CB  . ASP A 1 68  ? 12.776  2.852   4.090   1.00 32.03 ? 64  ASP A CB  1 
ATOM   522  C  CG  . ASP A 1 68  ? 13.569  3.745   5.013   1.00 33.99 ? 64  ASP A CG  1 
ATOM   523  O  OD1 . ASP A 1 68  ? 13.394  4.980   4.940   1.00 37.22 ? 64  ASP A OD1 1 
ATOM   524  O  OD2 . ASP A 1 68  ? 14.368  3.214   5.809   1.00 39.56 ? 64  ASP A OD2 1 
ATOM   525  N  N   . PRO A 1 69  ? 10.921  3.244   1.514   1.00 27.13 ? 65  PRO A N   1 
ATOM   526  C  CA  . PRO A 1 69  ? 10.515  2.565   0.286   1.00 24.95 ? 65  PRO A CA  1 
ATOM   527  C  C   . PRO A 1 69  ? 11.448  1.411   -0.018  1.00 27.18 ? 65  PRO A C   1 
ATOM   528  O  O   . PRO A 1 69  ? 12.640  1.445   0.338   1.00 27.24 ? 65  PRO A O   1 
ATOM   529  C  CB  . PRO A 1 69  ? 10.625  3.671   -0.779  1.00 28.03 ? 65  PRO A CB  1 
ATOM   530  C  CG  . PRO A 1 69  ? 11.668  4.583   -0.231  1.00 31.65 ? 65  PRO A CG  1 
ATOM   531  C  CD  . PRO A 1 69  ? 11.427  4.600   1.250   1.00 31.64 ? 65  PRO A CD  1 
ATOM   532  N  N   . PRO A 1 70  ? 10.957  0.353   -0.686  1.00 27.94 ? 66  PRO A N   1 
ATOM   533  C  CA  . PRO A 1 70  ? 9.579   0.177   -1.166  1.00 28.05 ? 66  PRO A CA  1 
ATOM   534  C  C   . PRO A 1 70  ? 8.573   -0.066  -0.046  1.00 25.73 ? 66  PRO A C   1 
ATOM   535  O  O   . PRO A 1 70  ? 8.853   -0.807  0.894   1.00 26.13 ? 66  PRO A O   1 
ATOM   536  C  CB  . PRO A 1 70  ? 9.675   -1.061  -2.065  1.00 31.77 ? 66  PRO A CB  1 
ATOM   537  C  CG  . PRO A 1 70  ? 10.851  -1.808  -1.542  1.00 34.81 ? 66  PRO A CG  1 
ATOM   538  C  CD  . PRO A 1 70  ? 11.826  -0.759  -1.100  1.00 31.75 ? 66  PRO A CD  1 
ATOM   539  N  N   . TYR A 1 71  ? 7.408   0.564   -0.152  1.00 21.02 ? 67  TYR A N   1 
ATOM   540  C  CA  . TYR A 1 71  ? 6.318   0.348   0.800   1.00 17.42 ? 67  TYR A CA  1 
ATOM   541  C  C   . TYR A 1 71  ? 5.522   -0.856  0.313   1.00 21.19 ? 67  TYR A C   1 
ATOM   542  O  O   . TYR A 1 71  ? 4.634   -0.729  -0.536  1.00 19.84 ? 67  TYR A O   1 
ATOM   543  C  CB  . TYR A 1 71  ? 5.449   1.593   0.915   1.00 16.36 ? 67  TYR A CB  1 
ATOM   544  C  CG  . TYR A 1 71  ? 6.234   2.866   1.160   1.00 18.18 ? 67  TYR A CG  1 
ATOM   545  C  CD1 . TYR A 1 71  ? 6.771   3.149   2.413   1.00 23.63 ? 67  TYR A CD1 1 
ATOM   546  C  CD2 . TYR A 1 71  ? 6.441   3.783   0.137   1.00 18.93 ? 67  TYR A CD2 1 
ATOM   547  C  CE1 . TYR A 1 71  ? 7.493   4.311   2.637   1.00 20.63 ? 67  TYR A CE1 1 
ATOM   548  C  CE2 . TYR A 1 71  ? 7.163   4.946   0.351   1.00 21.62 ? 67  TYR A CE2 1 
ATOM   549  C  CZ  . TYR A 1 71  ? 7.683   5.205   1.602   1.00 23.07 ? 67  TYR A CZ  1 
ATOM   550  O  OH  . TYR A 1 71  ? 8.397   6.363   1.810   1.00 22.18 ? 67  TYR A OH  1 
ATOM   551  N  N   . LYS A 1 72  ? 5.840   -2.034  0.844   1.00 19.39 ? 68  LYS A N   1 
ATOM   552  C  CA  . LYS A 1 72  ? 5.236   -3.253  0.331   1.00 18.35 ? 68  LYS A CA  1 
ATOM   553  C  C   . LYS A 1 72  ? 5.270   -4.337  1.395   1.00 23.13 ? 68  LYS A C   1 
ATOM   554  O  O   . LYS A 1 72  ? 6.042   -4.274  2.356   1.00 20.89 ? 68  LYS A O   1 
ATOM   555  C  CB  . LYS A 1 72  ? 5.948   -3.733  -0.937  1.00 18.82 ? 68  LYS A CB  1 
ATOM   556  C  CG  . LYS A 1 72  ? 7.400   -4.141  -0.725  1.00 25.01 ? 68  LYS A CG  1 
ATOM   557  C  CD  . LYS A 1 72  ? 8.052   -4.555  -2.041  1.00 31.10 ? 68  LYS A CD  1 
ATOM   558  C  CE  . LYS A 1 72  ? 9.165   -5.567  -1.818  1.00 44.37 ? 68  LYS A CE  1 
ATOM   559  N  NZ  . LYS A 1 72  ? 10.140  -5.571  -2.947  1.00 47.37 ? 68  LYS A NZ  1 
ATOM   560  N  N   . VAL A 1 73  ? 4.413   -5.334  1.206   1.00 17.85 ? 69  VAL A N   1 
ATOM   561  C  CA  . VAL A 1 73  ? 4.390   -6.528  2.040   1.00 19.91 ? 69  VAL A CA  1 
ATOM   562  C  C   . VAL A 1 73  ? 4.296   -7.727  1.110   1.00 24.05 ? 69  VAL A C   1 
ATOM   563  O  O   . VAL A 1 73  ? 3.447   -7.747  0.212   1.00 16.00 ? 69  VAL A O   1 
ATOM   564  C  CB  . VAL A 1 73  ? 3.210   -6.518  3.031   1.00 21.31 ? 69  VAL A CB  1 
ATOM   565  C  CG1 . VAL A 1 73  ? 3.027   -7.892  3.665   1.00 23.70 ? 69  VAL A CG1 1 
ATOM   566  C  CG2 . VAL A 1 73  ? 3.407   -5.441  4.095   1.00 19.63 ? 69  VAL A CG2 1 
ATOM   567  N  N   . GLU A 1 74  ? 5.183   -8.703  1.302   1.00 20.89 ? 70  GLU A N   1 
ATOM   568  C  CA  . GLU A 1 74  ? 5.149   -9.960  0.565   1.00 21.28 ? 70  GLU A CA  1 
ATOM   569  C  C   . GLU A 1 74  ? 4.800   -11.083 1.530   1.00 24.24 ? 70  GLU A C   1 
ATOM   570  O  O   . GLU A 1 74  ? 5.452   -11.236 2.570   1.00 22.54 ? 70  GLU A O   1 
ATOM   571  C  CB  . GLU A 1 74  ? 6.487   -10.240 -0.122  1.00 25.78 ? 70  GLU A CB  1 
ATOM   572  C  CG  . GLU A 1 74  ? 6.983   -9.097  -0.998  1.00 31.34 ? 70  GLU A CG  1 
ATOM   573  C  CD  . GLU A 1 74  ? 8.416   -9.287  -1.454  1.00 45.37 ? 70  GLU A CD  1 
ATOM   574  O  OE1 . GLU A 1 74  ? 9.337   -8.935  -0.687  1.00 53.04 ? 70  GLU A OE1 1 
ATOM   575  O  OE2 . GLU A 1 74  ? 8.622   -9.786  -2.579  1.00 50.96 ? 70  GLU A OE2 1 
ATOM   576  N  N   . GLU A 1 75  ? 3.771   -11.856 1.191   1.00 19.04 ? 71  GLU A N   1 
ATOM   577  C  CA  . GLU A 1 75  ? 3.284   -12.907 2.072   1.00 18.92 ? 71  GLU A CA  1 
ATOM   578  C  C   . GLU A 1 75  ? 2.762   -14.068 1.240   1.00 23.25 ? 71  GLU A C   1 
ATOM   579  O  O   . GLU A 1 75  ? 2.681   -13.997 0.013   1.00 16.96 ? 71  GLU A O   1 
ATOM   580  C  CB  . GLU A 1 75  ? 2.179   -12.394 3.001   1.00 20.16 ? 71  GLU A CB  1 
ATOM   581  C  CG  . GLU A 1 75  ? 2.667   -11.867 4.340   1.00 27.50 ? 71  GLU A CG  1 
ATOM   582  C  CD  . GLU A 1 75  ? 3.343   -12.933 5.182   1.00 33.79 ? 71  GLU A CD  1 
ATOM   583  O  OE1 . GLU A 1 75  ? 3.055   -14.133 4.982   1.00 31.26 ? 71  GLU A OE1 1 
ATOM   584  O  OE2 . GLU A 1 75  ? 4.165   -12.568 6.046   1.00 31.95 ? 71  GLU A OE2 1 
ATOM   585  N  N   . SER A 1 76  ? 2.408   -15.145 1.936   1.00 20.35 ? 72  SER A N   1 
ATOM   586  C  CA  . SER A 1 76  ? 1.673   -16.260 1.362   1.00 19.11 ? 72  SER A CA  1 
ATOM   587  C  C   . SER A 1 76  ? 0.382   -16.453 2.146   1.00 20.15 ? 72  SER A C   1 
ATOM   588  O  O   . SER A 1 76  ? 0.296   -16.092 3.323   1.00 19.79 ? 72  SER A O   1 
ATOM   589  C  CB  . SER A 1 76  ? 2.500   -17.546 1.378   1.00 17.96 ? 72  SER A CB  1 
ATOM   590  O  OG  . SER A 1 76  ? 3.537   -17.485 0.420   1.00 23.74 ? 72  SER A OG  1 
ATOM   591  N  N   . GLY A 1 77  ? -0.624  -17.017 1.487   1.00 18.70 ? 73  GLY A N   1 
ATOM   592  C  CA  . GLY A 1 77  ? -1.907  -17.191 2.143   1.00 24.15 ? 73  GLY A CA  1 
ATOM   593  C  C   . GLY A 1 77  ? -2.819  -18.067 1.315   1.00 23.01 ? 73  GLY A C   1 
ATOM   594  O  O   . GLY A 1 77  ? -2.443  -18.570 0.254   1.00 21.52 ? 73  GLY A O   1 
ATOM   595  N  N   . TYR A 1 78  ? -4.041  -18.246 1.819   1.00 19.55 ? 74  TYR A N   1 
ATOM   596  C  CA  . TYR A 1 78  ? -5.013  -19.104 1.161   1.00 21.64 ? 74  TYR A CA  1 
ATOM   597  C  C   . TYR A 1 78  ? -6.318  -18.410 0.802   1.00 22.82 ? 74  TYR A C   1 
ATOM   598  O  O   . TYR A 1 78  ? -7.149  -19.022 0.125   1.00 20.82 ? 74  TYR A O   1 
ATOM   599  C  CB  . TYR A 1 78  ? -5.325  -20.331 2.036   1.00 28.13 ? 74  TYR A CB  1 
ATOM   600  C  CG  . TYR A 1 78  ? -6.075  -20.008 3.313   1.00 27.56 ? 74  TYR A CG  1 
ATOM   601  C  CD1 . TYR A 1 78  ? -7.462  -19.951 3.335   1.00 29.53 ? 74  TYR A CD1 1 
ATOM   602  C  CD2 . TYR A 1 78  ? -5.390  -19.764 4.496   1.00 29.04 ? 74  TYR A CD2 1 
ATOM   603  C  CE1 . TYR A 1 78  ? -8.148  -19.653 4.497   1.00 31.86 ? 74  TYR A CE1 1 
ATOM   604  C  CE2 . TYR A 1 78  ? -6.070  -19.466 5.667   1.00 31.64 ? 74  TYR A CE2 1 
ATOM   605  C  CZ  . TYR A 1 78  ? -7.448  -19.414 5.658   1.00 34.79 ? 74  TYR A CZ  1 
ATOM   606  O  OH  . TYR A 1 78  ? -8.131  -19.121 6.818   1.00 40.44 ? 74  TYR A OH  1 
ATOM   607  N  N   . ALA A 1 79  ? -6.536  -17.169 1.236   1.00 18.81 ? 75  ALA A N   1 
ATOM   608  C  CA  . ALA A 1 79  ? -7.789  -16.493 0.945   1.00 18.63 ? 75  ALA A CA  1 
ATOM   609  C  C   . ALA A 1 79  ? -7.559  -14.990 0.907   1.00 18.99 ? 75  ALA A C   1 
ATOM   610  O  O   . ALA A 1 79  ? -6.646  -14.470 1.554   1.00 21.21 ? 75  ALA A O   1 
ATOM   611  C  CB  . ALA A 1 79  ? -8.866  -16.836 1.982   1.00 22.44 ? 75  ALA A CB  1 
ATOM   612  N  N   . GLY A 1 80  ? -8.401  -14.297 0.143   1.00 19.50 ? 76  GLY A N   1 
ATOM   613  C  CA  . GLY A 1 80  ? -8.332  -12.851 0.088   1.00 18.80 ? 76  GLY A CA  1 
ATOM   614  C  C   . GLY A 1 80  ? -9.029  -12.192 1.263   1.00 23.53 ? 76  GLY A C   1 
ATOM   615  O  O   . GLY A 1 80  ? -9.800  -12.812 1.993   1.00 25.40 ? 76  GLY A O   1 
ATOM   616  N  N   . PHE A 1 81  ? -8.752  -10.901 1.441   1.00 22.77 ? 77  PHE A N   1 
ATOM   617  C  CA  . PHE A 1 81  ? -9.312  -10.160 2.563   1.00 17.86 ? 77  PHE A CA  1 
ATOM   618  C  C   . PHE A 1 81  ? -9.177  -8.670  2.287   1.00 19.93 ? 77  PHE A C   1 
ATOM   619  O  O   . PHE A 1 81  ? -8.431  -8.247  1.402   1.00 18.61 ? 77  PHE A O   1 
ATOM   620  C  CB  . PHE A 1 81  ? -8.620  -10.527 3.883   1.00 19.10 ? 77  PHE A CB  1 
ATOM   621  C  CG  . PHE A 1 81  ? -7.124  -10.339 3.862   1.00 20.50 ? 77  PHE A CG  1 
ATOM   622  C  CD1 . PHE A 1 81  ? -6.293  -11.317 3.331   1.00 23.53 ? 77  PHE A CD1 1 
ATOM   623  C  CD2 . PHE A 1 81  ? -6.548  -9.189  4.384   1.00 19.00 ? 77  PHE A CD2 1 
ATOM   624  C  CE1 . PHE A 1 81  ? -4.919  -11.150 3.313   1.00 21.54 ? 77  PHE A CE1 1 
ATOM   625  C  CE2 . PHE A 1 81  ? -5.174  -9.014  4.371   1.00 21.10 ? 77  PHE A CE2 1 
ATOM   626  C  CZ  . PHE A 1 81  ? -4.356  -9.994  3.833   1.00 20.93 ? 77  PHE A CZ  1 
ATOM   627  N  N   . ILE A 1 82  ? -9.909  -7.880  3.064   1.00 25.38 ? 78  ILE A N   1 
ATOM   628  C  CA  . ILE A 1 82  ? -9.770  -6.428  3.020   1.00 20.51 ? 78  ILE A CA  1 
ATOM   629  C  C   . ILE A 1 82  ? -8.586  -6.023  3.887   1.00 21.57 ? 78  ILE A C   1 
ATOM   630  O  O   . ILE A 1 82  ? -8.497  -6.407  5.059   1.00 22.37 ? 78  ILE A O   1 
ATOM   631  C  CB  . ILE A 1 82  ? -11.057 -5.736  3.488   1.00 21.65 ? 78  ILE A CB  1 
ATOM   632  C  CG1 . ILE A 1 82  ? -12.229 -6.124  2.587   1.00 24.87 ? 78  ILE A CG1 1 
ATOM   633  C  CG2 . ILE A 1 82  ? -10.860 -4.222  3.508   1.00 19.71 ? 78  ILE A CG2 1 
ATOM   634  C  CD1 . ILE A 1 82  ? -13.569 -5.682  3.124   1.00 26.64 ? 78  ILE A CD1 1 
ATOM   635  N  N   . LEU A 1 83  ? -7.684  -5.230  3.316   1.00 15.80 ? 79  LEU A N   1 
ATOM   636  C  CA  . LEU A 1 83  ? -6.427  -4.861  3.960   1.00 16.67 ? 79  LEU A CA  1 
ATOM   637  C  C   . LEU A 1 83  ? -6.387  -3.351  4.142   1.00 20.13 ? 79  LEU A C   1 
ATOM   638  O  O   . LEU A 1 83  ? -6.102  -2.615  3.180   1.00 18.43 ? 79  LEU A O   1 
ATOM   639  C  CB  . LEU A 1 83  ? -5.240  -5.339  3.121   1.00 17.88 ? 79  LEU A CB  1 
ATOM   640  C  CG  . LEU A 1 83  ? -3.862  -5.526  3.764   1.00 18.75 ? 79  LEU A CG  1 
ATOM   641  C  CD1 . LEU A 1 83  ? -2.967  -6.331  2.834   1.00 21.05 ? 79  LEU A CD1 1 
ATOM   642  C  CD2 . LEU A 1 83  ? -3.200  -4.190  4.090   1.00 19.17 ? 79  LEU A CD2 1 
ATOM   643  N  N   . PRO A 1 84  ? -6.664  -2.840  5.342   1.00 20.26 ? 80  PRO A N   1 
ATOM   644  C  CA  . PRO A 1 84  ? -6.549  -1.393  5.571   1.00 21.31 ? 80  PRO A CA  1 
ATOM   645  C  C   . PRO A 1 84  ? -5.099  -0.949  5.467   1.00 22.31 ? 80  PRO A C   1 
ATOM   646  O  O   . PRO A 1 84  ? -4.207  -1.549  6.071   1.00 20.77 ? 80  PRO A O   1 
ATOM   647  C  CB  . PRO A 1 84  ? -7.096  -1.209  6.993   1.00 23.67 ? 80  PRO A CB  1 
ATOM   648  C  CG  . PRO A 1 84  ? -7.847  -2.483  7.299   1.00 22.80 ? 80  PRO A CG  1 
ATOM   649  C  CD  . PRO A 1 84  ? -7.111  -3.552  6.549   1.00 18.51 ? 80  PRO A CD  1 
ATOM   650  N  N   . ILE A 1 85  ? -4.872  0.109   4.691   1.00 19.69 ? 81  ILE A N   1 
ATOM   651  C  CA  . ILE A 1 85  ? -3.553  0.695   4.495   1.00 17.82 ? 81  ILE A CA  1 
ATOM   652  C  C   . ILE A 1 85  ? -3.600  2.138   4.976   1.00 22.08 ? 81  ILE A C   1 
ATOM   653  O  O   . ILE A 1 85  ? -4.444  2.920   4.520   1.00 20.53 ? 81  ILE A O   1 
ATOM   654  C  CB  . ILE A 1 85  ? -3.113  0.644   3.021   1.00 20.72 ? 81  ILE A CB  1 
ATOM   655  C  CG1 . ILE A 1 85  ? -3.055  -0.801  2.508   1.00 19.85 ? 81  ILE A CG1 1 
ATOM   656  C  CG2 . ILE A 1 85  ? -1.766  1.329   2.847   1.00 22.09 ? 81  ILE A CG2 1 
ATOM   657  C  CD1 . ILE A 1 85  ? -2.666  -0.901  1.044   1.00 23.26 ? 81  ILE A CD1 1 
ATOM   658  N  N   . GLU A 1 86  ? -2.699  2.487   5.888   1.00 20.26 ? 82  GLU A N   1 
ATOM   659  C  CA  . GLU A 1 86  ? -2.563  3.850   6.383   1.00 19.68 ? 82  GLU A CA  1 
ATOM   660  C  C   . GLU A 1 86  ? -1.267  4.444   5.853   1.00 18.29 ? 82  GLU A C   1 
ATOM   661  O  O   . GLU A 1 86  ? -0.193  3.865   6.043   1.00 20.76 ? 82  GLU A O   1 
ATOM   662  C  CB  . GLU A 1 86  ? -2.567  3.889   7.912   1.00 21.59 ? 82  GLU A CB  1 
ATOM   663  C  CG  . GLU A 1 86  ? -3.910  3.571   8.543   1.00 22.17 ? 82  GLU A CG  1 
ATOM   664  C  CD  . GLU A 1 86  ? -3.831  3.501   10.054  1.00 26.64 ? 82  GLU A CD  1 
ATOM   665  O  OE1 . GLU A 1 86  ? -2.980  2.746   10.567  1.00 27.65 ? 82  GLU A OE1 1 
ATOM   666  O  OE2 . GLU A 1 86  ? -4.613  4.204   10.723  1.00 33.59 ? 82  GLU A OE2 1 
ATOM   667  N  N   . VAL A 1 87  ? -1.367  5.593   5.192   1.00 16.21 ? 83  VAL A N   1 
ATOM   668  C  CA  . VAL A 1 87  ? -0.204  6.309   4.686   1.00 17.29 ? 83  VAL A CA  1 
ATOM   669  C  C   . VAL A 1 87  ? -0.016  7.527   5.579   1.00 18.76 ? 83  VAL A C   1 
ATOM   670  O  O   . VAL A 1 87  ? -0.865  8.426   5.598   1.00 17.58 ? 83  VAL A O   1 
ATOM   671  C  CB  . VAL A 1 87  ? -0.365  6.711   3.215   1.00 19.38 ? 83  VAL A CB  1 
ATOM   672  C  CG1 . VAL A 1 87  ? 0.864   7.466   2.741   1.00 18.30 ? 83  VAL A CG1 1 
ATOM   673  C  CG2 . VAL A 1 87  ? -0.611  5.481   2.351   1.00 17.46 ? 83  VAL A CG2 1 
ATOM   674  N  N   . TYR A 1 88  ? 1.077   7.538   6.340   1.00 17.40 ? 84  TYR A N   1 
ATOM   675  C  CA  . TYR A 1 88  ? 1.392   8.631   7.253   1.00 19.40 ? 84  TYR A CA  1 
ATOM   676  C  C   . TYR A 1 88  ? 2.250   9.664   6.539   1.00 16.29 ? 84  TYR A C   1 
ATOM   677  O  O   . TYR A 1 88  ? 3.135   9.315   5.756   1.00 19.02 ? 84  TYR A O   1 
ATOM   678  C  CB  . TYR A 1 88  ? 2.141   8.113   8.486   1.00 18.05 ? 84  TYR A CB  1 
ATOM   679  C  CG  . TYR A 1 88  ? 1.273   7.498   9.559   1.00 22.98 ? 84  TYR A CG  1 
ATOM   680  C  CD1 . TYR A 1 88  ? 0.757   6.217   9.413   1.00 22.74 ? 84  TYR A CD1 1 
ATOM   681  C  CD2 . TYR A 1 88  ? 0.989   8.188   10.729  1.00 22.81 ? 84  TYR A CD2 1 
ATOM   682  C  CE1 . TYR A 1 88  ? -0.030  5.647   10.397  1.00 22.87 ? 84  TYR A CE1 1 
ATOM   683  C  CE2 . TYR A 1 88  ? 0.202   7.627   11.719  1.00 24.74 ? 84  TYR A CE2 1 
ATOM   684  C  CZ  . TYR A 1 88  ? -0.303  6.356   11.548  1.00 28.90 ? 84  TYR A CZ  1 
ATOM   685  O  OH  . TYR A 1 88  ? -1.085  5.791   12.530  1.00 30.51 ? 84  TYR A OH  1 
ATOM   686  N  N   . PHE A 1 89  ? 2.006   10.938  6.830   1.00 20.72 ? 85  PHE A N   1 
ATOM   687  C  CA  . PHE A 1 89  ? 2.697   12.011  6.131   1.00 18.05 ? 85  PHE A CA  1 
ATOM   688  C  C   . PHE A 1 89  ? 3.789   12.632  6.993   1.00 21.26 ? 85  PHE A C   1 
ATOM   689  O  O   . PHE A 1 89  ? 3.718   12.632  8.226   1.00 18.63 ? 85  PHE A O   1 
ATOM   690  C  CB  . PHE A 1 89  ? 1.707   13.089  5.687   1.00 21.31 ? 85  PHE A CB  1 
ATOM   691  C  CG  . PHE A 1 89  ? 0.572   12.560  4.860   1.00 16.84 ? 85  PHE A CG  1 
ATOM   692  C  CD1 . PHE A 1 89  ? 0.819   11.862  3.689   1.00 18.14 ? 85  PHE A CD1 1 
ATOM   693  C  CD2 . PHE A 1 89  ? -0.740  12.758  5.255   1.00 19.13 ? 85  PHE A CD2 1 
ATOM   694  C  CE1 . PHE A 1 89  ? -0.223  11.375  2.929   1.00 19.28 ? 85  PHE A CE1 1 
ATOM   695  C  CE2 . PHE A 1 89  ? -1.785  12.270  4.501   1.00 21.40 ? 85  PHE A CE2 1 
ATOM   696  C  CZ  . PHE A 1 89  ? -1.526  11.578  3.338   1.00 19.27 ? 85  PHE A CZ  1 
ATOM   697  N  N   . LYS A 1 90  ? 4.806   13.166  6.318   1.00 21.41 ? 86  LYS A N   1 
ATOM   698  C  CA  . LYS A 1 90  ? 5.898   13.887  6.966   1.00 22.57 ? 86  LYS A CA  1 
ATOM   699  C  C   . LYS A 1 90  ? 5.420   15.307  7.254   1.00 22.46 ? 86  LYS A C   1 
ATOM   700  O  O   . LYS A 1 90  ? 5.725   16.265  6.541   1.00 21.66 ? 86  LYS A O   1 
ATOM   701  C  CB  . LYS A 1 90  ? 7.144   13.885  6.090   1.00 23.46 ? 86  LYS A CB  1 
ATOM   702  C  CG  . LYS A 1 90  ? 7.774   12.523  5.906   1.00 22.99 ? 86  LYS A CG  1 
ATOM   703  C  CD  . LYS A 1 90  ? 9.067   12.615  5.110   1.00 22.05 ? 86  LYS A CD  1 
ATOM   704  C  CE  . LYS A 1 90  ? 9.832   11.298  5.153   1.00 19.07 ? 86  LYS A CE  1 
ATOM   705  N  NZ  . LYS A 1 90  ? 10.964  11.270  4.192   1.00 24.60 ? 86  LYS A NZ  1 
ATOM   706  N  N   . ASN A 1 91  ? 4.631   15.434  8.316   1.00 18.94 ? 87  ASN A N   1 
ATOM   707  C  CA  . ASN A 1 91  ? 4.165   16.732  8.776   1.00 24.49 ? 87  ASN A CA  1 
ATOM   708  C  C   . ASN A 1 91  ? 3.876   16.642  10.268  1.00 28.40 ? 87  ASN A C   1 
ATOM   709  O  O   . ASN A 1 91  ? 4.084   15.604  10.905  1.00 21.20 ? 87  ASN A O   1 
ATOM   710  C  CB  . ASN A 1 91  ? 2.943   17.204  7.970   1.00 21.74 ? 87  ASN A CB  1 
ATOM   711  C  CG  . ASN A 1 91  ? 1.718   16.308  8.148   1.00 24.55 ? 87  ASN A CG  1 
ATOM   712  O  OD1 . ASN A 1 91  ? 1.543   15.651  9.175   1.00 27.60 ? 87  ASN A OD1 1 
ATOM   713  N  ND2 . ASN A 1 91  ? 0.853   16.298  7.143   1.00 23.47 ? 87  ASN A ND2 1 
ATOM   714  N  N   . LYS A 1 92  ? 3.402   17.751  10.823  1.00 25.76 ? 88  LYS A N   1 
ATOM   715  C  CA  . LYS A 1 92  ? 2.868   17.818  12.179  1.00 25.84 ? 88  LYS A CA  1 
ATOM   716  C  C   . LYS A 1 92  ? 1.564   18.600  12.166  1.00 31.77 ? 88  LYS A C   1 
ATOM   717  O  O   . LYS A 1 92  ? 1.316   19.485  12.988  1.00 28.33 ? 88  LYS A O   1 
ATOM   718  C  CB  . LYS A 1 92  ? 3.880   18.437  13.140  1.00 29.02 ? 88  LYS A CB  1 
ATOM   719  N  N   . GLU A 1 93  ? 0.710   18.270  11.199  1.00 24.40 ? 89  GLU A N   1 
ATOM   720  C  CA  . GLU A 1 93  ? -0.505  19.023  10.932  1.00 24.01 ? 89  GLU A CA  1 
ATOM   721  C  C   . GLU A 1 93  ? -1.589  18.062  10.466  1.00 25.67 ? 89  GLU A C   1 
ATOM   722  O  O   . GLU A 1 93  ? -1.324  16.898  10.153  1.00 26.68 ? 89  GLU A O   1 
ATOM   723  C  CB  . GLU A 1 93  ? -0.261  20.108  9.876   1.00 26.76 ? 89  GLU A CB  1 
ATOM   724  C  CG  . GLU A 1 93  ? -0.130  19.551  8.454   1.00 24.65 ? 89  GLU A CG  1 
ATOM   725  C  CD  . GLU A 1 93  ? 0.579   20.501  7.505   1.00 25.28 ? 89  GLU A CD  1 
ATOM   726  O  OE1 . GLU A 1 93  ? 1.798   20.714  7.678   1.00 25.86 ? 89  GLU A OE1 1 
ATOM   727  O  OE2 . GLU A 1 93  ? -0.077  21.031  6.581   1.00 22.94 ? 89  GLU A OE2 1 
ATOM   728  N  N   . GLU A 1 94  ? -2.814  18.561  10.420  1.00 25.93 ? 90  GLU A N   1 
ATOM   729  C  CA  . GLU A 1 94  ? -3.908  17.800  9.830   1.00 28.50 ? 90  GLU A CA  1 
ATOM   730  C  C   . GLU A 1 94  ? -3.796  17.835  8.309   1.00 29.82 ? 90  GLU A C   1 
ATOM   731  O  O   . GLU A 1 94  ? -3.597  18.913  7.736   1.00 30.71 ? 90  GLU A O   1 
ATOM   732  C  CB  . GLU A 1 94  ? -5.253  18.370  10.256  1.00 35.23 ? 90  GLU A CB  1 
ATOM   733  C  CG  . GLU A 1 94  ? -5.514  18.329  11.745  1.00 40.56 ? 90  GLU A CG  1 
ATOM   734  C  CD  . GLU A 1 94  ? -6.881  18.884  12.101  1.00 63.89 ? 90  GLU A CD  1 
ATOM   735  O  OE1 . GLU A 1 94  ? -7.193  20.013  11.664  1.00 62.19 ? 90  GLU A OE1 1 
ATOM   736  O  OE2 . GLU A 1 94  ? -7.644  18.193  12.810  1.00 73.10 ? 90  GLU A OE2 1 
ATOM   737  N  N   . PRO A 1 95  ? -3.907  16.687  7.622   1.00 31.62 ? 91  PRO A N   1 
ATOM   738  C  CA  . PRO A 1 95  ? -4.041  15.358  8.224   1.00 24.48 ? 91  PRO A CA  1 
ATOM   739  C  C   . PRO A 1 95  ? -2.696  14.695  8.484   1.00 22.95 ? 91  PRO A C   1 
ATOM   740  O  O   . PRO A 1 95  ? -1.752  14.879  7.712   1.00 24.34 ? 91  PRO A O   1 
ATOM   741  C  CB  . PRO A 1 95  ? -4.825  14.583  7.168   1.00 29.21 ? 91  PRO A CB  1 
ATOM   742  C  CG  . PRO A 1 95  ? -4.360  15.178  5.875   1.00 29.24 ? 91  PRO A CG  1 
ATOM   743  C  CD  . PRO A 1 95  ? -4.052  16.638  6.155   1.00 27.71 ? 91  PRO A CD  1 
ATOM   744  N  N   . ARG A 1 96  ? -2.604  13.926  9.569   1.00 19.40 ? 92  ARG A N   1 
ATOM   745  C  CA  . ARG A 1 96  ? -1.397  13.155  9.816   1.00 19.84 ? 92  ARG A CA  1 
ATOM   746  C  C   . ARG A 1 96  ? -1.306  11.932  8.913   1.00 20.15 ? 92  ARG A C   1 
ATOM   747  O  O   . ARG A 1 96  ? -0.199  11.457  8.645   1.00 20.71 ? 92  ARG A O   1 
ATOM   748  C  CB  . ARG A 1 96  ? -1.330  12.726  11.287  1.00 25.42 ? 92  ARG A CB  1 
ATOM   749  C  CG  . ARG A 1 96  ? -0.997  13.866  12.253  1.00 24.45 ? 92  ARG A CG  1 
ATOM   750  C  CD  . ARG A 1 96  ? 0.487   14.226  12.228  1.00 26.25 ? 92  ARG A CD  1 
ATOM   751  N  NE  . ARG A 1 96  ? 1.339   13.088  12.558  1.00 31.78 ? 92  ARG A NE  1 
ATOM   752  C  CZ  . ARG A 1 96  ? 2.096   12.437  11.683  1.00 34.78 ? 92  ARG A CZ  1 
ATOM   753  N  NH1 . ARG A 1 96  ? 2.155   12.801  10.413  1.00 28.99 ? 92  ARG A NH1 1 
ATOM   754  N  NH2 . ARG A 1 96  ? 2.809   11.391  12.093  1.00 28.08 ? 92  ARG A NH2 1 
ATOM   755  N  N   . LYS A 1 97  ? -2.438  11.430  8.426   1.00 22.52 ? 93  LYS A N   1 
ATOM   756  C  CA  . LYS A 1 97  ? -2.448  10.202  7.640   1.00 15.50 ? 93  LYS A CA  1 
ATOM   757  C  C   . LYS A 1 97  ? -3.729  10.145  6.821   1.00 18.77 ? 93  LYS A C   1 
ATOM   758  O  O   . LYS A 1 97  ? -4.659  10.929  7.026   1.00 24.24 ? 93  LYS A O   1 
ATOM   759  C  CB  . LYS A 1 97  ? -2.334  8.969   8.544   1.00 16.17 ? 93  LYS A CB  1 
ATOM   760  C  CG  . LYS A 1 97  ? -3.526  8.810   9.480   1.00 22.31 ? 93  LYS A CG  1 
ATOM   761  C  CD  . LYS A 1 97  ? -3.334  7.662   10.454  1.00 27.10 ? 93  LYS A CD  1 
ATOM   762  C  CE  . LYS A 1 97  ? -4.571  7.461   11.315  1.00 32.89 ? 93  LYS A CE  1 
ATOM   763  N  NZ  . LYS A 1 97  ? -4.366  6.383   12.326  1.00 29.47 ? 93  LYS A NZ  1 
ATOM   764  N  N   . VAL A 1 98  ? -3.768  9.191   5.892   1.00 18.16 ? 94  VAL A N   1 
ATOM   765  C  CA  . VAL A 1 98  ? -4.971  8.847   5.146   1.00 22.68 ? 94  VAL A CA  1 
ATOM   766  C  C   . VAL A 1 98  ? -5.081  7.329   5.154   1.00 23.97 ? 94  VAL A C   1 
ATOM   767  O  O   . VAL A 1 98  ? -4.073  6.621   5.232   1.00 23.77 ? 94  VAL A O   1 
ATOM   768  C  CB  . VAL A 1 98  ? -4.947  9.404   3.702   1.00 28.42 ? 94  VAL A CB  1 
ATOM   769  C  CG1 . VAL A 1 98  ? -3.782  8.824   2.914   1.00 24.17 ? 94  VAL A CG1 1 
ATOM   770  C  CG2 . VAL A 1 98  ? -6.275  9.159   2.988   1.00 30.65 ? 94  VAL A CG2 1 
ATOM   771  N  N   . ARG A 1 99  ? -6.310  6.826   5.100   1.00 23.30 ? 95  ARG A N   1 
ATOM   772  C  CA  . ARG A 1 99  ? -6.545  5.390   5.141   1.00 23.94 ? 95  ARG A CA  1 
ATOM   773  C  C   . ARG A 1 99  ? -7.277  4.931   3.886   1.00 28.45 ? 95  ARG A C   1 
ATOM   774  O  O   . ARG A 1 99  ? -8.232  5.574   3.433   1.00 20.69 ? 95  ARG A O   1 
ATOM   775  C  CB  . ARG A 1 99  ? -7.343  4.993   6.385   1.00 22.62 ? 95  ARG A CB  1 
ATOM   776  C  CG  . ARG A 1 99  ? -7.585  3.494   6.492   1.00 22.14 ? 95  ARG A CG  1 
ATOM   777  C  CD  . ARG A 1 99  ? -8.592  3.168   7.570   1.00 31.49 ? 95  ARG A CD  1 
ATOM   778  N  NE  . ARG A 1 99  ? -9.213  1.868   7.347   1.00 31.54 ? 95  ARG A NE  1 
ATOM   779  C  CZ  . ARG A 1 99  ? -9.654  1.080   8.317   1.00 37.06 ? 95  ARG A CZ  1 
ATOM   780  N  NH1 . ARG A 1 99  ? -9.537  1.421   9.589   1.00 41.81 ? 95  ARG A NH1 1 
ATOM   781  N  NH2 . ARG A 1 99  ? -10.225 -0.080  8.002   1.00 37.14 ? 95  ARG A NH2 1 
ATOM   782  N  N   . PHE A 1 100 ? -6.807  3.819   3.327   1.00 22.64 ? 96  PHE A N   1 
ATOM   783  C  CA  . PHE A 1 100 ? -7.473  3.126   2.236   1.00 22.62 ? 96  PHE A CA  1 
ATOM   784  C  C   . PHE A 1 100 ? -7.764  1.700   2.671   1.00 24.33 ? 96  PHE A C   1 
ATOM   785  O  O   . PHE A 1 100 ? -6.944  1.073   3.345   1.00 29.28 ? 96  PHE A O   1 
ATOM   786  C  CB  . PHE A 1 100 ? -6.615  3.102   0.968   1.00 27.09 ? 96  PHE A CB  1 
ATOM   787  C  CG  . PHE A 1 100 ? -6.089  4.444   0.560   1.00 25.17 ? 96  PHE A CG  1 
ATOM   788  C  CD1 . PHE A 1 100 ? -6.898  5.344   -0.114  1.00 29.39 ? 96  PHE A CD1 1 
ATOM   789  C  CD2 . PHE A 1 100 ? -4.781  4.802   0.842   1.00 26.50 ? 96  PHE A CD2 1 
ATOM   790  C  CE1 . PHE A 1 100 ? -6.412  6.582   -0.496  1.00 28.15 ? 96  PHE A CE1 1 
ATOM   791  C  CE2 . PHE A 1 100 ? -4.289  6.034   0.462   1.00 28.59 ? 96  PHE A CE2 1 
ATOM   792  C  CZ  . PHE A 1 100 ? -5.105  6.924   -0.210  1.00 20.96 ? 96  PHE A CZ  1 
ATOM   793  N  N   . ASP A 1 101 ? -8.928  1.191   2.284   1.00 21.36 ? 97  ASP A N   1 
ATOM   794  C  CA  . ASP A 1 101 ? -9.293  -0.204  2.524   1.00 17.89 ? 97  ASP A CA  1 
ATOM   795  C  C   . ASP A 1 101 ? -9.076  -0.963  1.219   1.00 21.66 ? 97  ASP A C   1 
ATOM   796  O  O   . ASP A 1 101 ? -9.904  -0.901  0.308   1.00 27.91 ? 97  ASP A O   1 
ATOM   797  C  CB  . ASP A 1 101 ? -10.732 -0.314  3.012   1.00 20.33 ? 97  ASP A CB  1 
ATOM   798  C  CG  . ASP A 1 101 ? -10.910 0.224   4.418   1.00 29.48 ? 97  ASP A CG  1 
ATOM   799  O  OD1 . ASP A 1 101 ? -9.997  0.050   5.254   1.00 26.95 ? 97  ASP A OD1 1 
ATOM   800  O  OD2 . ASP A 1 101 ? -11.963 0.838   4.682   1.00 31.42 ? 97  ASP A OD2 1 
ATOM   801  N  N   . TYR A 1 102 ? -7.960  -1.681  1.132   1.00 19.92 ? 98  TYR A N   1 
ATOM   802  C  CA  . TYR A 1 102 ? -7.578  -2.353  -0.101  1.00 20.33 ? 98  TYR A CA  1 
ATOM   803  C  C   . TYR A 1 102 ? -8.136  -3.771  -0.137  1.00 19.60 ? 98  TYR A C   1 
ATOM   804  O  O   . TYR A 1 102 ? -7.999  -4.525  0.829   1.00 19.26 ? 98  TYR A O   1 
ATOM   805  C  CB  . TYR A 1 102 ? -6.057  -2.390  -0.251  1.00 21.89 ? 98  TYR A CB  1 
ATOM   806  C  CG  . TYR A 1 102 ? -5.648  -2.864  -1.621  1.00 21.39 ? 98  TYR A CG  1 
ATOM   807  C  CD1 . TYR A 1 102 ? -5.742  -2.022  -2.719  1.00 20.94 ? 98  TYR A CD1 1 
ATOM   808  C  CD2 . TYR A 1 102 ? -5.209  -4.166  -1.825  1.00 19.08 ? 98  TYR A CD2 1 
ATOM   809  C  CE1 . TYR A 1 102 ? -5.389  -2.452  -3.986  1.00 21.37 ? 98  TYR A CE1 1 
ATOM   810  C  CE2 . TYR A 1 102 ? -4.854  -4.605  -3.089  1.00 18.53 ? 98  TYR A CE2 1 
ATOM   811  C  CZ  . TYR A 1 102 ? -4.947  -3.744  -4.165  1.00 19.56 ? 98  TYR A CZ  1 
ATOM   812  O  OH  . TYR A 1 102 ? -4.596  -4.170  -5.431  1.00 19.47 ? 98  TYR A OH  1 
ATOM   813  N  N   . ASP A 1 103 ? -8.754  -4.130  -1.260  1.00 20.85 ? 99  ASP A N   1 
ATOM   814  C  CA  . ASP A 1 103 ? -9.309  -5.466  -1.455  1.00 18.60 ? 99  ASP A CA  1 
ATOM   815  C  C   . ASP A 1 103 ? -8.199  -6.355  -2.000  1.00 21.40 ? 99  ASP A C   1 
ATOM   816  O  O   . ASP A 1 103 ? -7.920  -6.355  -3.201  1.00 19.73 ? 99  ASP A O   1 
ATOM   817  C  CB  . ASP A 1 103 ? -10.507 -5.421  -2.396  1.00 26.84 ? 99  ASP A CB  1 
ATOM   818  C  CG  . ASP A 1 103 ? -11.372 -6.672  -2.306  1.00 36.79 ? 99  ASP A CG  1 
ATOM   819  O  OD1 . ASP A 1 103 ? -10.873 -7.726  -1.848  1.00 40.35 ? 99  ASP A OD1 1 
ATOM   820  O  OD2 . ASP A 1 103 ? -12.558 -6.600  -2.693  1.00 46.24 ? 99  ASP A OD2 1 
ATOM   821  N  N   . LEU A 1 104 ? -7.552  -7.101  -1.109  1.00 18.43 ? 100 LEU A N   1 
ATOM   822  C  CA  . LEU A 1 104 ? -6.484  -8.033  -1.475  1.00 19.14 ? 100 LEU A CA  1 
ATOM   823  C  C   . LEU A 1 104 ? -7.147  -9.329  -1.927  1.00 19.13 ? 100 LEU A C   1 
ATOM   824  O  O   . LEU A 1 104 ? -7.351  -10.248 -1.142  1.00 20.19 ? 100 LEU A O   1 
ATOM   825  C  CB  . LEU A 1 104 ? -5.551  -8.259  -0.289  1.00 20.32 ? 100 LEU A CB  1 
ATOM   826  C  CG  . LEU A 1 104 ? -4.160  -8.899  -0.419  1.00 21.36 ? 100 LEU A CG  1 
ATOM   827  C  CD1 . LEU A 1 104 ? -4.218  -10.361 -0.845  1.00 24.72 ? 100 LEU A CD1 1 
ATOM   828  C  CD2 . LEU A 1 104 ? -3.268  -8.099  -1.351  1.00 24.17 ? 100 LEU A CD2 1 
ATOM   829  N  N   . PHE A 1 105 ? -7.503  -9.410  -3.203  1.00 20.87 ? 101 PHE A N   1 
ATOM   830  C  CA  . PHE A 1 105 ? -8.195  -10.594 -3.693  1.00 20.33 ? 101 PHE A CA  1 
ATOM   831  C  C   . PHE A 1 105 ? -7.228  -11.543 -4.389  1.00 19.33 ? 101 PHE A C   1 
ATOM   832  O  O   . PHE A 1 105 ? -6.179  -11.137 -4.892  1.00 22.58 ? 101 PHE A O   1 
ATOM   833  C  CB  . PHE A 1 105 ? -9.346  -10.221 -4.635  1.00 21.49 ? 101 PHE A CB  1 
ATOM   834  C  CG  . PHE A 1 105 ? -8.924  -9.462  -5.860  1.00 24.16 ? 101 PHE A CG  1 
ATOM   835  C  CD1 . PHE A 1 105 ? -8.551  -10.133 -7.016  1.00 26.43 ? 101 PHE A CD1 1 
ATOM   836  C  CD2 . PHE A 1 105 ? -8.944  -8.075  -5.872  1.00 26.83 ? 101 PHE A CD2 1 
ATOM   837  C  CE1 . PHE A 1 105 ? -8.179  -9.432  -8.152  1.00 29.83 ? 101 PHE A CE1 1 
ATOM   838  C  CE2 . PHE A 1 105 ? -8.573  -7.370  -7.007  1.00 26.91 ? 101 PHE A CE2 1 
ATOM   839  C  CZ  . PHE A 1 105 ? -8.190  -8.050  -8.147  1.00 27.19 ? 101 PHE A CZ  1 
ATOM   840  N  N   . LEU A 1 106 ? -7.589  -12.824 -4.392  1.00 22.23 ? 102 LEU A N   1 
ATOM   841  C  CA  . LEU A 1 106 ? -6.816  -13.869 -5.044  1.00 25.76 ? 102 LEU A CA  1 
ATOM   842  C  C   . LEU A 1 106 ? -7.698  -14.556 -6.076  1.00 24.07 ? 102 LEU A C   1 
ATOM   843  O  O   . LEU A 1 106 ? -8.916  -14.652 -5.904  1.00 30.58 ? 102 LEU A O   1 
ATOM   844  C  CB  . LEU A 1 106 ? -6.298  -14.906 -4.033  1.00 26.62 ? 102 LEU A CB  1 
ATOM   845  C  CG  . LEU A 1 106 ? -5.691  -14.399 -2.720  1.00 18.99 ? 102 LEU A CG  1 
ATOM   846  C  CD1 . LEU A 1 106 ? -5.300  -15.562 -1.813  1.00 19.17 ? 102 LEU A CD1 1 
ATOM   847  C  CD2 . LEU A 1 106 ? -4.501  -13.492 -2.972  1.00 22.63 ? 102 LEU A CD2 1 
ATOM   848  N  N   . HIS A 1 107 ? -7.082  -15.030 -7.156  1.00 23.13 ? 103 HIS A N   1 
ATOM   849  C  CA  . HIS A 1 107 ? -7.807  -15.763 -8.184  1.00 20.03 ? 103 HIS A CA  1 
ATOM   850  C  C   . HIS A 1 107 ? -7.602  -17.261 -8.010  1.00 27.43 ? 103 HIS A C   1 
ATOM   851  O  O   . HIS A 1 107 ? -6.577  -17.715 -7.493  1.00 25.56 ? 103 HIS A O   1 
ATOM   852  C  CB  . HIS A 1 107 ? -7.372  -15.341 -9.591  1.00 26.90 ? 103 HIS A CB  1 
ATOM   853  C  CG  . HIS A 1 107 ? -7.928  -14.020 -10.023 1.00 37.52 ? 103 HIS A CG  1 
ATOM   854  N  ND1 . HIS A 1 107 ? -7.359  -13.264 -11.025 1.00 38.43 ? 103 HIS A ND1 1 
ATOM   855  C  CD2 . HIS A 1 107 ? -8.995  -13.313 -9.578  1.00 38.20 ? 103 HIS A CD2 1 
ATOM   856  C  CE1 . HIS A 1 107 ? -8.056  -12.152 -11.185 1.00 34.37 ? 103 HIS A CE1 1 
ATOM   857  N  NE2 . HIS A 1 107 ? -9.054  -12.157 -10.319 1.00 36.34 ? 103 HIS A NE2 1 
ATOM   858  N  N   . LEU A 1 108 ? -8.597  -18.028 -8.454  1.00 27.82 ? 104 LEU A N   1 
ATOM   859  C  CA  . LEU A 1 108 ? -8.552  -19.475 -8.339  1.00 28.84 ? 104 LEU A CA  1 
ATOM   860  C  C   . LEU A 1 108 ? -7.532  -20.063 -9.314  1.00 27.60 ? 104 LEU A C   1 
ATOM   861  O  O   . LEU A 1 108 ? -7.172  -19.453 -10.324 1.00 23.69 ? 104 LEU A O   1 
ATOM   862  C  CB  . LEU A 1 108 ? -9.936  -20.072 -8.597  1.00 41.51 ? 104 LEU A CB  1 
ATOM   863  C  CG  . LEU A 1 108 ? -11.023 -19.725 -7.576  1.00 42.55 ? 104 LEU A CG  1 
ATOM   864  C  CD1 . LEU A 1 108 ? -12.402 -20.075 -8.112  1.00 45.72 ? 104 LEU A CD1 1 
ATOM   865  C  CD2 . LEU A 1 108 ? -10.763 -20.432 -6.256  1.00 43.50 ? 104 LEU A CD2 1 
ATOM   866  N  N   . GLU A 1 109 ? -7.062  -21.267 -8.988  1.00 26.05 ? 105 GLU A N   1 
ATOM   867  C  CA  . GLU A 1 109 ? -6.086  -21.950 -9.826  1.00 27.23 ? 105 GLU A CA  1 
ATOM   868  C  C   . GLU A 1 109 ? -6.619  -22.109 -11.244 1.00 24.83 ? 105 GLU A C   1 
ATOM   869  O  O   . GLU A 1 109 ? -7.778  -22.478 -11.452 1.00 27.67 ? 105 GLU A O   1 
ATOM   870  C  CB  . GLU A 1 109 ? -5.750  -23.321 -9.232  1.00 29.78 ? 105 GLU A CB  1 
ATOM   871  C  CG  . GLU A 1 109 ? -4.714  -24.105 -10.018 1.00 32.89 ? 105 GLU A CG  1 
ATOM   872  C  CD  . GLU A 1 109 ? -4.175  -25.290 -9.240  1.00 45.10 ? 105 GLU A CD  1 
ATOM   873  O  OE1 . GLU A 1 109 ? -4.159  -25.222 -7.993  1.00 38.19 ? 105 GLU A OE1 1 
ATOM   874  O  OE2 . GLU A 1 109 ? -3.770  -26.287 -9.874  1.00 49.10 ? 105 GLU A OE2 1 
ATOM   875  N  N   . GLY A 1 110 ? -5.763  -21.818 -12.223 1.00 22.79 ? 106 GLY A N   1 
ATOM   876  C  CA  . GLY A 1 110 ? -6.161  -21.849 -13.617 1.00 24.38 ? 106 GLY A CA  1 
ATOM   877  C  C   . GLY A 1 110 ? -6.257  -20.462 -14.222 1.00 27.36 ? 106 GLY A C   1 
ATOM   878  O  O   . GLY A 1 110 ? -5.888  -20.250 -15.380 1.00 21.05 ? 106 GLY A O   1 
ATOM   879  N  N   . HIS A 1 111 ? -6.766  -19.512 -13.442 1.00 26.05 ? 107 HIS A N   1 
ATOM   880  C  CA  . HIS A 1 111 ? -6.833  -18.126 -13.872 1.00 25.21 ? 107 HIS A CA  1 
ATOM   881  C  C   . HIS A 1 111 ? -5.437  -17.510 -13.892 1.00 24.32 ? 107 HIS A C   1 
ATOM   882  O  O   . HIS A 1 111 ? -4.541  -17.953 -13.170 1.00 21.77 ? 107 HIS A O   1 
ATOM   883  C  CB  . HIS A 1 111 ? -7.740  -17.327 -12.940 1.00 25.73 ? 107 HIS A CB  1 
ATOM   884  C  CG  . HIS A 1 111 ? -9.187  -17.702 -13.033 1.00 32.70 ? 107 HIS A CG  1 
ATOM   885  N  ND1 . HIS A 1 111 ? -9.952  -17.442 -14.148 1.00 27.44 ? 107 HIS A ND1 1 
ATOM   886  C  CD2 . HIS A 1 111 ? -10.008 -18.313 -12.147 1.00 36.21 ? 107 HIS A CD2 1 
ATOM   887  C  CE1 . HIS A 1 111 ? -11.183 -17.879 -13.947 1.00 34.83 ? 107 HIS A CE1 1 
ATOM   888  N  NE2 . HIS A 1 111 ? -11.243 -18.412 -12.741 1.00 31.29 ? 107 HIS A NE2 1 
ATOM   889  N  N   . PRO A 1 112 ? -5.225  -16.473 -14.700 1.00 27.00 ? 108 PRO A N   1 
ATOM   890  C  CA  . PRO A 1 112 ? -3.916  -15.819 -14.725 1.00 25.05 ? 108 PRO A CA  1 
ATOM   891  C  C   . PRO A 1 112 ? -3.616  -15.160 -13.390 1.00 17.20 ? 108 PRO A C   1 
ATOM   892  O  O   . PRO A 1 112 ? -4.534  -14.907 -12.595 1.00 21.29 ? 108 PRO A O   1 
ATOM   893  C  CB  . PRO A 1 112 ? -4.062  -14.778 -15.847 1.00 32.58 ? 108 PRO A CB  1 
ATOM   894  C  CG  . PRO A 1 112 ? -5.520  -14.519 -15.930 1.00 31.83 ? 108 PRO A CG  1 
ATOM   895  C  CD  . PRO A 1 112 ? -6.172  -15.837 -15.632 1.00 27.04 ? 108 PRO A CD  1 
ATOM   896  N  N   . PRO A 1 113 ? -2.344  -14.893 -13.101 1.00 19.84 ? 109 PRO A N   1 
ATOM   897  C  CA  . PRO A 1 113 ? -2.000  -14.225 -11.843 1.00 25.59 ? 109 PRO A CA  1 
ATOM   898  C  C   . PRO A 1 113 ? -2.690  -12.876 -11.733 1.00 21.90 ? 109 PRO A C   1 
ATOM   899  O  O   . PRO A 1 113 ? -2.945  -12.202 -12.732 1.00 24.73 ? 109 PRO A O   1 
ATOM   900  C  CB  . PRO A 1 113 ? -0.477  -14.062 -11.924 1.00 21.32 ? 109 PRO A CB  1 
ATOM   901  C  CG  . PRO A 1 113 ? -0.024  -15.060 -12.935 1.00 26.25 ? 109 PRO A CG  1 
ATOM   902  C  CD  . PRO A 1 113 ? -1.156  -15.257 -13.894 1.00 24.54 ? 109 PRO A CD  1 
ATOM   903  N  N   . VAL A 1 114 ? -3.008  -12.495 -10.499 1.00 18.91 ? 110 VAL A N   1 
ATOM   904  C  CA  . VAL A 1 114 ? -3.568  -11.175 -10.252 1.00 19.49 ? 110 VAL A CA  1 
ATOM   905  C  C   . VAL A 1 114 ? -2.474  -10.132 -10.418 1.00 18.32 ? 110 VAL A C   1 
ATOM   906  O  O   . VAL A 1 114 ? -1.357  -10.294 -9.913  1.00 15.80 ? 110 VAL A O   1 
ATOM   907  C  CB  . VAL A 1 114 ? -4.191  -11.106 -8.850  1.00 23.31 ? 110 VAL A CB  1 
ATOM   908  C  CG1 . VAL A 1 114 ? -4.663  -9.688  -8.540  1.00 20.72 ? 110 VAL A CG1 1 
ATOM   909  C  CG2 . VAL A 1 114 ? -5.334  -12.094 -8.731  1.00 23.53 ? 110 VAL A CG2 1 
ATOM   910  N  N   . ASN A 1 115 ? -2.789  -9.060  -11.140 1.00 15.88 ? 111 ASN A N   1 
ATOM   911  C  CA  . ASN A 1 115 ? -1.915  -7.894  -11.258 1.00 18.22 ? 111 ASN A CA  1 
ATOM   912  C  C   . ASN A 1 115 ? -2.842  -6.684  -11.298 1.00 20.35 ? 111 ASN A C   1 
ATOM   913  O  O   . ASN A 1 115 ? -3.356  -6.331  -12.362 1.00 20.19 ? 111 ASN A O   1 
ATOM   914  C  CB  . ASN A 1 115 ? -1.034  -7.973  -12.498 1.00 18.92 ? 111 ASN A CB  1 
ATOM   915  C  CG  . ASN A 1 115 ? 0.032   -6.900  -12.524 1.00 23.90 ? 111 ASN A CG  1 
ATOM   916  O  OD1 . ASN A 1 115 ? 0.269   -6.222  -11.527 1.00 31.35 ? 111 ASN A OD1 1 
ATOM   917  N  ND2 . ASN A 1 115 ? 0.677   -6.734  -13.674 1.00 34.75 ? 111 ASN A ND2 1 
ATOM   918  N  N   . HIS A 1 116 ? -3.063  -6.067  -10.142 1.00 15.40 ? 112 HIS A N   1 
ATOM   919  C  CA  . HIS A 1 116 ? -4.123  -5.084  -9.974  1.00 18.94 ? 112 HIS A CA  1 
ATOM   920  C  C   . HIS A 1 116 ? -3.542  -3.734  -9.579  1.00 19.68 ? 112 HIS A C   1 
ATOM   921  O  O   . HIS A 1 116 ? -2.542  -3.655  -8.858  1.00 20.32 ? 112 HIS A O   1 
ATOM   922  C  CB  . HIS A 1 116 ? -5.129  -5.558  -8.917  1.00 22.45 ? 112 HIS A CB  1 
ATOM   923  C  CG  . HIS A 1 116 ? -6.407  -4.780  -8.902  1.00 27.26 ? 112 HIS A CG  1 
ATOM   924  N  ND1 . HIS A 1 116 ? -6.653  -3.770  -7.998  1.00 29.49 ? 112 HIS A ND1 1 
ATOM   925  C  CD2 . HIS A 1 116 ? -7.514  -4.869  -9.678  1.00 26.49 ? 112 HIS A CD2 1 
ATOM   926  C  CE1 . HIS A 1 116 ? -7.855  -3.268  -8.217  1.00 31.05 ? 112 HIS A CE1 1 
ATOM   927  N  NE2 . HIS A 1 116 ? -8.400  -3.918  -9.230  1.00 30.18 ? 112 HIS A NE2 1 
ATOM   928  N  N   . LEU A 1 117 ? -4.181  -2.667  -10.053 1.00 17.67 ? 113 LEU A N   1 
ATOM   929  C  CA  . LEU A 1 117 ? -3.697  -1.320  -9.795  1.00 20.40 ? 113 LEU A CA  1 
ATOM   930  C  C   . LEU A 1 117 ? -4.875  -0.371  -9.650  1.00 20.92 ? 113 LEU A C   1 
ATOM   931  O  O   . LEU A 1 117 ? -5.825  -0.421  -10.433 1.00 19.23 ? 113 LEU A O   1 
ATOM   932  C  CB  . LEU A 1 117 ? -2.774  -0.829  -10.920 1.00 23.19 ? 113 LEU A CB  1 
ATOM   933  C  CG  . LEU A 1 117 ? -1.943  0.421   -10.621 1.00 24.06 ? 113 LEU A CG  1 
ATOM   934  C  CD1 . LEU A 1 117 ? -1.086  0.206   -9.386  1.00 23.24 ? 113 LEU A CD1 1 
ATOM   935  C  CD2 . LEU A 1 117 ? -1.083  0.795   -11.820 1.00 25.10 ? 113 LEU A CD2 1 
ATOM   936  N  N   . ARG A 1 118 ? -4.805  0.486   -8.641  1.00 24.39 ? 114 ARG A N   1 
ATOM   937  C  CA  . ARG A 1 118 ? -5.687  1.634   -8.557  1.00 23.54 ? 114 ARG A CA  1 
ATOM   938  C  C   . ARG A 1 118 ? -4.841  2.858   -8.251  1.00 26.18 ? 114 ARG A C   1 
ATOM   939  O  O   . ARG A 1 118 ? -3.710  2.754   -7.774  1.00 20.82 ? 114 ARG A O   1 
ATOM   940  C  CB  . ARG A 1 118 ? -6.794  1.452   -7.506  1.00 27.35 ? 114 ARG A CB  1 
ATOM   941  C  CG  . ARG A 1 118 ? -6.333  1.008   -6.138  1.00 29.99 ? 114 ARG A CG  1 
ATOM   942  C  CD  . ARG A 1 118 ? -7.533  0.566   -5.310  1.00 39.03 ? 114 ARG A CD  1 
ATOM   943  N  NE  . ARG A 1 118 ? -8.151  1.696   -4.626  1.00 32.29 ? 114 ARG A NE  1 
ATOM   944  C  CZ  . ARG A 1 118 ? -8.639  1.660   -3.393  1.00 35.75 ? 114 ARG A CZ  1 
ATOM   945  N  NH1 . ARG A 1 118 ? -8.631  0.545   -2.677  1.00 25.42 ? 114 ARG A NH1 1 
ATOM   946  N  NH2 . ARG A 1 118 ? -9.154  2.767   -2.866  1.00 28.02 ? 114 ARG A NH2 1 
ATOM   947  N  N   . CYS A 1 119 ? -5.389  4.026   -8.563  1.00 24.93 ? 115 CYS A N   1 
ATOM   948  C  CA  . CYS A 1 119 ? -4.660  5.271   -8.399  1.00 27.44 ? 115 CYS A CA  1 
ATOM   949  C  C   . CYS A 1 119 ? -5.504  6.219   -7.566  1.00 35.23 ? 115 CYS A C   1 
ATOM   950  O  O   . CYS A 1 119 ? -6.684  6.428   -7.866  1.00 28.43 ? 115 CYS A O   1 
ATOM   951  C  CB  . CYS A 1 119 ? -4.315  5.895   -9.750  1.00 28.39 ? 115 CYS A CB  1 
ATOM   952  S  SG  . CYS A 1 119 ? -3.323  7.387   -9.598  1.00 37.03 ? 115 CYS A SG  1 
ATOM   953  N  N   . GLU A 1 120 ? -4.903  6.776   -6.518  1.00 28.98 ? 116 GLU A N   1 
ATOM   954  C  CA  . GLU A 1 120 ? -5.610  7.601   -5.550  1.00 27.57 ? 116 GLU A CA  1 
ATOM   955  C  C   . GLU A 1 120 ? -5.098  9.030   -5.617  1.00 27.87 ? 116 GLU A C   1 
ATOM   956  O  O   . GLU A 1 120 ? -3.886  9.264   -5.552  1.00 27.18 ? 116 GLU A O   1 
ATOM   957  C  CB  . GLU A 1 120 ? -5.442  7.047   -4.132  1.00 31.08 ? 116 GLU A CB  1 
ATOM   958  C  CG  . GLU A 1 120 ? -6.092  5.695   -3.930  1.00 30.05 ? 116 GLU A CG  1 
ATOM   959  C  CD  . GLU A 1 120 ? -7.542  5.675   -4.371  1.00 35.83 ? 116 GLU A CD  1 
ATOM   960  O  OE1 . GLU A 1 120 ? -8.265  6.660   -4.111  1.00 42.99 ? 116 GLU A OE1 1 
ATOM   961  O  OE2 . GLU A 1 120 ? -7.954  4.676   -4.996  1.00 39.96 ? 116 GLU A OE2 1 
ATOM   962  N  N   . LYS A 1 121 ? -6.029  9.972   -5.745  1.00 27.31 ? 117 LYS A N   1 
ATOM   963  C  CA  . LYS A 1 121 ? -5.727  11.395  -5.756  1.00 33.57 ? 117 LYS A CA  1 
ATOM   964  C  C   . LYS A 1 121 ? -5.825  11.943  -4.340  1.00 24.64 ? 117 LYS A C   1 
ATOM   965  O  O   . LYS A 1 121 ? -6.837  11.744  -3.661  1.00 31.98 ? 117 LYS A O   1 
ATOM   966  C  CB  . LYS A 1 121 ? -6.701  12.140  -6.672  1.00 31.91 ? 117 LYS A CB  1 
ATOM   967  C  CG  . LYS A 1 121 ? -6.109  12.591  -7.983  1.00 41.60 ? 117 LYS A CG  1 
ATOM   968  C  CD  . LYS A 1 121 ? -5.472  11.425  -8.701  1.00 41.43 ? 117 LYS A CD  1 
ATOM   969  C  CE  . LYS A 1 121 ? -6.497  10.467  -9.284  1.00 39.61 ? 117 LYS A CE  1 
ATOM   970  N  NZ  . LYS A 1 121 ? -5.887  9.562   -10.302 1.00 33.37 ? 117 LYS A NZ  1 
ATOM   971  N  N   . LEU A 1 122 ? -4.773  12.624  -3.896  1.00 23.97 ? 118 LEU A N   1 
ATOM   972  C  CA  . LEU A 1 122 ? -4.773  13.326  -2.618  1.00 24.49 ? 118 LEU A CA  1 
ATOM   973  C  C   . LEU A 1 122 ? -4.631  14.811  -2.907  1.00 20.84 ? 118 LEU A C   1 
ATOM   974  O  O   . LEU A 1 122 ? -3.649  15.232  -3.526  1.00 25.33 ? 118 LEU A O   1 
ATOM   975  C  CB  . LEU A 1 122 ? -3.641  12.847  -1.709  1.00 22.03 ? 118 LEU A CB  1 
ATOM   976  C  CG  . LEU A 1 122 ? -3.605  11.361  -1.353  1.00 25.82 ? 118 LEU A CG  1 
ATOM   977  C  CD1 . LEU A 1 122 ? -2.556  11.099  -0.277  1.00 21.51 ? 118 LEU A CD1 1 
ATOM   978  C  CD2 . LEU A 1 122 ? -4.976  10.887  -0.903  1.00 27.43 ? 118 LEU A CD2 1 
ATOM   979  N  N   . THR A 1 123 ? -5.615  15.595  -2.485  1.00 25.19 ? 119 THR A N   1 
ATOM   980  C  CA  . THR A 1 123 ? -5.557  17.045  -2.609  1.00 23.94 ? 119 THR A CA  1 
ATOM   981  C  C   . THR A 1 123 ? -5.532  17.638  -1.211  1.00 20.14 ? 119 THR A C   1 
ATOM   982  O  O   . THR A 1 123 ? -6.422  17.365  -0.398  1.00 24.82 ? 119 THR A O   1 
ATOM   983  C  CB  . THR A 1 123 ? -6.737  17.587  -3.416  1.00 27.91 ? 119 THR A CB  1 
ATOM   984  O  OG1 . THR A 1 123 ? -6.536  17.274  -4.800  1.00 29.94 ? 119 THR A OG1 1 
ATOM   985  C  CG2 . THR A 1 123 ? -6.843  19.098  -3.257  1.00 25.56 ? 119 THR A CG2 1 
ATOM   986  N  N   . PHE A 1 124 ? -4.506  18.431  -0.932  1.00 20.61 ? 120 PHE A N   1 
ATOM   987  C  CA  . PHE A 1 124 ? -4.319  19.061  0.366   1.00 15.79 ? 120 PHE A CA  1 
ATOM   988  C  C   . PHE A 1 124 ? -4.642  20.539  0.213   1.00 24.66 ? 120 PHE A C   1 
ATOM   989  O  O   . PHE A 1 124 ? -3.947  21.256  -0.515  1.00 19.35 ? 120 PHE A O   1 
ATOM   990  C  CB  . PHE A 1 124 ? -2.893  18.851  0.868   1.00 17.31 ? 120 PHE A CB  1 
ATOM   991  C  CG  . PHE A 1 124 ? -2.541  17.409  1.088   1.00 18.00 ? 120 PHE A CG  1 
ATOM   992  C  CD1 . PHE A 1 124 ? -2.077  16.629  0.040   1.00 20.51 ? 120 PHE A CD1 1 
ATOM   993  C  CD2 . PHE A 1 124 ? -2.687  16.827  2.335   1.00 23.61 ? 120 PHE A CD2 1 
ATOM   994  C  CE1 . PHE A 1 124 ? -1.758  15.301  0.234   1.00 21.83 ? 120 PHE A CE1 1 
ATOM   995  C  CE2 . PHE A 1 124 ? -2.369  15.492  2.530   1.00 18.41 ? 120 PHE A CE2 1 
ATOM   996  C  CZ  . PHE A 1 124 ? -1.906  14.734  1.475   1.00 18.68 ? 120 PHE A CZ  1 
ATOM   997  N  N   . ASN A 1 125 ? -5.700  20.988  0.878   1.00 22.77 ? 121 ASN A N   1 
ATOM   998  C  CA  . ASN A 1 125 ? -6.052  22.399  0.884   1.00 24.46 ? 121 ASN A CA  1 
ATOM   999  C  C   . ASN A 1 125 ? -5.373  23.084  2.062   1.00 30.48 ? 121 ASN A C   1 
ATOM   1000 O  O   . ASN A 1 125 ? -5.473  22.619  3.205   1.00 35.31 ? 121 ASN A O   1 
ATOM   1001 C  CB  . ASN A 1 125 ? -7.567  22.587  0.944   1.00 31.31 ? 121 ASN A CB  1 
ATOM   1002 C  CG  . ASN A 1 125 ? -8.273  21.996  -0.263  1.00 36.17 ? 121 ASN A CG  1 
ATOM   1003 O  OD1 . ASN A 1 125 ? -8.384  22.640  -1.307  1.00 41.13 ? 121 ASN A OD1 1 
ATOM   1004 N  ND2 . ASN A 1 125 ? -8.753  20.767  -0.128  1.00 31.89 ? 121 ASN A ND2 1 
ATOM   1005 N  N   . ASN A 1 126 ? -4.671  24.173  1.772   1.00 30.91 ? 122 ASN A N   1 
ATOM   1006 C  CA  . ASN A 1 126 ? -3.942  24.951  2.768   1.00 30.55 ? 122 ASN A CA  1 
ATOM   1007 C  C   . ASN A 1 126 ? -2.962  24.129  3.613   1.00 26.31 ? 122 ASN A C   1 
ATOM   1008 O  O   . ASN A 1 126 ? -3.022  24.160  4.846   1.00 24.96 ? 122 ASN A O   1 
ATOM   1009 C  CB  . ASN A 1 126 ? -4.923  25.694  3.667   1.00 35.13 ? 122 ASN A CB  1 
ATOM   1010 C  CG  . ASN A 1 126 ? -5.563  26.878  2.973   1.00 37.44 ? 122 ASN A CG  1 
ATOM   1011 O  OD1 . ASN A 1 126 ? -6.685  27.267  3.294   1.00 46.63 ? 122 ASN A OD1 1 
ATOM   1012 N  ND2 . ASN A 1 126 ? -4.852  27.455  2.010   1.00 43.40 ? 122 ASN A ND2 1 
ATOM   1013 N  N   . PRO A 1 127 ? -2.033  23.405  2.990   1.00 22.76 ? 123 PRO A N   1 
ATOM   1014 C  CA  . PRO A 1 127 ? -0.960  22.784  3.772   1.00 19.25 ? 123 PRO A CA  1 
ATOM   1015 C  C   . PRO A 1 127 ? 0.019   23.849  4.239   1.00 21.91 ? 123 PRO A C   1 
ATOM   1016 O  O   . PRO A 1 127 ? 0.113   24.933  3.659   1.00 24.47 ? 123 PRO A O   1 
ATOM   1017 C  CB  . PRO A 1 127 ? -0.295  21.825  2.780   1.00 22.53 ? 123 PRO A CB  1 
ATOM   1018 C  CG  . PRO A 1 127 ? -0.541  22.455  1.452   1.00 23.22 ? 123 PRO A CG  1 
ATOM   1019 C  CD  . PRO A 1 127 ? -1.851  23.184  1.543   1.00 21.86 ? 123 PRO A CD  1 
ATOM   1020 N  N   . THR A 1 128 ? 0.754   23.534  5.304   1.00 20.07 ? 124 THR A N   1 
ATOM   1021 C  CA  . THR A 1 128 ? 1.829   24.429  5.709   1.00 18.69 ? 124 THR A CA  1 
ATOM   1022 C  C   . THR A 1 128 ? 2.879   24.501  4.605   1.00 24.31 ? 124 THR A C   1 
ATOM   1023 O  O   . THR A 1 128 ? 2.953   23.635  3.725   1.00 21.09 ? 124 THR A O   1 
ATOM   1024 C  CB  . THR A 1 128 ? 2.485   23.966  7.013   1.00 24.13 ? 124 THR A CB  1 
ATOM   1025 O  OG1 . THR A 1 128 ? 3.178   22.728  6.799   1.00 23.85 ? 124 THR A OG1 1 
ATOM   1026 C  CG2 . THR A 1 128 ? 1.451   23.796  8.115   1.00 22.40 ? 124 THR A CG2 1 
ATOM   1027 N  N   . GLU A 1 129 ? 3.698   25.557  4.652   1.00 20.00 ? 125 GLU A N   1 
ATOM   1028 C  CA  . GLU A 1 129 ? 4.708   25.751  3.613   1.00 23.44 ? 125 GLU A CA  1 
ATOM   1029 C  C   . GLU A 1 129 ? 5.637   24.547  3.519   1.00 24.93 ? 125 GLU A C   1 
ATOM   1030 O  O   . GLU A 1 129 ? 5.911   24.048  2.423   1.00 20.50 ? 125 GLU A O   1 
ATOM   1031 C  CB  . GLU A 1 129 ? 5.514   27.024  3.875   1.00 25.83 ? 125 GLU A CB  1 
ATOM   1032 C  CG  . GLU A 1 129 ? 6.559   27.291  2.798   1.00 38.30 ? 125 GLU A CG  1 
ATOM   1033 C  CD  . GLU A 1 129 ? 7.413   28.510  3.082   1.00 49.74 ? 125 GLU A CD  1 
ATOM   1034 O  OE1 . GLU A 1 129 ? 6.968   29.387  3.852   1.00 54.12 ? 125 GLU A OE1 1 
ATOM   1035 O  OE2 . GLU A 1 129 ? 8.530   28.593  2.528   1.00 63.50 ? 125 GLU A OE2 1 
ATOM   1036 N  N   . ASP A 1 130 ? 6.114   24.052  4.664   1.00 26.70 ? 126 ASP A N   1 
ATOM   1037 C  CA  . ASP A 1 130 ? 7.042   22.925  4.654   1.00 21.66 ? 126 ASP A CA  1 
ATOM   1038 C  C   . ASP A 1 130 ? 6.397   21.678  4.063   1.00 19.74 ? 126 ASP A C   1 
ATOM   1039 O  O   . ASP A 1 130 ? 7.026   20.955  3.282   1.00 21.41 ? 126 ASP A O   1 
ATOM   1040 C  CB  . ASP A 1 130 ? 7.541   22.650  6.072   1.00 26.54 ? 126 ASP A CB  1 
ATOM   1041 C  CG  . ASP A 1 130 ? 8.509   23.710  6.561   1.00 36.04 ? 126 ASP A CG  1 
ATOM   1042 O  OD1 . ASP A 1 130 ? 8.660   24.739  5.866   1.00 35.81 ? 126 ASP A OD1 1 
ATOM   1043 O  OD2 . ASP A 1 130 ? 9.099   23.526  7.648   1.00 34.66 ? 126 ASP A OD2 1 
ATOM   1044 N  N   . PHE A 1 131 ? 5.141   21.407  4.420   1.00 16.61 ? 127 PHE A N   1 
ATOM   1045 C  CA  . PHE A 1 131 ? 4.470   20.227  3.882   1.00 21.60 ? 127 PHE A CA  1 
ATOM   1046 C  C   . PHE A 1 131 ? 4.154   20.408  2.403   1.00 19.53 ? 127 PHE A C   1 
ATOM   1047 O  O   . PHE A 1 131 ? 4.261   19.459  1.617   1.00 17.44 ? 127 PHE A O   1 
ATOM   1048 C  CB  . PHE A 1 131 ? 3.205   19.928  4.691   1.00 16.41 ? 127 PHE A CB  1 
ATOM   1049 C  CG  . PHE A 1 131 ? 2.547   18.628  4.329   1.00 20.29 ? 127 PHE A CG  1 
ATOM   1050 C  CD1 . PHE A 1 131 ? 3.311   17.496  4.071   1.00 17.65 ? 127 PHE A CD1 1 
ATOM   1051 C  CD2 . PHE A 1 131 ? 1.165   18.536  4.255   1.00 22.51 ? 127 PHE A CD2 1 
ATOM   1052 C  CE1 . PHE A 1 131 ? 2.702   16.291  3.736   1.00 15.11 ? 127 PHE A CE1 1 
ATOM   1053 C  CE2 . PHE A 1 131 ? 0.553   17.341  3.926   1.00 21.21 ? 127 PHE A CE2 1 
ATOM   1054 C  CZ  . PHE A 1 131 ? 1.324   16.216  3.667   1.00 19.21 ? 127 PHE A CZ  1 
ATOM   1055 N  N   . ARG A 1 132 ? 3.801   21.612  2.005   1.00 18.06 ? 128 ARG A N   1 
ATOM   1056 C  CA  . ARG A 1 132 ? 3.556   21.908  0.575   1.00 20.22 ? 128 ARG A CA  1 
ATOM   1057 C  C   . ARG A 1 132 ? 4.837   21.649  -0.221  1.00 19.57 ? 128 ARG A C   1 
ATOM   1058 O  O   . ARG A 1 132 ? 4.747   21.086  -1.302  1.00 20.49 ? 128 ARG A O   1 
ATOM   1059 C  CB  . ARG A 1 132 ? 3.101   23.366  0.491   1.00 22.47 ? 128 ARG A CB  1 
ATOM   1060 C  CG  . ARG A 1 132 ? 3.022   23.962  -0.896  1.00 20.95 ? 128 ARG A CG  1 
ATOM   1061 C  CD  . ARG A 1 132 ? 2.126   25.159  -1.093  1.00 33.36 ? 128 ARG A CD  1 
ATOM   1062 N  NE  . ARG A 1 132 ? 2.375   26.136  -0.055  1.00 37.33 ? 128 ARG A NE  1 
ATOM   1063 C  CZ  . ARG A 1 132 ? 1.468   26.546  0.817   1.00 42.35 ? 128 ARG A CZ  1 
ATOM   1064 N  NH1 . ARG A 1 132 ? 0.230   26.079  0.783   1.00 35.19 ? 128 ARG A NH1 1 
ATOM   1065 N  NH2 . ARG A 1 132 ? 1.805   27.434  1.723   1.00 43.43 ? 128 ARG A NH2 1 
ATOM   1066 N  N   . ARG A 1 133 ? 5.977   22.029  0.341   1.00 17.69 ? 129 ARG A N   1 
ATOM   1067 C  CA  . ARG A 1 133 ? 7.256   21.865  -0.394  1.00 20.03 ? 129 ARG A CA  1 
ATOM   1068 C  C   . ARG A 1 133 ? 7.552   20.370  -0.573  1.00 20.84 ? 129 ARG A C   1 
ATOM   1069 O  O   . ARG A 1 133 ? 7.990   19.977  -1.642  1.00 22.04 ? 129 ARG A O   1 
ATOM   1070 C  CB  . ARG A 1 133 ? 8.386   22.597  0.331   1.00 24.77 ? 129 ARG A CB  1 
ATOM   1071 C  CG  . ARG A 1 133 ? 8.281   24.110  0.221   1.00 33.08 ? 129 ARG A CG  1 
ATOM   1072 C  CD  . ARG A 1 133 ? 9.405   24.909  0.853   1.00 44.30 ? 129 ARG A CD  1 
ATOM   1073 N  NE  . ARG A 1 133 ? 9.329   26.278  0.366   1.00 55.05 ? 129 ARG A NE  1 
ATOM   1074 C  CZ  . ARG A 1 133 ? 10.044  26.771  -0.641  1.00 55.06 ? 129 ARG A CZ  1 
ATOM   1075 N  NH1 . ARG A 1 133 ? 10.925  26.013  -1.271  1.00 54.43 ? 129 ARG A NH1 1 
ATOM   1076 N  NH2 . ARG A 1 133 ? 9.882   28.027  -1.010  1.00 60.38 ? 129 ARG A NH2 1 
ATOM   1077 N  N   . LYS A 1 134 ? 7.298   19.584  0.457   1.00 19.90 ? 130 LYS A N   1 
ATOM   1078 C  CA  . LYS A 1 134 ? 7.539   18.149  0.346   1.00 15.65 ? 130 LYS A CA  1 
ATOM   1079 C  C   . LYS A 1 134 ? 6.622   17.526  -0.699  1.00 18.46 ? 130 LYS A C   1 
ATOM   1080 O  O   . LYS A 1 134 ? 7.072   16.757  -1.555  1.00 18.01 ? 130 LYS A O   1 
ATOM   1081 C  CB  . LYS A 1 134 ? 7.334   17.475  1.703   1.00 16.68 ? 130 LYS A CB  1 
ATOM   1082 C  CG  . LYS A 1 134 ? 8.364   17.848  2.760   1.00 19.04 ? 130 LYS A CG  1 
ATOM   1083 C  CD  . LYS A 1 134 ? 8.200   16.967  3.996   1.00 21.46 ? 130 LYS A CD  1 
ATOM   1084 C  CE  . LYS A 1 134 ? 9.213   17.320  5.077   1.00 20.69 ? 130 LYS A CE  1 
ATOM   1085 N  NZ  . LYS A 1 134 ? 9.179   18.763  5.420   1.00 26.46 ? 130 LYS A NZ  1 
ATOM   1086 N  N   . LEU A 1 135 ? 5.327   17.848  -0.635  1.00 18.42 ? 131 LEU A N   1 
ATOM   1087 C  CA  . LEU A 1 135 ? 4.370   17.328  -1.607  1.00 18.99 ? 131 LEU A CA  1 
ATOM   1088 C  C   . LEU A 1 135 ? 4.808   17.632  -3.033  1.00 22.30 ? 131 LEU A C   1 
ATOM   1089 O  O   . LEU A 1 135 ? 4.758   16.761  -3.909  1.00 18.72 ? 131 LEU A O   1 
ATOM   1090 C  CB  . LEU A 1 135 ? 2.986   17.927  -1.344  1.00 15.01 ? 131 LEU A CB  1 
ATOM   1091 C  CG  . LEU A 1 135 ? 2.251   17.480  -0.082  1.00 19.16 ? 131 LEU A CG  1 
ATOM   1092 C  CD1 . LEU A 1 135 ? 1.041   18.369  0.153   1.00 15.56 ? 131 LEU A CD1 1 
ATOM   1093 C  CD2 . LEU A 1 135 ? 1.832   16.027  -0.207  1.00 19.11 ? 131 LEU A CD2 1 
ATOM   1094 N  N   . LEU A 1 136 ? 5.251   18.866  -3.280  1.00 18.22 ? 132 LEU A N   1 
ATOM   1095 C  CA  . LEU A 1 136 ? 5.622   19.282  -4.627  1.00 16.93 ? 132 LEU A CA  1 
ATOM   1096 C  C   . LEU A 1 136 ? 6.904   18.619  -5.111  1.00 26.05 ? 132 LEU A C   1 
ATOM   1097 O  O   . LEU A 1 136 ? 7.161   18.614  -6.319  1.00 21.16 ? 132 LEU A O   1 
ATOM   1098 C  CB  . LEU A 1 136 ? 5.768   20.803  -4.677  1.00 23.18 ? 132 LEU A CB  1 
ATOM   1099 C  CG  . LEU A 1 136 ? 4.454   21.587  -4.637  1.00 24.79 ? 132 LEU A CG  1 
ATOM   1100 C  CD1 . LEU A 1 136 ? 4.722   23.075  -4.469  1.00 23.48 ? 132 LEU A CD1 1 
ATOM   1101 C  CD2 . LEU A 1 136 ? 3.633   21.326  -5.893  1.00 24.81 ? 132 LEU A CD2 1 
ATOM   1102 N  N   . LYS A 1 137 ? 7.713   18.060  -4.208  1.00 22.46 ? 133 LYS A N   1 
ATOM   1103 C  CA  . LYS A 1 137 ? 8.960   17.426  -4.619  1.00 23.13 ? 133 LYS A CA  1 
ATOM   1104 C  C   . LYS A 1 137 ? 8.756   16.017  -5.160  1.00 26.23 ? 133 LYS A C   1 
ATOM   1105 O  O   . LYS A 1 137 ? 9.619   15.521  -5.889  1.00 24.65 ? 133 LYS A O   1 
ATOM   1106 C  CB  . LYS A 1 137 ? 9.951   17.388  -3.453  1.00 26.41 ? 133 LYS A CB  1 
ATOM   1107 C  CG  . LYS A 1 137 ? 10.651  18.711  -3.186  1.00 26.26 ? 133 LYS A CG  1 
ATOM   1108 C  CD  . LYS A 1 137 ? 11.456  18.655  -1.899  1.00 33.68 ? 133 LYS A CD  1 
ATOM   1109 C  CE  . LYS A 1 137 ? 11.909  20.039  -1.468  1.00 37.31 ? 133 LYS A CE  1 
ATOM   1110 N  NZ  . LYS A 1 137 ? 13.280  20.015  -0.887  1.00 35.59 ? 133 LYS A NZ  1 
ATOM   1111 N  N   . ALA A 1 138 ? 7.644   15.369  -4.831  1.00 27.19 ? 134 ALA A N   1 
ATOM   1112 C  CA  . ALA A 1 138 ? 7.376   14.021  -5.319  1.00 31.87 ? 134 ALA A CA  1 
ATOM   1113 C  C   . ALA A 1 138 ? 7.061   14.012  -6.814  1.00 37.40 ? 134 ALA A C   1 
ATOM   1114 O  O   . ALA A 1 138 ? 6.593   14.997  -7.387  1.00 35.58 ? 134 ALA A O   1 
ATOM   1115 C  CB  . ALA A 1 138 ? 6.236   13.399  -4.541  1.00 28.30 ? 134 ALA A CB  1 
ATOM   1116 O  OXT . ALA A 1 138 ? 7.268   13.004  -7.486  1.00 40.70 ? 134 ALA A OXT 1 
HETATM 1117 C  C4  . 7IV B 2 .   ? -6.626  -15.548 6.020   1.00 28.03 ? 201 7IV A C4  1 
HETATM 1118 C  C14 . 7IV B 2 .   ? -0.979  -17.127 8.408   1.00 32.38 ? 201 7IV A C14 1 
HETATM 1119 C  C5  . 7IV B 2 .   ? -8.098  -14.206 4.707   1.00 25.32 ? 201 7IV A C5  1 
HETATM 1120 C  C6  . 7IV B 2 .   ? -6.841  -14.707 4.933   1.00 25.71 ? 201 7IV A C6  1 
HETATM 1121 C  C11 . 7IV B 2 .   ? -2.922  -17.109 5.766   1.00 29.82 ? 201 7IV A C11 1 
HETATM 1122 C  C9  . 7IV B 2 .   ? -4.314  -16.519 5.285   1.00 28.67 ? 201 7IV A C9  1 
HETATM 1123 C  C13 . 7IV B 2 .   ? -2.413  -16.691 8.018   1.00 31.85 ? 201 7IV A C13 1 
HETATM 1124 C  C3  . 7IV B 2 .   ? -9.139  -14.532 5.555   1.00 26.65 ? 201 7IV A C3  1 
HETATM 1125 C  C1  . 7IV B 2 .   ? -8.926  -15.358 6.629   1.00 29.42 ? 201 7IV A C1  1 
HETATM 1126 C  C15 . 7IV B 2 .   ? 0.103   -16.657 7.696   1.00 28.34 ? 201 7IV A C15 1 
HETATM 1127 C  C16 . 7IV B 2 .   ? -0.776  -18.014 9.497   1.00 34.05 ? 201 7IV A C16 1 
HETATM 1128 C  C17 . 7IV B 2 .   ? 1.440   -17.070 8.054   1.00 34.44 ? 201 7IV A C17 1 
HETATM 1129 C  C18 . 7IV B 2 .   ? 0.554   -18.421 9.854   1.00 36.30 ? 201 7IV A C18 1 
HETATM 1130 C  C19 . 7IV B 2 .   ? 1.645   -17.947 9.134   1.00 34.48 ? 201 7IV A C19 1 
HETATM 1131 C  C2  . 7IV B 2 .   ? -7.661  -15.867 6.861   1.00 27.79 ? 201 7IV A C2  1 
HETATM 1132 N  N8  . 7IV B 2 .   ? -5.286  -16.115 6.315   1.00 27.23 ? 201 7IV A N8  1 
HETATM 1133 O  O10 . 7IV B 2 .   ? -4.554  -16.412 4.114   1.00 27.48 ? 201 7IV A O10 1 
HETATM 1134 O  O12 . 7IV B 2 .   ? -2.395  -16.219 6.757   1.00 43.77 ? 201 7IV A O12 1 
HETATM 1135 CL CL7 . 7IV B 2 .   ? -10.836 -13.850 5.245   1.00 42.25 ? 201 7IV A CL7 1 
HETATM 1136 CL CL  . CL  C 3 .   ? -10.541 2.964   0.114   1.00 38.53 ? 202 CL  A CL  1 
HETATM 1137 C  C1  . EDO D 4 .   ? 0.776   30.393  0.424   1.00 47.59 ? 203 EDO A C1  1 
HETATM 1138 O  O1  . EDO D 4 .   ? 1.902   31.058  -0.160  1.00 50.64 ? 203 EDO A O1  1 
HETATM 1139 C  C2  . EDO D 4 .   ? -0.398  30.449  -0.545  1.00 41.46 ? 203 EDO A C2  1 
HETATM 1140 O  O2  . EDO D 4 .   ? -1.543  29.834  0.056   1.00 48.07 ? 203 EDO A O2  1 
HETATM 1141 C  C1  . EDO E 4 .   ? 11.800  -0.386  7.228   1.00 36.34 ? 204 EDO A C1  1 
HETATM 1142 O  O1  . EDO E 4 .   ? 10.853  0.318   8.040   1.00 35.47 ? 204 EDO A O1  1 
HETATM 1143 C  C2  . EDO E 4 .   ? 11.061  -1.132  6.126   1.00 38.66 ? 204 EDO A C2  1 
HETATM 1144 O  O2  . EDO E 4 .   ? 10.392  -0.182  5.290   1.00 32.73 ? 204 EDO A O2  1 
HETATM 1145 C  C1  . EDO F 4 .   ? 6.836   -3.071  -6.134  1.00 38.82 ? 205 EDO A C1  1 
HETATM 1146 O  O1  . EDO F 4 .   ? 7.928   -2.451  -5.447  1.00 43.93 ? 205 EDO A O1  1 
HETATM 1147 C  C2  . EDO F 4 .   ? 5.871   -1.993  -6.614  1.00 38.83 ? 205 EDO A C2  1 
HETATM 1148 O  O2  . EDO F 4 .   ? 6.512   -1.175  -7.601  1.00 38.08 ? 205 EDO A O2  1 
HETATM 1149 C  C1  . EDO G 4 .   ? 5.009   -12.156 -5.678  1.00 39.72 ? 206 EDO A C1  1 
HETATM 1150 O  O1  . EDO G 4 .   ? 5.485   -10.808 -5.598  1.00 48.37 ? 206 EDO A O1  1 
HETATM 1151 C  C2  . EDO G 4 .   ? 3.577   -12.150 -6.197  1.00 33.38 ? 206 EDO A C2  1 
HETATM 1152 O  O2  . EDO G 4 .   ? 3.167   -13.495 -6.475  1.00 42.70 ? 206 EDO A O2  1 
HETATM 1153 O  O   . HOH H 5 .   ? -5.093  25.231  -0.271  1.00 37.53 ? 301 HOH A O   1 
HETATM 1154 O  O   . HOH H 5 .   ? 7.310   6.680   -5.203  1.00 31.97 ? 302 HOH A O   1 
HETATM 1155 O  O   . HOH H 5 .   ? -4.264  20.483  3.514   1.00 32.23 ? 303 HOH A O   1 
HETATM 1156 O  O   . HOH H 5 .   ? -4.854  -6.171  11.314  1.00 26.85 ? 304 HOH A O   1 
HETATM 1157 O  O   . HOH H 5 .   ? -7.540  23.355  4.548   1.00 37.43 ? 305 HOH A O   1 
HETATM 1158 O  O   . HOH H 5 .   ? -8.919  4.350   -7.370  1.00 39.28 ? 306 HOH A O   1 
HETATM 1159 O  O   . HOH H 5 .   ? -11.872 -14.363 2.210   1.00 32.15 ? 307 HOH A O   1 
HETATM 1160 O  O   . HOH H 5 .   ? 5.258   -21.022 4.986   1.00 38.69 ? 308 HOH A O   1 
HETATM 1161 O  O   . HOH H 5 .   ? 0.139   -4.007  -10.085 1.00 25.09 ? 309 HOH A O   1 
HETATM 1162 O  O   . HOH H 5 .   ? 3.524   20.536  9.698   1.00 29.23 ? 310 HOH A O   1 
HETATM 1163 O  O   . HOH H 5 .   ? 9.311   7.226   4.172   1.00 22.22 ? 311 HOH A O   1 
HETATM 1164 O  O   . HOH H 5 .   ? 6.916   1.872   -2.811  1.00 25.86 ? 312 HOH A O   1 
HETATM 1165 O  O   . HOH H 5 .   ? 4.254   16.427  -6.532  1.00 30.21 ? 313 HOH A O   1 
HETATM 1166 O  O   . HOH H 5 .   ? -9.124  -17.550 -16.711 1.00 27.23 ? 314 HOH A O   1 
HETATM 1167 O  O   . HOH H 5 .   ? 3.102   -20.943 10.072  1.00 33.38 ? 315 HOH A O   1 
HETATM 1168 O  O   . HOH H 5 .   ? -7.128  4.960   10.064  1.00 40.05 ? 316 HOH A O   1 
HETATM 1169 O  O   . HOH H 5 .   ? -3.426  -20.462 -11.951 1.00 38.78 ? 317 HOH A O   1 
HETATM 1170 O  O   . HOH H 5 .   ? -8.214  -4.501  -5.172  1.00 30.75 ? 318 HOH A O   1 
HETATM 1171 O  O   . HOH H 5 .   ? 13.743  7.129   -2.306  1.00 34.26 ? 319 HOH A O   1 
HETATM 1172 O  O   . HOH H 5 .   ? -3.918  -14.335 2.106   1.00 22.50 ? 320 HOH A O   1 
HETATM 1173 O  O   . HOH H 5 .   ? 9.137   21.897  -3.338  1.00 28.63 ? 321 HOH A O   1 
HETATM 1174 O  O   . HOH H 5 .   ? 15.657  8.471   2.315   1.00 32.63 ? 322 HOH A O   1 
HETATM 1175 O  O   . HOH H 5 .   ? -1.681  -17.564 -10.438 1.00 26.03 ? 323 HOH A O   1 
HETATM 1176 O  O   . HOH H 5 .   ? 11.189  15.043  2.820   1.00 30.33 ? 324 HOH A O   1 
HETATM 1177 O  O   . HOH H 5 .   ? 4.483   10.840  -11.675 1.00 35.29 ? 325 HOH A O   1 
HETATM 1178 O  O   . HOH H 5 .   ? 3.162   11.381  -5.910  1.00 26.08 ? 326 HOH A O   1 
HETATM 1179 O  O   . HOH H 5 .   ? -2.311  19.741  5.328   1.00 25.26 ? 327 HOH A O   1 
HETATM 1180 O  O   . HOH H 5 .   ? -9.719  7.284   1.693   1.00 37.33 ? 328 HOH A O   1 
HETATM 1181 O  O   . HOH H 5 .   ? -7.912  3.858   -9.906  1.00 27.65 ? 329 HOH A O   1 
HETATM 1182 O  O   . HOH H 5 .   ? 7.270   -8.387  3.253   1.00 31.59 ? 330 HOH A O   1 
HETATM 1183 O  O   . HOH H 5 .   ? 4.906   -13.314 -1.719  1.00 32.71 ? 331 HOH A O   1 
HETATM 1184 O  O   . HOH H 5 .   ? -8.695  -9.560  10.758  1.00 29.10 ? 332 HOH A O   1 
HETATM 1185 O  O   . HOH H 5 .   ? -10.400 -15.537 -1.574  1.00 29.81 ? 333 HOH A O   1 
HETATM 1186 O  O   . HOH H 5 .   ? -4.778  14.039  11.539  1.00 37.55 ? 334 HOH A O   1 
HETATM 1187 O  O   . HOH H 5 .   ? 6.166   -7.565  6.049   1.00 28.11 ? 335 HOH A O   1 
HETATM 1188 O  O   . HOH H 5 .   ? 6.352   19.170  6.382   1.00 25.93 ? 336 HOH A O   1 
HETATM 1189 O  O   . HOH H 5 .   ? 6.530   -23.969 3.518   1.00 33.40 ? 337 HOH A O   1 
HETATM 1190 O  O   . HOH H 5 .   ? -9.223  -2.242  -3.584  1.00 22.88 ? 338 HOH A O   1 
HETATM 1191 O  O   . HOH H 5 .   ? 7.857   -4.187  7.021   1.00 32.02 ? 339 HOH A O   1 
HETATM 1192 O  O   . HOH H 5 .   ? -3.079  21.212  11.811  1.00 34.99 ? 340 HOH A O   1 
HETATM 1193 O  O   . HOH H 5 .   ? 1.225   3.189   13.682  1.00 38.49 ? 341 HOH A O   1 
HETATM 1194 O  O   . HOH H 5 .   ? 2.595   7.205   14.544  1.00 40.45 ? 342 HOH A O   1 
HETATM 1195 O  O   . HOH H 5 .   ? -4.411  -16.996 -10.285 1.00 27.05 ? 343 HOH A O   1 
HETATM 1196 O  O   . HOH H 5 .   ? 5.972   -23.346 -5.051  1.00 32.46 ? 344 HOH A O   1 
HETATM 1197 O  O   . HOH H 5 .   ? -8.608  8.572   6.142   1.00 37.14 ? 345 HOH A O   1 
HETATM 1198 O  O   . HOH H 5 .   ? 0.284   -28.514 2.448   1.00 44.16 ? 346 HOH A O   1 
HETATM 1199 O  O   . HOH H 5 .   ? -7.693  19.324  2.572   1.00 31.49 ? 347 HOH A O   1 
HETATM 1200 O  O   . HOH H 5 .   ? -3.463  -4.612  12.655  1.00 33.15 ? 348 HOH A O   1 
HETATM 1201 O  O   . HOH H 5 .   ? -4.130  -15.527 -8.063  1.00 27.33 ? 349 HOH A O   1 
HETATM 1202 O  O   . HOH H 5 .   ? -10.336 -13.496 -3.032  1.00 28.23 ? 350 HOH A O   1 
HETATM 1203 O  O   . HOH H 5 .   ? 15.029  0.202   5.183   1.00 36.40 ? 351 HOH A O   1 
HETATM 1204 O  O   . HOH H 5 .   ? 1.180   -6.579  15.000  1.00 29.07 ? 352 HOH A O   1 
HETATM 1205 O  O   . HOH H 5 .   ? 13.199  13.587  3.427   1.00 38.54 ? 353 HOH A O   1 
HETATM 1206 O  O   . HOH H 5 .   ? -7.156  17.407  6.829   1.00 37.64 ? 354 HOH A O   1 
HETATM 1207 O  O   . HOH H 5 .   ? -11.446 -11.261 -1.641  1.00 35.06 ? 355 HOH A O   1 
HETATM 1208 O  O   . HOH H 5 .   ? 2.536   13.514  -7.526  1.00 36.03 ? 356 HOH A O   1 
HETATM 1209 O  O   . HOH H 5 .   ? -7.530  16.754  3.011   1.00 41.56 ? 357 HOH A O   1 
HETATM 1210 O  O   . HOH H 5 .   ? -13.182 -12.297 0.459   1.00 35.00 ? 358 HOH A O   1 
HETATM 1211 O  O   . HOH H 5 .   ? -5.592  -25.247 -13.850 1.00 28.12 ? 359 HOH A O   1 
HETATM 1212 O  O   . HOH H 5 .   ? -6.466  18.238  4.694   1.00 39.00 ? 360 HOH A O   1 
HETATM 1213 O  O   . HOH H 5 .   ? -2.849  -4.407  15.073  1.00 39.13 ? 361 HOH A O   1 
# 
loop_
_pdbx_poly_seq_scheme.asym_id 
_pdbx_poly_seq_scheme.entity_id 
_pdbx_poly_seq_scheme.seq_id 
_pdbx_poly_seq_scheme.mon_id 
_pdbx_poly_seq_scheme.ndb_seq_num 
_pdbx_poly_seq_scheme.pdb_seq_num 
_pdbx_poly_seq_scheme.auth_seq_num 
_pdbx_poly_seq_scheme.pdb_mon_id 
_pdbx_poly_seq_scheme.auth_mon_id 
_pdbx_poly_seq_scheme.pdb_strand_id 
_pdbx_poly_seq_scheme.pdb_ins_code 
_pdbx_poly_seq_scheme.hetero 
A 1 1   MET 1   -3  ?   ?   ?   A . n 
A 1 2   ALA 2   -2  ?   ?   ?   A . n 
A 1 3   SER 3   -1  ?   ?   ?   A . n 
A 1 4   SER 4   0   ?   ?   ?   A . n 
A 1 5   CYS 5   1   1   CYS CYS A . n 
A 1 6   ALA 6   2   2   ALA ALA A . n 
A 1 7   VAL 7   3   3   VAL VAL A . n 
A 1 8   GLN 8   4   4   GLN GLN A . n 
A 1 9   VAL 9   5   5   VAL VAL A . n 
A 1 10  LYS 10  6   6   LYS LYS A . n 
A 1 11  LEU 11  7   7   LEU LEU A . n 
A 1 12  GLU 12  8   8   GLU GLU A . n 
A 1 13  LEU 13  9   9   LEU LEU A . n 
A 1 14  GLY 14  10  10  GLY GLY A . n 
A 1 15  HIS 15  11  11  HIS HIS A . n 
A 1 16  ARG 16  12  12  ARG ARG A . n 
A 1 17  ALA 17  13  13  ALA ALA A . n 
A 1 18  GLN 18  14  14  GLN GLN A . n 
A 1 19  VAL 19  15  15  VAL VAL A . n 
A 1 20  ARG 20  16  16  ARG ARG A . n 
A 1 21  LYS 21  17  17  LYS LYS A . n 
A 1 22  LYS 22  18  18  LYS LYS A . n 
A 1 23  PRO 23  19  19  PRO PRO A . n 
A 1 24  THR 24  20  20  THR THR A . n 
A 1 25  VAL 25  21  21  VAL VAL A . n 
A 1 26  GLU 26  22  22  GLU GLU A . n 
A 1 27  GLY 27  23  23  GLY GLY A . n 
A 1 28  PHE 28  24  24  PHE PHE A . n 
A 1 29  THR 29  25  25  THR THR A . n 
A 1 30  HIS 30  26  26  HIS HIS A . n 
A 1 31  ASP 31  27  27  ASP ASP A . n 
A 1 32  TRP 32  28  28  TRP TRP A . n 
A 1 33  MET 33  29  29  MET MET A . n 
A 1 34  VAL 34  30  30  VAL VAL A . n 
A 1 35  PHE 35  31  31  PHE PHE A . n 
A 1 36  VAL 36  32  32  VAL VAL A . n 
A 1 37  ARG 37  33  33  ARG ARG A . n 
A 1 38  GLY 38  34  34  GLY GLY A . n 
A 1 39  PRO 39  35  35  PRO PRO A . n 
A 1 40  GLU 40  36  36  GLU GLU A . n 
A 1 41  HIS 41  37  37  HIS HIS A . n 
A 1 42  SER 42  38  38  SER SER A . n 
A 1 43  ASN 43  39  39  ASN ASN A . n 
A 1 44  ILE 44  40  40  ILE ILE A . n 
A 1 45  GLN 45  41  41  GLN GLN A . n 
A 1 46  HIS 46  42  42  HIS HIS A . n 
A 1 47  PHE 47  43  43  PHE PHE A . n 
A 1 48  VAL 48  44  44  VAL VAL A . n 
A 1 49  GLU 49  45  45  GLU GLU A . n 
A 1 50  LYS 50  46  46  LYS LYS A . n 
A 1 51  VAL 51  47  47  VAL VAL A . n 
A 1 52  VAL 52  48  48  VAL VAL A . n 
A 1 53  PHE 53  49  49  PHE PHE A . n 
A 1 54  HIS 54  50  50  HIS HIS A . n 
A 1 55  LEU 55  51  51  LEU LEU A . n 
A 1 56  HIS 56  52  52  HIS HIS A . n 
A 1 57  GLU 57  53  53  GLU GLU A . n 
A 1 58  SER 58  54  54  SER SER A . n 
A 1 59  PHE 59  55  55  PHE PHE A . n 
A 1 60  PRO 60  56  56  PRO PRO A . n 
A 1 61  ARG 61  57  57  ARG ARG A . n 
A 1 62  PRO 62  58  58  PRO PRO A . n 
A 1 63  LYS 63  59  59  LYS LYS A . n 
A 1 64  ARG 64  60  60  ARG ARG A . n 
A 1 65  VAL 65  61  61  VAL VAL A . n 
A 1 66  CYS 66  62  62  CYS CYS A . n 
A 1 67  LYS 67  63  63  LYS LYS A . n 
A 1 68  ASP 68  64  64  ASP ASP A . n 
A 1 69  PRO 69  65  65  PRO PRO A . n 
A 1 70  PRO 70  66  66  PRO PRO A . n 
A 1 71  TYR 71  67  67  TYR TYR A . n 
A 1 72  LYS 72  68  68  LYS LYS A . n 
A 1 73  VAL 73  69  69  VAL VAL A . n 
A 1 74  GLU 74  70  70  GLU GLU A . n 
A 1 75  GLU 75  71  71  GLU GLU A . n 
A 1 76  SER 76  72  72  SER SER A . n 
A 1 77  GLY 77  73  73  GLY GLY A . n 
A 1 78  TYR 78  74  74  TYR TYR A . n 
A 1 79  ALA 79  75  75  ALA ALA A . n 
A 1 80  GLY 80  76  76  GLY GLY A . n 
A 1 81  PHE 81  77  77  PHE PHE A . n 
A 1 82  ILE 82  78  78  ILE ILE A . n 
A 1 83  LEU 83  79  79  LEU LEU A . n 
A 1 84  PRO 84  80  80  PRO PRO A . n 
A 1 85  ILE 85  81  81  ILE ILE A . n 
A 1 86  GLU 86  82  82  GLU GLU A . n 
A 1 87  VAL 87  83  83  VAL VAL A . n 
A 1 88  TYR 88  84  84  TYR TYR A . n 
A 1 89  PHE 89  85  85  PHE PHE A . n 
A 1 90  LYS 90  86  86  LYS LYS A . n 
A 1 91  ASN 91  87  87  ASN ASN A . n 
A 1 92  LYS 92  88  88  LYS LYS A . n 
A 1 93  GLU 93  89  89  GLU GLU A . n 
A 1 94  GLU 94  90  90  GLU GLU A . n 
A 1 95  PRO 95  91  91  PRO PRO A . n 
A 1 96  ARG 96  92  92  ARG ARG A . n 
A 1 97  LYS 97  93  93  LYS LYS A . n 
A 1 98  VAL 98  94  94  VAL VAL A . n 
A 1 99  ARG 99  95  95  ARG ARG A . n 
A 1 100 PHE 100 96  96  PHE PHE A . n 
A 1 101 ASP 101 97  97  ASP ASP A . n 
A 1 102 TYR 102 98  98  TYR TYR A . n 
A 1 103 ASP 103 99  99  ASP ASP A . n 
A 1 104 LEU 104 100 100 LEU LEU A . n 
A 1 105 PHE 105 101 101 PHE PHE A . n 
A 1 106 LEU 106 102 102 LEU LEU A . n 
A 1 107 HIS 107 103 103 HIS HIS A . n 
A 1 108 LEU 108 104 104 LEU LEU A . n 
A 1 109 GLU 109 105 105 GLU GLU A . n 
A 1 110 GLY 110 106 106 GLY GLY A . n 
A 1 111 HIS 111 107 107 HIS HIS A . n 
A 1 112 PRO 112 108 108 PRO PRO A . n 
A 1 113 PRO 113 109 109 PRO PRO A . n 
A 1 114 VAL 114 110 110 VAL VAL A . n 
A 1 115 ASN 115 111 111 ASN ASN A . n 
A 1 116 HIS 116 112 112 HIS HIS A . n 
A 1 117 LEU 117 113 113 LEU LEU A . n 
A 1 118 ARG 118 114 114 ARG ARG A . n 
A 1 119 CYS 119 115 115 CYS CYS A . n 
A 1 120 GLU 120 116 116 GLU GLU A . n 
A 1 121 LYS 121 117 117 LYS LYS A . n 
A 1 122 LEU 122 118 118 LEU LEU A . n 
A 1 123 THR 123 119 119 THR THR A . n 
A 1 124 PHE 124 120 120 PHE PHE A . n 
A 1 125 ASN 125 121 121 ASN ASN A . n 
A 1 126 ASN 126 122 122 ASN ASN A . n 
A 1 127 PRO 127 123 123 PRO PRO A . n 
A 1 128 THR 128 124 124 THR THR A . n 
A 1 129 GLU 129 125 125 GLU GLU A . n 
A 1 130 ASP 130 126 126 ASP ASP A . n 
A 1 131 PHE 131 127 127 PHE PHE A . n 
A 1 132 ARG 132 128 128 ARG ARG A . n 
A 1 133 ARG 133 129 129 ARG ARG A . n 
A 1 134 LYS 134 130 130 LYS LYS A . n 
A 1 135 LEU 135 131 131 LEU LEU A . n 
A 1 136 LEU 136 132 132 LEU LEU A . n 
A 1 137 LYS 137 133 133 LYS LYS A . n 
A 1 138 ALA 138 134 134 ALA ALA A . n 
# 
_pdbx_contact_author.id                 2 
_pdbx_contact_author.email              kruan@ustc.edu.cn 
_pdbx_contact_author.name_first         Ke 
_pdbx_contact_author.name_last          Ruan 
_pdbx_contact_author.name_mi            ? 
_pdbx_contact_author.role               'principal investigator/group leader' 
_pdbx_contact_author.identifier_ORCID   0000-0001-9358-0451 
# 
loop_
_pdbx_nonpoly_scheme.asym_id 
_pdbx_nonpoly_scheme.entity_id 
_pdbx_nonpoly_scheme.mon_id 
_pdbx_nonpoly_scheme.ndb_seq_num 
_pdbx_nonpoly_scheme.pdb_seq_num 
_pdbx_nonpoly_scheme.auth_seq_num 
_pdbx_nonpoly_scheme.pdb_mon_id 
_pdbx_nonpoly_scheme.auth_mon_id 
_pdbx_nonpoly_scheme.pdb_strand_id 
_pdbx_nonpoly_scheme.pdb_ins_code 
B 2 7IV 1  201 1   7IV DRG A . 
C 3 CL  1  202 1   CL  CL  A . 
D 4 EDO 1  203 201 EDO EDO A . 
E 4 EDO 1  204 202 EDO EDO A . 
F 4 EDO 1  205 203 EDO EDO A . 
G 4 EDO 1  206 204 EDO EDO A . 
H 5 HOH 1  301 31  HOH HOH A . 
H 5 HOH 2  302 27  HOH HOH A . 
H 5 HOH 3  303 35  HOH HOH A . 
H 5 HOH 4  304 21  HOH HOH A . 
H 5 HOH 5  305 58  HOH HOH A . 
H 5 HOH 6  306 54  HOH HOH A . 
H 5 HOH 7  307 42  HOH HOH A . 
H 5 HOH 8  308 55  HOH HOH A . 
H 5 HOH 9  309 10  HOH HOH A . 
H 5 HOH 10 310 8   HOH HOH A . 
H 5 HOH 11 311 1   HOH HOH A . 
H 5 HOH 12 312 13  HOH HOH A . 
H 5 HOH 13 313 5   HOH HOH A . 
H 5 HOH 14 314 26  HOH HOH A . 
H 5 HOH 15 315 29  HOH HOH A . 
H 5 HOH 16 316 103 HOH HOH A . 
H 5 HOH 17 317 59  HOH HOH A . 
H 5 HOH 18 318 22  HOH HOH A . 
H 5 HOH 19 319 12  HOH HOH A . 
H 5 HOH 20 320 2   HOH HOH A . 
H 5 HOH 21 321 23  HOH HOH A . 
H 5 HOH 22 322 63  HOH HOH A . 
H 5 HOH 23 323 28  HOH HOH A . 
H 5 HOH 24 324 41  HOH HOH A . 
H 5 HOH 25 325 39  HOH HOH A . 
H 5 HOH 26 326 6   HOH HOH A . 
H 5 HOH 27 327 9   HOH HOH A . 
H 5 HOH 28 328 70  HOH HOH A . 
H 5 HOH 29 329 17  HOH HOH A . 
H 5 HOH 30 330 49  HOH HOH A . 
H 5 HOH 31 331 30  HOH HOH A . 
H 5 HOH 32 332 37  HOH HOH A . 
H 5 HOH 33 333 14  HOH HOH A . 
H 5 HOH 34 334 96  HOH HOH A . 
H 5 HOH 35 335 20  HOH HOH A . 
H 5 HOH 36 336 4   HOH HOH A . 
H 5 HOH 37 337 57  HOH HOH A . 
H 5 HOH 38 338 7   HOH HOH A . 
H 5 HOH 39 339 61  HOH HOH A . 
H 5 HOH 40 340 33  HOH HOH A . 
H 5 HOH 41 341 52  HOH HOH A . 
H 5 HOH 42 342 108 HOH HOH A . 
H 5 HOH 43 343 18  HOH HOH A . 
H 5 HOH 44 344 47  HOH HOH A . 
H 5 HOH 45 345 80  HOH HOH A . 
H 5 HOH 46 346 101 HOH HOH A . 
H 5 HOH 47 347 32  HOH HOH A . 
H 5 HOH 48 348 65  HOH HOH A . 
H 5 HOH 49 349 11  HOH HOH A . 
H 5 HOH 50 350 16  HOH HOH A . 
H 5 HOH 51 351 68  HOH HOH A . 
H 5 HOH 52 352 109 HOH HOH A . 
H 5 HOH 53 353 81  HOH HOH A . 
H 5 HOH 54 354 34  HOH HOH A . 
H 5 HOH 55 355 60  HOH HOH A . 
H 5 HOH 56 356 46  HOH HOH A . 
H 5 HOH 57 357 72  HOH HOH A . 
H 5 HOH 58 358 15  HOH HOH A . 
H 5 HOH 59 359 76  HOH HOH A . 
H 5 HOH 60 360 45  HOH HOH A . 
H 5 HOH 61 361 82  HOH HOH A . 
# 
_pdbx_struct_assembly.id                   1 
_pdbx_struct_assembly.details              author_and_software_defined_assembly 
_pdbx_struct_assembly.method_details       PISA 
_pdbx_struct_assembly.oligomeric_details   monomeric 
_pdbx_struct_assembly.oligomeric_count     1 
# 
_pdbx_struct_assembly_gen.assembly_id       1 
_pdbx_struct_assembly_gen.oper_expression   1 
_pdbx_struct_assembly_gen.asym_id_list      A,B,C,D,E,F,G,H 
# 
loop_
_pdbx_struct_assembly_prop.biol_id 
_pdbx_struct_assembly_prop.type 
_pdbx_struct_assembly_prop.value 
_pdbx_struct_assembly_prop.details 
1 'ABSA (A^2)' 120  ? 
1 MORE         -8   ? 
1 'SSA (A^2)'  8030 ? 
# 
_pdbx_struct_oper_list.id                   1 
_pdbx_struct_oper_list.type                 'identity operation' 
_pdbx_struct_oper_list.name                 1_555 
_pdbx_struct_oper_list.symmetry_operation   x,y,z 
_pdbx_struct_oper_list.matrix[1][1]         1.0000000000 
_pdbx_struct_oper_list.matrix[1][2]         0.0000000000 
_pdbx_struct_oper_list.matrix[1][3]         0.0000000000 
_pdbx_struct_oper_list.vector[1]            0.0000000000 
_pdbx_struct_oper_list.matrix[2][1]         0.0000000000 
_pdbx_struct_oper_list.matrix[2][2]         1.0000000000 
_pdbx_struct_oper_list.matrix[2][3]         0.0000000000 
_pdbx_struct_oper_list.vector[2]            0.0000000000 
_pdbx_struct_oper_list.matrix[3][1]         0.0000000000 
_pdbx_struct_oper_list.matrix[3][2]         0.0000000000 
_pdbx_struct_oper_list.matrix[3][3]         1.0000000000 
_pdbx_struct_oper_list.vector[3]            0.0000000000 
# 
loop_
_pdbx_audit_revision_history.ordinal 
_pdbx_audit_revision_history.data_content_type 
_pdbx_audit_revision_history.major_revision 
_pdbx_audit_revision_history.minor_revision 
_pdbx_audit_revision_history.revision_date 
1 'Structure model' 1 0 2022-10-05 
2 'Structure model' 1 1 2023-10-25 
3 'Structure model' 1 2 2023-11-29 
# 
_pdbx_audit_revision_details.ordinal             1 
_pdbx_audit_revision_details.revision_ordinal    1 
_pdbx_audit_revision_details.data_content_type   'Structure model' 
_pdbx_audit_revision_details.provider            repository 
_pdbx_audit_revision_details.type                'Initial release' 
_pdbx_audit_revision_details.description         ? 
_pdbx_audit_revision_details.details             ? 
# 
loop_
_pdbx_audit_revision_group.ordinal 
_pdbx_audit_revision_group.revision_ordinal 
_pdbx_audit_revision_group.data_content_type 
_pdbx_audit_revision_group.group 
1 2 'Structure model' 'Data collection'        
2 2 'Structure model' 'Database references'    
3 3 'Structure model' 'Refinement description' 
# 
loop_
_pdbx_audit_revision_category.ordinal 
_pdbx_audit_revision_category.revision_ordinal 
_pdbx_audit_revision_category.data_content_type 
_pdbx_audit_revision_category.category 
1 2 'Structure model' chem_comp_atom                
2 2 'Structure model' chem_comp_bond                
3 2 'Structure model' citation                      
4 2 'Structure model' citation_author               
5 3 'Structure model' pdbx_initial_refinement_model 
# 
loop_
_pdbx_audit_revision_item.ordinal 
_pdbx_audit_revision_item.revision_ordinal 
_pdbx_audit_revision_item.data_content_type 
_pdbx_audit_revision_item.item 
1 2 'Structure model' '_citation.country'                 
2 2 'Structure model' '_citation.journal_abbrev'          
3 2 'Structure model' '_citation.journal_id_CSD'          
4 2 'Structure model' '_citation.journal_id_ISSN'         
5 2 'Structure model' '_citation.journal_volume'          
6 2 'Structure model' '_citation.pdbx_database_id_DOI'    
7 2 'Structure model' '_citation.pdbx_database_id_PubMed' 
8 2 'Structure model' '_citation.title'                   
9 2 'Structure model' '_citation.year'                    
# 
loop_
_software.citation_id 
_software.classification 
_software.compiler_name 
_software.compiler_version 
_software.contact_author 
_software.contact_author_email 
_software.date 
_software.description 
_software.dependencies 
_software.hardware 
_software.language 
_software.location 
_software.mods 
_software.name 
_software.os 
_software.os_version 
_software.type 
_software.version 
_software.pdbx_ordinal 
? refinement        ? ? ? ? ? ? ? ? ? ? ? REFMAC      ? ? ? 1.16 1 
? 'data scaling'    ? ? ? ? ? ? ? ? ? ? ? SCALA       ? ? ? .    2 
? 'data extraction' ? ? ? ? ? ? ? ? ? ? ? PDB_EXTRACT ? ? ? 3.27 3 
? 'data reduction'  ? ? ? ? ? ? ? ? ? ? ? HKL-2000    ? ? ? .    4 
? phasing           ? ? ? ? ? ? ? ? ? ? ? PHASER      ? ? ? .    5 
# 
_pdbx_entry_details.entry_id                 7VKG 
_pdbx_entry_details.has_ligand_of_interest   Y 
_pdbx_entry_details.compound_details         ? 
_pdbx_entry_details.source_details           ? 
_pdbx_entry_details.nonpolymer_details       ? 
_pdbx_entry_details.sequence_details         ? 
# 
_pdbx_validate_torsion.id              1 
_pdbx_validate_torsion.PDB_model_num   1 
_pdbx_validate_torsion.auth_comp_id    GLU 
_pdbx_validate_torsion.auth_asym_id    A 
_pdbx_validate_torsion.auth_seq_id     36 
_pdbx_validate_torsion.PDB_ins_code    ? 
_pdbx_validate_torsion.label_alt_id    ? 
_pdbx_validate_torsion.phi             54.84 
_pdbx_validate_torsion.psi             -125.92 
# 
loop_
_pdbx_unobs_or_zero_occ_atoms.id 
_pdbx_unobs_or_zero_occ_atoms.PDB_model_num 
_pdbx_unobs_or_zero_occ_atoms.polymer_flag 
_pdbx_unobs_or_zero_occ_atoms.occupancy_flag 
_pdbx_unobs_or_zero_occ_atoms.auth_asym_id 
_pdbx_unobs_or_zero_occ_atoms.auth_comp_id 
_pdbx_unobs_or_zero_occ_atoms.auth_seq_id 
_pdbx_unobs_or_zero_occ_atoms.PDB_ins_code 
_pdbx_unobs_or_zero_occ_atoms.auth_atom_id 
_pdbx_unobs_or_zero_occ_atoms.label_alt_id 
_pdbx_unobs_or_zero_occ_atoms.label_asym_id 
_pdbx_unobs_or_zero_occ_atoms.label_comp_id 
_pdbx_unobs_or_zero_occ_atoms.label_seq_id 
_pdbx_unobs_or_zero_occ_atoms.label_atom_id 
1  1 Y 1 A LYS 17 ? CG  ? A LYS 21 CG  
2  1 Y 1 A LYS 17 ? CD  ? A LYS 21 CD  
3  1 Y 1 A LYS 17 ? CE  ? A LYS 21 CE  
4  1 Y 1 A LYS 17 ? NZ  ? A LYS 21 NZ  
5  1 Y 1 A GLU 36 ? CG  ? A GLU 40 CG  
6  1 Y 1 A GLU 36 ? CD  ? A GLU 40 CD  
7  1 Y 1 A GLU 36 ? OE1 ? A GLU 40 OE1 
8  1 Y 1 A GLU 36 ? OE2 ? A GLU 40 OE2 
9  1 Y 1 A LYS 88 ? CG  ? A LYS 92 CG  
10 1 Y 1 A LYS 88 ? CD  ? A LYS 92 CD  
11 1 Y 1 A LYS 88 ? CE  ? A LYS 92 CE  
12 1 Y 1 A LYS 88 ? NZ  ? A LYS 92 NZ  
# 
loop_
_pdbx_unobs_or_zero_occ_residues.id 
_pdbx_unobs_or_zero_occ_residues.PDB_model_num 
_pdbx_unobs_or_zero_occ_residues.polymer_flag 
_pdbx_unobs_or_zero_occ_residues.occupancy_flag 
_pdbx_unobs_or_zero_occ_residues.auth_asym_id 
_pdbx_unobs_or_zero_occ_residues.auth_comp_id 
_pdbx_unobs_or_zero_occ_residues.auth_seq_id 
_pdbx_unobs_or_zero_occ_residues.PDB_ins_code 
_pdbx_unobs_or_zero_occ_residues.label_asym_id 
_pdbx_unobs_or_zero_occ_residues.label_comp_id 
_pdbx_unobs_or_zero_occ_residues.label_seq_id 
1 1 Y 1 A MET -3 ? A MET 1 
2 1 Y 1 A ALA -2 ? A ALA 2 
3 1 Y 1 A SER -1 ? A SER 3 
4 1 Y 1 A SER 0  ? A SER 4 
# 
loop_
_chem_comp_atom.comp_id 
_chem_comp_atom.atom_id 
_chem_comp_atom.type_symbol 
_chem_comp_atom.pdbx_aromatic_flag 
_chem_comp_atom.pdbx_stereo_config 
_chem_comp_atom.pdbx_ordinal 
7IV C4   C  Y N 1   
7IV C14  C  Y N 2   
7IV C5   C  Y N 3   
7IV C6   C  Y N 4   
7IV C11  C  N N 5   
7IV C9   C  N N 6   
7IV C13  C  N N 7   
7IV C3   C  Y N 8   
7IV C1   C  Y N 9   
7IV C15  C  Y N 10  
7IV C16  C  Y N 11  
7IV C17  C  Y N 12  
7IV C18  C  Y N 13  
7IV C19  C  Y N 14  
7IV C2   C  Y N 15  
7IV N8   N  N N 16  
7IV O10  O  N N 17  
7IV O12  O  N N 18  
7IV CL7  CL N N 19  
7IV H1   H  N N 20  
7IV H2   H  N N 21  
7IV H3   H  N N 22  
7IV H4   H  N N 23  
7IV H5   H  N N 24  
7IV H6   H  N N 25  
7IV H7   H  N N 26  
7IV H8   H  N N 27  
7IV H9   H  N N 28  
7IV H10  H  N N 29  
7IV H11  H  N N 30  
7IV H12  H  N N 31  
7IV H13  H  N N 32  
7IV H14  H  N N 33  
ALA N    N  N N 34  
ALA CA   C  N S 35  
ALA C    C  N N 36  
ALA O    O  N N 37  
ALA CB   C  N N 38  
ALA OXT  O  N N 39  
ALA H    H  N N 40  
ALA H2   H  N N 41  
ALA HA   H  N N 42  
ALA HB1  H  N N 43  
ALA HB2  H  N N 44  
ALA HB3  H  N N 45  
ALA HXT  H  N N 46  
ARG N    N  N N 47  
ARG CA   C  N S 48  
ARG C    C  N N 49  
ARG O    O  N N 50  
ARG CB   C  N N 51  
ARG CG   C  N N 52  
ARG CD   C  N N 53  
ARG NE   N  N N 54  
ARG CZ   C  N N 55  
ARG NH1  N  N N 56  
ARG NH2  N  N N 57  
ARG OXT  O  N N 58  
ARG H    H  N N 59  
ARG H2   H  N N 60  
ARG HA   H  N N 61  
ARG HB2  H  N N 62  
ARG HB3  H  N N 63  
ARG HG2  H  N N 64  
ARG HG3  H  N N 65  
ARG HD2  H  N N 66  
ARG HD3  H  N N 67  
ARG HE   H  N N 68  
ARG HH11 H  N N 69  
ARG HH12 H  N N 70  
ARG HH21 H  N N 71  
ARG HH22 H  N N 72  
ARG HXT  H  N N 73  
ASN N    N  N N 74  
ASN CA   C  N S 75  
ASN C    C  N N 76  
ASN O    O  N N 77  
ASN CB   C  N N 78  
ASN CG   C  N N 79  
ASN OD1  O  N N 80  
ASN ND2  N  N N 81  
ASN OXT  O  N N 82  
ASN H    H  N N 83  
ASN H2   H  N N 84  
ASN HA   H  N N 85  
ASN HB2  H  N N 86  
ASN HB3  H  N N 87  
ASN HD21 H  N N 88  
ASN HD22 H  N N 89  
ASN HXT  H  N N 90  
ASP N    N  N N 91  
ASP CA   C  N S 92  
ASP C    C  N N 93  
ASP O    O  N N 94  
ASP CB   C  N N 95  
ASP CG   C  N N 96  
ASP OD1  O  N N 97  
ASP OD2  O  N N 98  
ASP OXT  O  N N 99  
ASP H    H  N N 100 
ASP H2   H  N N 101 
ASP HA   H  N N 102 
ASP HB2  H  N N 103 
ASP HB3  H  N N 104 
ASP HD2  H  N N 105 
ASP HXT  H  N N 106 
CL  CL   CL N N 107 
CYS N    N  N N 108 
CYS CA   C  N R 109 
CYS C    C  N N 110 
CYS O    O  N N 111 
CYS CB   C  N N 112 
CYS SG   S  N N 113 
CYS OXT  O  N N 114 
CYS H    H  N N 115 
CYS H2   H  N N 116 
CYS HA   H  N N 117 
CYS HB2  H  N N 118 
CYS HB3  H  N N 119 
CYS HG   H  N N 120 
CYS HXT  H  N N 121 
EDO C1   C  N N 122 
EDO O1   O  N N 123 
EDO C2   C  N N 124 
EDO O2   O  N N 125 
EDO H11  H  N N 126 
EDO H12  H  N N 127 
EDO HO1  H  N N 128 
EDO H21  H  N N 129 
EDO H22  H  N N 130 
EDO HO2  H  N N 131 
GLN N    N  N N 132 
GLN CA   C  N S 133 
GLN C    C  N N 134 
GLN O    O  N N 135 
GLN CB   C  N N 136 
GLN CG   C  N N 137 
GLN CD   C  N N 138 
GLN OE1  O  N N 139 
GLN NE2  N  N N 140 
GLN OXT  O  N N 141 
GLN H    H  N N 142 
GLN H2   H  N N 143 
GLN HA   H  N N 144 
GLN HB2  H  N N 145 
GLN HB3  H  N N 146 
GLN HG2  H  N N 147 
GLN HG3  H  N N 148 
GLN HE21 H  N N 149 
GLN HE22 H  N N 150 
GLN HXT  H  N N 151 
GLU N    N  N N 152 
GLU CA   C  N S 153 
GLU C    C  N N 154 
GLU O    O  N N 155 
GLU CB   C  N N 156 
GLU CG   C  N N 157 
GLU CD   C  N N 158 
GLU OE1  O  N N 159 
GLU OE2  O  N N 160 
GLU OXT  O  N N 161 
GLU H    H  N N 162 
GLU H2   H  N N 163 
GLU HA   H  N N 164 
GLU HB2  H  N N 165 
GLU HB3  H  N N 166 
GLU HG2  H  N N 167 
GLU HG3  H  N N 168 
GLU HE2  H  N N 169 
GLU HXT  H  N N 170 
GLY N    N  N N 171 
GLY CA   C  N N 172 
GLY C    C  N N 173 
GLY O    O  N N 174 
GLY OXT  O  N N 175 
GLY H    H  N N 176 
GLY H2   H  N N 177 
GLY HA2  H  N N 178 
GLY HA3  H  N N 179 
GLY HXT  H  N N 180 
HIS N    N  N N 181 
HIS CA   C  N S 182 
HIS C    C  N N 183 
HIS O    O  N N 184 
HIS CB   C  N N 185 
HIS CG   C  Y N 186 
HIS ND1  N  Y N 187 
HIS CD2  C  Y N 188 
HIS CE1  C  Y N 189 
HIS NE2  N  Y N 190 
HIS OXT  O  N N 191 
HIS H    H  N N 192 
HIS H2   H  N N 193 
HIS HA   H  N N 194 
HIS HB2  H  N N 195 
HIS HB3  H  N N 196 
HIS HD1  H  N N 197 
HIS HD2  H  N N 198 
HIS HE1  H  N N 199 
HIS HE2  H  N N 200 
HIS HXT  H  N N 201 
HOH O    O  N N 202 
HOH H1   H  N N 203 
HOH H2   H  N N 204 
ILE N    N  N N 205 
ILE CA   C  N S 206 
ILE C    C  N N 207 
ILE O    O  N N 208 
ILE CB   C  N S 209 
ILE CG1  C  N N 210 
ILE CG2  C  N N 211 
ILE CD1  C  N N 212 
ILE OXT  O  N N 213 
ILE H    H  N N 214 
ILE H2   H  N N 215 
ILE HA   H  N N 216 
ILE HB   H  N N 217 
ILE HG12 H  N N 218 
ILE HG13 H  N N 219 
ILE HG21 H  N N 220 
ILE HG22 H  N N 221 
ILE HG23 H  N N 222 
ILE HD11 H  N N 223 
ILE HD12 H  N N 224 
ILE HD13 H  N N 225 
ILE HXT  H  N N 226 
LEU N    N  N N 227 
LEU CA   C  N S 228 
LEU C    C  N N 229 
LEU O    O  N N 230 
LEU CB   C  N N 231 
LEU CG   C  N N 232 
LEU CD1  C  N N 233 
LEU CD2  C  N N 234 
LEU OXT  O  N N 235 
LEU H    H  N N 236 
LEU H2   H  N N 237 
LEU HA   H  N N 238 
LEU HB2  H  N N 239 
LEU HB3  H  N N 240 
LEU HG   H  N N 241 
LEU HD11 H  N N 242 
LEU HD12 H  N N 243 
LEU HD13 H  N N 244 
LEU HD21 H  N N 245 
LEU HD22 H  N N 246 
LEU HD23 H  N N 247 
LEU HXT  H  N N 248 
LYS N    N  N N 249 
LYS CA   C  N S 250 
LYS C    C  N N 251 
LYS O    O  N N 252 
LYS CB   C  N N 253 
LYS CG   C  N N 254 
LYS CD   C  N N 255 
LYS CE   C  N N 256 
LYS NZ   N  N N 257 
LYS OXT  O  N N 258 
LYS H    H  N N 259 
LYS H2   H  N N 260 
LYS HA   H  N N 261 
LYS HB2  H  N N 262 
LYS HB3  H  N N 263 
LYS HG2  H  N N 264 
LYS HG3  H  N N 265 
LYS HD2  H  N N 266 
LYS HD3  H  N N 267 
LYS HE2  H  N N 268 
LYS HE3  H  N N 269 
LYS HZ1  H  N N 270 
LYS HZ2  H  N N 271 
LYS HZ3  H  N N 272 
LYS HXT  H  N N 273 
MET N    N  N N 274 
MET CA   C  N S 275 
MET C    C  N N 276 
MET O    O  N N 277 
MET CB   C  N N 278 
MET CG   C  N N 279 
MET SD   S  N N 280 
MET CE   C  N N 281 
MET OXT  O  N N 282 
MET H    H  N N 283 
MET H2   H  N N 284 
MET HA   H  N N 285 
MET HB2  H  N N 286 
MET HB3  H  N N 287 
MET HG2  H  N N 288 
MET HG3  H  N N 289 
MET HE1  H  N N 290 
MET HE2  H  N N 291 
MET HE3  H  N N 292 
MET HXT  H  N N 293 
PHE N    N  N N 294 
PHE CA   C  N S 295 
PHE C    C  N N 296 
PHE O    O  N N 297 
PHE CB   C  N N 298 
PHE CG   C  Y N 299 
PHE CD1  C  Y N 300 
PHE CD2  C  Y N 301 
PHE CE1  C  Y N 302 
PHE CE2  C  Y N 303 
PHE CZ   C  Y N 304 
PHE OXT  O  N N 305 
PHE H    H  N N 306 
PHE H2   H  N N 307 
PHE HA   H  N N 308 
PHE HB2  H  N N 309 
PHE HB3  H  N N 310 
PHE HD1  H  N N 311 
PHE HD2  H  N N 312 
PHE HE1  H  N N 313 
PHE HE2  H  N N 314 
PHE HZ   H  N N 315 
PHE HXT  H  N N 316 
PRO N    N  N N 317 
PRO CA   C  N S 318 
PRO C    C  N N 319 
PRO O    O  N N 320 
PRO CB   C  N N 321 
PRO CG   C  N N 322 
PRO CD   C  N N 323 
PRO OXT  O  N N 324 
PRO H    H  N N 325 
PRO HA   H  N N 326 
PRO HB2  H  N N 327 
PRO HB3  H  N N 328 
PRO HG2  H  N N 329 
PRO HG3  H  N N 330 
PRO HD2  H  N N 331 
PRO HD3  H  N N 332 
PRO HXT  H  N N 333 
SER N    N  N N 334 
SER CA   C  N S 335 
SER C    C  N N 336 
SER O    O  N N 337 
SER CB   C  N N 338 
SER OG   O  N N 339 
SER OXT  O  N N 340 
SER H    H  N N 341 
SER H2   H  N N 342 
SER HA   H  N N 343 
SER HB2  H  N N 344 
SER HB3  H  N N 345 
SER HG   H  N N 346 
SER HXT  H  N N 347 
THR N    N  N N 348 
THR CA   C  N S 349 
THR C    C  N N 350 
THR O    O  N N 351 
THR CB   C  N R 352 
THR OG1  O  N N 353 
THR CG2  C  N N 354 
THR OXT  O  N N 355 
THR H    H  N N 356 
THR H2   H  N N 357 
THR HA   H  N N 358 
THR HB   H  N N 359 
THR HG1  H  N N 360 
THR HG21 H  N N 361 
THR HG22 H  N N 362 
THR HG23 H  N N 363 
THR HXT  H  N N 364 
TRP N    N  N N 365 
TRP CA   C  N S 366 
TRP C    C  N N 367 
TRP O    O  N N 368 
TRP CB   C  N N 369 
TRP CG   C  Y N 370 
TRP CD1  C  Y N 371 
TRP CD2  C  Y N 372 
TRP NE1  N  Y N 373 
TRP CE2  C  Y N 374 
TRP CE3  C  Y N 375 
TRP CZ2  C  Y N 376 
TRP CZ3  C  Y N 377 
TRP CH2  C  Y N 378 
TRP OXT  O  N N 379 
TRP H    H  N N 380 
TRP H2   H  N N 381 
TRP HA   H  N N 382 
TRP HB2  H  N N 383 
TRP HB3  H  N N 384 
TRP HD1  H  N N 385 
TRP HE1  H  N N 386 
TRP HE3  H  N N 387 
TRP HZ2  H  N N 388 
TRP HZ3  H  N N 389 
TRP HH2  H  N N 390 
TRP HXT  H  N N 391 
TYR N    N  N N 392 
TYR CA   C  N S 393 
TYR C    C  N N 394 
TYR O    O  N N 395 
TYR CB   C  N N 396 
TYR CG   C  Y N 397 
TYR CD1  C  Y N 398 
TYR CD2  C  Y N 399 
TYR CE1  C  Y N 400 
TYR CE2  C  Y N 401 
TYR CZ   C  Y N 402 
TYR OH   O  N N 403 
TYR OXT  O  N N 404 
TYR H    H  N N 405 
TYR H2   H  N N 406 
TYR HA   H  N N 407 
TYR HB2  H  N N 408 
TYR HB3  H  N N 409 
TYR HD1  H  N N 410 
TYR HD2  H  N N 411 
TYR HE1  H  N N 412 
TYR HE2  H  N N 413 
TYR HH   H  N N 414 
TYR HXT  H  N N 415 
VAL N    N  N N 416 
VAL CA   C  N S 417 
VAL C    C  N N 418 
VAL O    O  N N 419 
VAL CB   C  N N 420 
VAL CG1  C  N N 421 
VAL CG2  C  N N 422 
VAL OXT  O  N N 423 
VAL H    H  N N 424 
VAL H2   H  N N 425 
VAL HA   H  N N 426 
VAL HB   H  N N 427 
VAL HG11 H  N N 428 
VAL HG12 H  N N 429 
VAL HG13 H  N N 430 
VAL HG21 H  N N 431 
VAL HG22 H  N N 432 
VAL HG23 H  N N 433 
VAL HXT  H  N N 434 
# 
loop_
_chem_comp_bond.comp_id 
_chem_comp_bond.atom_id_1 
_chem_comp_bond.atom_id_2 
_chem_comp_bond.value_order 
_chem_comp_bond.pdbx_aromatic_flag 
_chem_comp_bond.pdbx_stereo_config 
_chem_comp_bond.pdbx_ordinal 
7IV CL7 C3   sing N N 1   
7IV C5  C3   doub Y N 2   
7IV C5  C6   sing Y N 3   
7IV C3  C1   sing Y N 4   
7IV C6  C4   doub Y N 5   
7IV C1  C2   doub Y N 6   
7IV O10 C9   doub N N 7   
7IV C4  C2   sing Y N 8   
7IV C4  N8   sing N N 9   
7IV C9  N8   sing N N 10  
7IV C9  C11  sing N N 11  
7IV C11 O12  sing N N 12  
7IV O12 C13  sing N N 13  
7IV C13 C14  sing N N 14  
7IV C15 C14  doub Y N 15  
7IV C15 C17  sing Y N 16  
7IV C14 C16  sing Y N 17  
7IV C17 C19  doub Y N 18  
7IV C16 C18  doub Y N 19  
7IV C19 C18  sing Y N 20  
7IV C5  H1   sing N N 21  
7IV C6  H2   sing N N 22  
7IV C11 H3   sing N N 23  
7IV C11 H4   sing N N 24  
7IV C13 H5   sing N N 25  
7IV C13 H6   sing N N 26  
7IV C1  H7   sing N N 27  
7IV C15 H8   sing N N 28  
7IV C16 H9   sing N N 29  
7IV C17 H10  sing N N 30  
7IV C18 H11  sing N N 31  
7IV C19 H12  sing N N 32  
7IV C2  H13  sing N N 33  
7IV N8  H14  sing N N 34  
ALA N   CA   sing N N 35  
ALA N   H    sing N N 36  
ALA N   H2   sing N N 37  
ALA CA  C    sing N N 38  
ALA CA  CB   sing N N 39  
ALA CA  HA   sing N N 40  
ALA C   O    doub N N 41  
ALA C   OXT  sing N N 42  
ALA CB  HB1  sing N N 43  
ALA CB  HB2  sing N N 44  
ALA CB  HB3  sing N N 45  
ALA OXT HXT  sing N N 46  
ARG N   CA   sing N N 47  
ARG N   H    sing N N 48  
ARG N   H2   sing N N 49  
ARG CA  C    sing N N 50  
ARG CA  CB   sing N N 51  
ARG CA  HA   sing N N 52  
ARG C   O    doub N N 53  
ARG C   OXT  sing N N 54  
ARG CB  CG   sing N N 55  
ARG CB  HB2  sing N N 56  
ARG CB  HB3  sing N N 57  
ARG CG  CD   sing N N 58  
ARG CG  HG2  sing N N 59  
ARG CG  HG3  sing N N 60  
ARG CD  NE   sing N N 61  
ARG CD  HD2  sing N N 62  
ARG CD  HD3  sing N N 63  
ARG NE  CZ   sing N N 64  
ARG NE  HE   sing N N 65  
ARG CZ  NH1  sing N N 66  
ARG CZ  NH2  doub N N 67  
ARG NH1 HH11 sing N N 68  
ARG NH1 HH12 sing N N 69  
ARG NH2 HH21 sing N N 70  
ARG NH2 HH22 sing N N 71  
ARG OXT HXT  sing N N 72  
ASN N   CA   sing N N 73  
ASN N   H    sing N N 74  
ASN N   H2   sing N N 75  
ASN CA  C    sing N N 76  
ASN CA  CB   sing N N 77  
ASN CA  HA   sing N N 78  
ASN C   O    doub N N 79  
ASN C   OXT  sing N N 80  
ASN CB  CG   sing N N 81  
ASN CB  HB2  sing N N 82  
ASN CB  HB3  sing N N 83  
ASN CG  OD1  doub N N 84  
ASN CG  ND2  sing N N 85  
ASN ND2 HD21 sing N N 86  
ASN ND2 HD22 sing N N 87  
ASN OXT HXT  sing N N 88  
ASP N   CA   sing N N 89  
ASP N   H    sing N N 90  
ASP N   H2   sing N N 91  
ASP CA  C    sing N N 92  
ASP CA  CB   sing N N 93  
ASP CA  HA   sing N N 94  
ASP C   O    doub N N 95  
ASP C   OXT  sing N N 96  
ASP CB  CG   sing N N 97  
ASP CB  HB2  sing N N 98  
ASP CB  HB3  sing N N 99  
ASP CG  OD1  doub N N 100 
ASP CG  OD2  sing N N 101 
ASP OD2 HD2  sing N N 102 
ASP OXT HXT  sing N N 103 
CYS N   CA   sing N N 104 
CYS N   H    sing N N 105 
CYS N   H2   sing N N 106 
CYS CA  C    sing N N 107 
CYS CA  CB   sing N N 108 
CYS CA  HA   sing N N 109 
CYS C   O    doub N N 110 
CYS C   OXT  sing N N 111 
CYS CB  SG   sing N N 112 
CYS CB  HB2  sing N N 113 
CYS CB  HB3  sing N N 114 
CYS SG  HG   sing N N 115 
CYS OXT HXT  sing N N 116 
EDO C1  O1   sing N N 117 
EDO C1  C2   sing N N 118 
EDO C1  H11  sing N N 119 
EDO C1  H12  sing N N 120 
EDO O1  HO1  sing N N 121 
EDO C2  O2   sing N N 122 
EDO C2  H21  sing N N 123 
EDO C2  H22  sing N N 124 
EDO O2  HO2  sing N N 125 
GLN N   CA   sing N N 126 
GLN N   H    sing N N 127 
GLN N   H2   sing N N 128 
GLN CA  C    sing N N 129 
GLN CA  CB   sing N N 130 
GLN CA  HA   sing N N 131 
GLN C   O    doub N N 132 
GLN C   OXT  sing N N 133 
GLN CB  CG   sing N N 134 
GLN CB  HB2  sing N N 135 
GLN CB  HB3  sing N N 136 
GLN CG  CD   sing N N 137 
GLN CG  HG2  sing N N 138 
GLN CG  HG3  sing N N 139 
GLN CD  OE1  doub N N 140 
GLN CD  NE2  sing N N 141 
GLN NE2 HE21 sing N N 142 
GLN NE2 HE22 sing N N 143 
GLN OXT HXT  sing N N 144 
GLU N   CA   sing N N 145 
GLU N   H    sing N N 146 
GLU N   H2   sing N N 147 
GLU CA  C    sing N N 148 
GLU CA  CB   sing N N 149 
GLU CA  HA   sing N N 150 
GLU C   O    doub N N 151 
GLU C   OXT  sing N N 152 
GLU CB  CG   sing N N 153 
GLU CB  HB2  sing N N 154 
GLU CB  HB3  sing N N 155 
GLU CG  CD   sing N N 156 
GLU CG  HG2  sing N N 157 
GLU CG  HG3  sing N N 158 
GLU CD  OE1  doub N N 159 
GLU CD  OE2  sing N N 160 
GLU OE2 HE2  sing N N 161 
GLU OXT HXT  sing N N 162 
GLY N   CA   sing N N 163 
GLY N   H    sing N N 164 
GLY N   H2   sing N N 165 
GLY CA  C    sing N N 166 
GLY CA  HA2  sing N N 167 
GLY CA  HA3  sing N N 168 
GLY C   O    doub N N 169 
GLY C   OXT  sing N N 170 
GLY OXT HXT  sing N N 171 
HIS N   CA   sing N N 172 
HIS N   H    sing N N 173 
HIS N   H2   sing N N 174 
HIS CA  C    sing N N 175 
HIS CA  CB   sing N N 176 
HIS CA  HA   sing N N 177 
HIS C   O    doub N N 178 
HIS C   OXT  sing N N 179 
HIS CB  CG   sing N N 180 
HIS CB  HB2  sing N N 181 
HIS CB  HB3  sing N N 182 
HIS CG  ND1  sing Y N 183 
HIS CG  CD2  doub Y N 184 
HIS ND1 CE1  doub Y N 185 
HIS ND1 HD1  sing N N 186 
HIS CD2 NE2  sing Y N 187 
HIS CD2 HD2  sing N N 188 
HIS CE1 NE2  sing Y N 189 
HIS CE1 HE1  sing N N 190 
HIS NE2 HE2  sing N N 191 
HIS OXT HXT  sing N N 192 
HOH O   H1   sing N N 193 
HOH O   H2   sing N N 194 
ILE N   CA   sing N N 195 
ILE N   H    sing N N 196 
ILE N   H2   sing N N 197 
ILE CA  C    sing N N 198 
ILE CA  CB   sing N N 199 
ILE CA  HA   sing N N 200 
ILE C   O    doub N N 201 
ILE C   OXT  sing N N 202 
ILE CB  CG1  sing N N 203 
ILE CB  CG2  sing N N 204 
ILE CB  HB   sing N N 205 
ILE CG1 CD1  sing N N 206 
ILE CG1 HG12 sing N N 207 
ILE CG1 HG13 sing N N 208 
ILE CG2 HG21 sing N N 209 
ILE CG2 HG22 sing N N 210 
ILE CG2 HG23 sing N N 211 
ILE CD1 HD11 sing N N 212 
ILE CD1 HD12 sing N N 213 
ILE CD1 HD13 sing N N 214 
ILE OXT HXT  sing N N 215 
LEU N   CA   sing N N 216 
LEU N   H    sing N N 217 
LEU N   H2   sing N N 218 
LEU CA  C    sing N N 219 
LEU CA  CB   sing N N 220 
LEU CA  HA   sing N N 221 
LEU C   O    doub N N 222 
LEU C   OXT  sing N N 223 
LEU CB  CG   sing N N 224 
LEU CB  HB2  sing N N 225 
LEU CB  HB3  sing N N 226 
LEU CG  CD1  sing N N 227 
LEU CG  CD2  sing N N 228 
LEU CG  HG   sing N N 229 
LEU CD1 HD11 sing N N 230 
LEU CD1 HD12 sing N N 231 
LEU CD1 HD13 sing N N 232 
LEU CD2 HD21 sing N N 233 
LEU CD2 HD22 sing N N 234 
LEU CD2 HD23 sing N N 235 
LEU OXT HXT  sing N N 236 
LYS N   CA   sing N N 237 
LYS N   H    sing N N 238 
LYS N   H2   sing N N 239 
LYS CA  C    sing N N 240 
LYS CA  CB   sing N N 241 
LYS CA  HA   sing N N 242 
LYS C   O    doub N N 243 
LYS C   OXT  sing N N 244 
LYS CB  CG   sing N N 245 
LYS CB  HB2  sing N N 246 
LYS CB  HB3  sing N N 247 
LYS CG  CD   sing N N 248 
LYS CG  HG2  sing N N 249 
LYS CG  HG3  sing N N 250 
LYS CD  CE   sing N N 251 
LYS CD  HD2  sing N N 252 
LYS CD  HD3  sing N N 253 
LYS CE  NZ   sing N N 254 
LYS CE  HE2  sing N N 255 
LYS CE  HE3  sing N N 256 
LYS NZ  HZ1  sing N N 257 
LYS NZ  HZ2  sing N N 258 
LYS NZ  HZ3  sing N N 259 
LYS OXT HXT  sing N N 260 
MET N   CA   sing N N 261 
MET N   H    sing N N 262 
MET N   H2   sing N N 263 
MET CA  C    sing N N 264 
MET CA  CB   sing N N 265 
MET CA  HA   sing N N 266 
MET C   O    doub N N 267 
MET C   OXT  sing N N 268 
MET CB  CG   sing N N 269 
MET CB  HB2  sing N N 270 
MET CB  HB3  sing N N 271 
MET CG  SD   sing N N 272 
MET CG  HG2  sing N N 273 
MET CG  HG3  sing N N 274 
MET SD  CE   sing N N 275 
MET CE  HE1  sing N N 276 
MET CE  HE2  sing N N 277 
MET CE  HE3  sing N N 278 
MET OXT HXT  sing N N 279 
PHE N   CA   sing N N 280 
PHE N   H    sing N N 281 
PHE N   H2   sing N N 282 
PHE CA  C    sing N N 283 
PHE CA  CB   sing N N 284 
PHE CA  HA   sing N N 285 
PHE C   O    doub N N 286 
PHE C   OXT  sing N N 287 
PHE CB  CG   sing N N 288 
PHE CB  HB2  sing N N 289 
PHE CB  HB3  sing N N 290 
PHE CG  CD1  doub Y N 291 
PHE CG  CD2  sing Y N 292 
PHE CD1 CE1  sing Y N 293 
PHE CD1 HD1  sing N N 294 
PHE CD2 CE2  doub Y N 295 
PHE CD2 HD2  sing N N 296 
PHE CE1 CZ   doub Y N 297 
PHE CE1 HE1  sing N N 298 
PHE CE2 CZ   sing Y N 299 
PHE CE2 HE2  sing N N 300 
PHE CZ  HZ   sing N N 301 
PHE OXT HXT  sing N N 302 
PRO N   CA   sing N N 303 
PRO N   CD   sing N N 304 
PRO N   H    sing N N 305 
PRO CA  C    sing N N 306 
PRO CA  CB   sing N N 307 
PRO CA  HA   sing N N 308 
PRO C   O    doub N N 309 
PRO C   OXT  sing N N 310 
PRO CB  CG   sing N N 311 
PRO CB  HB2  sing N N 312 
PRO CB  HB3  sing N N 313 
PRO CG  CD   sing N N 314 
PRO CG  HG2  sing N N 315 
PRO CG  HG3  sing N N 316 
PRO CD  HD2  sing N N 317 
PRO CD  HD3  sing N N 318 
PRO OXT HXT  sing N N 319 
SER N   CA   sing N N 320 
SER N   H    sing N N 321 
SER N   H2   sing N N 322 
SER CA  C    sing N N 323 
SER CA  CB   sing N N 324 
SER CA  HA   sing N N 325 
SER C   O    doub N N 326 
SER C   OXT  sing N N 327 
SER CB  OG   sing N N 328 
SER CB  HB2  sing N N 329 
SER CB  HB3  sing N N 330 
SER OG  HG   sing N N 331 
SER OXT HXT  sing N N 332 
THR N   CA   sing N N 333 
THR N   H    sing N N 334 
THR N   H2   sing N N 335 
THR CA  C    sing N N 336 
THR CA  CB   sing N N 337 
THR CA  HA   sing N N 338 
THR C   O    doub N N 339 
THR C   OXT  sing N N 340 
THR CB  OG1  sing N N 341 
THR CB  CG2  sing N N 342 
THR CB  HB   sing N N 343 
THR OG1 HG1  sing N N 344 
THR CG2 HG21 sing N N 345 
THR CG2 HG22 sing N N 346 
THR CG2 HG23 sing N N 347 
THR OXT HXT  sing N N 348 
TRP N   CA   sing N N 349 
TRP N   H    sing N N 350 
TRP N   H2   sing N N 351 
TRP CA  C    sing N N 352 
TRP CA  CB   sing N N 353 
TRP CA  HA   sing N N 354 
TRP C   O    doub N N 355 
TRP C   OXT  sing N N 356 
TRP CB  CG   sing N N 357 
TRP CB  HB2  sing N N 358 
TRP CB  HB3  sing N N 359 
TRP CG  CD1  doub Y N 360 
TRP CG  CD2  sing Y N 361 
TRP CD1 NE1  sing Y N 362 
TRP CD1 HD1  sing N N 363 
TRP CD2 CE2  doub Y N 364 
TRP CD2 CE3  sing Y N 365 
TRP NE1 CE2  sing Y N 366 
TRP NE1 HE1  sing N N 367 
TRP CE2 CZ2  sing Y N 368 
TRP CE3 CZ3  doub Y N 369 
TRP CE3 HE3  sing N N 370 
TRP CZ2 CH2  doub Y N 371 
TRP CZ2 HZ2  sing N N 372 
TRP CZ3 CH2  sing Y N 373 
TRP CZ3 HZ3  sing N N 374 
TRP CH2 HH2  sing N N 375 
TRP OXT HXT  sing N N 376 
TYR N   CA   sing N N 377 
TYR N   H    sing N N 378 
TYR N   H2   sing N N 379 
TYR CA  C    sing N N 380 
TYR CA  CB   sing N N 381 
TYR CA  HA   sing N N 382 
TYR C   O    doub N N 383 
TYR C   OXT  sing N N 384 
TYR CB  CG   sing N N 385 
TYR CB  HB2  sing N N 386 
TYR CB  HB3  sing N N 387 
TYR CG  CD1  doub Y N 388 
TYR CG  CD2  sing Y N 389 
TYR CD1 CE1  sing Y N 390 
TYR CD1 HD1  sing N N 391 
TYR CD2 CE2  doub Y N 392 
TYR CD2 HD2  sing N N 393 
TYR CE1 CZ   doub Y N 394 
TYR CE1 HE1  sing N N 395 
TYR CE2 CZ   sing Y N 396 
TYR CE2 HE2  sing N N 397 
TYR CZ  OH   sing N N 398 
TYR OH  HH   sing N N 399 
TYR OXT HXT  sing N N 400 
VAL N   CA   sing N N 401 
VAL N   H    sing N N 402 
VAL N   H2   sing N N 403 
VAL CA  C    sing N N 404 
VAL CA  CB   sing N N 405 
VAL CA  HA   sing N N 406 
VAL C   O    doub N N 407 
VAL C   OXT  sing N N 408 
VAL CB  CG1  sing N N 409 
VAL CB  CG2  sing N N 410 
VAL CB  HB   sing N N 411 
VAL CG1 HG11 sing N N 412 
VAL CG1 HG12 sing N N 413 
VAL CG1 HG13 sing N N 414 
VAL CG2 HG21 sing N N 415 
VAL CG2 HG22 sing N N 416 
VAL CG2 HG23 sing N N 417 
VAL OXT HXT  sing N N 418 
# 
_pdbx_audit_support.funding_organization   'National Natural Science Foundation of China (NSFC)' 
_pdbx_audit_support.country                China 
_pdbx_audit_support.grant_number           ? 
_pdbx_audit_support.ordinal                1 
# 
_pdbx_entity_instance_feature.ordinal        1 
_pdbx_entity_instance_feature.comp_id        7IV 
_pdbx_entity_instance_feature.asym_id        ? 
_pdbx_entity_instance_feature.seq_num        ? 
_pdbx_entity_instance_feature.auth_comp_id   7IV 
_pdbx_entity_instance_feature.auth_asym_id   ? 
_pdbx_entity_instance_feature.auth_seq_num   ? 
_pdbx_entity_instance_feature.feature_type   'SUBJECT OF INVESTIGATION' 
_pdbx_entity_instance_feature.details        ? 
# 
loop_
_pdbx_entity_nonpoly.entity_id 
_pdbx_entity_nonpoly.name 
_pdbx_entity_nonpoly.comp_id 
2 '~{N}-(4-chlorophenyl)-2-phenylmethoxy-ethanamide' 7IV 
3 'CHLORIDE ION'                                     CL  
4 1,2-ETHANEDIOL                                     EDO 
5 water                                              HOH 
# 
_pdbx_initial_refinement_model.id               1 
_pdbx_initial_refinement_model.entity_id_list   ? 
_pdbx_initial_refinement_model.type             'experimental model' 
_pdbx_initial_refinement_model.source_name      PDB 
_pdbx_initial_refinement_model.accession_code   4TMP 
_pdbx_initial_refinement_model.details          ? 
# 
_pdbx_struct_assembly_auth_evidence.id                     1 
_pdbx_struct_assembly_auth_evidence.assembly_id            1 
_pdbx_struct_assembly_auth_evidence.experimental_support   'gel filtration' 
_pdbx_struct_assembly_auth_evidence.details                ? 
# 
